data_3VST
#
_entry.id   3VST
#
_cell.length_a   88.638
_cell.length_b   202.237
_cell.length_c   99.915
_cell.angle_alpha   90.00
_cell.angle_beta   99.19
_cell.angle_gamma   90.00
#
_symmetry.space_group_name_H-M   'P 1 21 1'
#
loop_
_entity.id
_entity.type
_entity.pdbx_description
1 polymer Xylosidase
2 non-polymer 2-AMINO-2-HYDROXYMETHYL-PROPANE-1,3-DIOL
3 water water
#
_entity_poly.entity_id   1
_entity_poly.type   'polypeptide(L)'
_entity_poly.pdbx_seq_one_letter_code
;MEYHVAKTGSDEGKGTLKDPFLTINKAASVAMAGDTIIVHEGVYREWVKPKYKGLSDKRRITYKAAEGEKVVIKGSERIQ
SWQRVEGNVWRCQLPNSFFGEFNPYKEEVFGDWLLTVNEKKHLGDVYLNGMSFYEVTNYEDLFNPQLRTEVLDHWTQKIV
PIKNAEQTKYVWYAEVDREKTTIYANFQGADPNEEFVEINVRRSCFYPVETGIDYITVKGFEMAHAATPWAPPTADQPGL
IGPNWSKGWIIEDNIIHDAKCSAISIGKEATTGNNYRSIRKDKPGYQYQLEAVFNAKRNGWSKEKIGSHIIRNNTIYDCG
QNAIVGHLGGVFSEIYNNHIYNIALKREFYGHEIAGIKLHAAIDVQIHHNRIHDCSLGLWLDWEAQGTRVSKNLFYNNNR
DVFVEVSHGPYLVDHNILSSEYAIDNMSQGGAYINNLIAGKMNQRKVLNRSTQYHLPHSTEVAGFAFVYGGDDRFYNNIF
IGKEGLENVGTSHYNNCTTSLEEYIEKVNEVPGDLGEFERVEQPVYINKNAYFNGAEPFEKEKDNLVKKDFDPKLAIIDE
GDEVYLSLQLPDEFENIVGDIHSTKTLERVRIVDAEYESPDGKELVLDTDYLDAKKPENSSIGPIALLKKGNNYIKVW
;
_entity_poly.pdbx_strand_id   A,B,C,D
#
loop_
_chem_comp.id
_chem_comp.type
_chem_comp.name
_chem_comp.formula
TRS non-polymer 2-AMINO-2-HYDROXYMETHYL-PROPANE-1,3-DIOL 'C4 H12 N O3 1'
#
# COMPACT_ATOMS: atom_id res chain seq x y z
N MET A 1 -18.22 29.82 -13.52
CA MET A 1 -18.33 30.41 -14.88
C MET A 1 -19.12 29.50 -15.83
N GLU A 2 -20.03 30.10 -16.59
CA GLU A 2 -20.84 29.36 -17.55
C GLU A 2 -20.33 29.76 -18.92
N TYR A 3 -19.59 28.86 -19.56
CA TYR A 3 -19.04 29.12 -20.87
C TYR A 3 -20.05 28.71 -21.92
N HIS A 4 -19.99 29.39 -23.08
CA HIS A 4 -20.90 29.09 -24.20
C HIS A 4 -20.11 28.86 -25.45
N VAL A 5 -20.55 27.87 -26.22
CA VAL A 5 -19.91 27.52 -27.47
C VAL A 5 -21.02 27.54 -28.51
N ALA A 6 -20.80 28.20 -29.64
CA ALA A 6 -21.84 28.28 -30.66
C ALA A 6 -21.21 28.44 -32.03
N LYS A 7 -21.93 28.06 -33.08
CA LYS A 7 -21.37 28.13 -34.42
C LYS A 7 -21.16 29.57 -34.93
N THR A 8 -21.72 30.51 -34.20
CA THR A 8 -21.58 31.93 -34.52
C THR A 8 -20.49 32.53 -33.64
N GLY A 9 -19.81 31.69 -32.85
CA GLY A 9 -18.79 32.19 -31.96
C GLY A 9 -17.39 32.35 -32.49
N SER A 10 -16.47 32.60 -31.58
CA SER A 10 -15.07 32.78 -31.93
C SER A 10 -14.20 32.32 -30.76
N ASP A 11 -13.17 31.53 -31.04
CA ASP A 11 -12.28 31.08 -29.97
C ASP A 11 -11.39 32.22 -29.46
N GLU A 12 -11.63 33.42 -29.99
CA GLU A 12 -10.89 34.61 -29.57
C GLU A 12 -11.79 35.39 -28.64
N GLY A 13 -13.05 34.99 -28.54
CA GLY A 13 -13.99 35.68 -27.69
C GLY A 13 -13.83 35.37 -26.21
N LYS A 14 -14.74 35.90 -25.40
CA LYS A 14 -14.70 35.70 -23.96
C LYS A 14 -15.32 34.38 -23.53
N GLY A 15 -16.09 33.76 -24.43
CA GLY A 15 -16.74 32.50 -24.12
C GLY A 15 -18.04 32.71 -23.38
N THR A 16 -18.60 33.92 -23.43
CA THR A 16 -19.86 34.19 -22.75
C THR A 16 -21.05 33.94 -23.67
N LEU A 17 -22.26 34.02 -23.13
CA LEU A 17 -23.47 33.82 -23.92
C LEU A 17 -23.51 34.76 -25.13
N LYS A 18 -23.18 36.03 -24.90
CA LYS A 18 -23.20 37.02 -25.98
C LYS A 18 -21.98 36.95 -26.88
N ASP A 19 -20.86 36.50 -26.32
CA ASP A 19 -19.60 36.37 -27.05
C ASP A 19 -19.04 34.96 -26.82
N PRO A 20 -19.75 33.94 -27.34
CA PRO A 20 -19.37 32.52 -27.21
C PRO A 20 -18.15 32.07 -28.00
N PHE A 21 -17.53 30.99 -27.54
CA PHE A 21 -16.41 30.39 -28.26
C PHE A 21 -17.02 29.69 -29.48
N LEU A 22 -16.15 29.22 -30.37
CA LEU A 22 -16.55 28.53 -31.58
C LEU A 22 -16.34 27.00 -31.45
N THR A 23 -15.30 26.56 -30.75
CA THR A 23 -15.07 25.12 -30.63
C THR A 23 -15.24 24.63 -29.19
N ILE A 24 -15.71 23.40 -29.04
CA ILE A 24 -15.91 22.86 -27.69
C ILE A 24 -14.55 22.67 -27.02
N ASN A 25 -13.53 22.29 -27.80
CA ASN A 25 -12.23 22.08 -27.17
C ASN A 25 -11.65 23.37 -26.62
N LYS A 26 -12.04 24.53 -27.16
CA LYS A 26 -11.58 25.81 -26.59
C LYS A 26 -12.14 25.92 -25.16
N ALA A 27 -13.43 25.65 -25.01
CA ALA A 27 -14.01 25.72 -23.67
C ALA A 27 -13.34 24.66 -22.75
N ALA A 28 -13.06 23.49 -23.29
CA ALA A 28 -12.44 22.40 -22.53
C ALA A 28 -11.05 22.78 -22.07
N SER A 29 -10.44 23.75 -22.75
CA SER A 29 -9.09 24.15 -22.38
C SER A 29 -9.05 25.22 -21.30
N VAL A 30 -10.20 25.83 -20.98
CA VAL A 30 -10.22 26.88 -19.96
C VAL A 30 -11.14 26.61 -18.77
N ALA A 31 -12.11 25.70 -18.91
CA ALA A 31 -13.02 25.44 -17.81
C ALA A 31 -12.33 24.80 -16.62
N MET A 32 -12.76 25.20 -15.43
CA MET A 32 -12.19 24.68 -14.20
C MET A 32 -13.29 24.22 -13.28
N ALA A 33 -12.91 23.55 -12.20
CA ALA A 33 -13.90 23.00 -11.28
C ALA A 33 -15.04 23.95 -10.91
N GLY A 34 -16.27 23.48 -11.10
CA GLY A 34 -17.46 24.27 -10.81
C GLY A 34 -18.07 24.90 -12.07
N ASP A 35 -17.31 24.98 -13.14
CA ASP A 35 -17.80 25.62 -14.38
C ASP A 35 -18.74 24.72 -15.20
N THR A 36 -19.48 25.33 -16.12
CA THR A 36 -20.39 24.62 -17.00
C THR A 36 -20.06 25.09 -18.40
N ILE A 37 -20.18 24.19 -19.37
CA ILE A 37 -19.92 24.51 -20.77
C ILE A 37 -21.21 24.20 -21.49
N ILE A 38 -21.83 25.22 -22.08
CA ILE A 38 -23.09 25.01 -22.78
C ILE A 38 -22.83 25.14 -24.28
N VAL A 39 -23.18 24.08 -25.03
CA VAL A 39 -22.92 24.08 -26.46
C VAL A 39 -24.23 24.22 -27.23
N HIS A 40 -24.25 25.18 -28.17
CA HIS A 40 -25.46 25.43 -28.96
C HIS A 40 -25.49 24.63 -30.25
N GLU A 41 -26.68 24.55 -30.83
CA GLU A 41 -26.92 23.78 -32.04
C GLU A 41 -25.82 23.73 -33.06
N GLY A 42 -25.47 22.54 -33.52
CA GLY A 42 -24.45 22.45 -34.54
C GLY A 42 -23.78 21.09 -34.53
N VAL A 43 -22.94 20.85 -35.54
CA VAL A 43 -22.18 19.62 -35.65
C VAL A 43 -20.73 20.04 -35.43
N TYR A 44 -20.12 19.52 -34.36
CA TYR A 44 -18.74 19.88 -34.01
C TYR A 44 -17.81 18.72 -34.32
N ARG A 45 -16.99 18.88 -35.36
CA ARG A 45 -16.09 17.84 -35.82
C ARG A 45 -14.75 18.03 -35.13
N GLU A 46 -14.69 17.50 -33.92
CA GLU A 46 -13.48 17.66 -33.14
C GLU A 46 -13.46 16.62 -32.02
N TRP A 47 -12.28 16.43 -31.44
CA TRP A 47 -12.11 15.51 -30.30
C TRP A 47 -11.93 16.45 -29.10
N VAL A 48 -12.91 16.45 -28.20
CA VAL A 48 -12.91 17.31 -27.03
C VAL A 48 -12.02 16.65 -25.96
N LYS A 49 -11.08 17.42 -25.42
CA LYS A 49 -10.13 16.90 -24.43
C LYS A 49 -10.16 17.71 -23.16
N PRO A 50 -11.02 17.34 -22.18
CA PRO A 50 -11.12 18.07 -20.90
C PRO A 50 -9.73 18.26 -20.32
N LYS A 51 -9.34 19.50 -20.08
CA LYS A 51 -7.98 19.78 -19.59
C LYS A 51 -7.85 19.79 -18.07
N TYR A 52 -8.81 20.42 -17.41
CA TYR A 52 -8.80 20.49 -15.95
C TYR A 52 -9.87 19.57 -15.38
N LYS A 53 -9.68 19.17 -14.13
CA LYS A 53 -10.62 18.28 -13.51
C LYS A 53 -11.61 18.91 -12.56
N GLY A 54 -12.74 18.22 -12.40
CA GLY A 54 -13.70 18.59 -11.39
C GLY A 54 -13.04 18.13 -10.08
N LEU A 55 -13.47 18.68 -8.95
CA LEU A 55 -12.85 18.34 -7.65
C LEU A 55 -13.74 17.60 -6.67
N SER A 56 -15.03 17.48 -6.96
CA SER A 56 -15.98 16.73 -6.13
C SER A 56 -17.27 16.68 -6.94
N ASP A 57 -18.27 15.96 -6.45
CA ASP A 57 -19.52 15.89 -7.17
C ASP A 57 -20.15 17.28 -7.17
N LYS A 58 -19.94 18.05 -6.10
CA LYS A 58 -20.49 19.41 -6.04
C LYS A 58 -19.72 20.36 -6.96
N ARG A 59 -18.41 20.16 -7.08
CA ARG A 59 -17.58 21.00 -7.90
C ARG A 59 -17.12 20.28 -9.17
N ARG A 60 -18.07 19.84 -9.99
CA ARG A 60 -17.78 19.15 -11.23
C ARG A 60 -17.56 20.18 -12.33
N ILE A 61 -17.21 19.68 -13.50
CA ILE A 61 -17.12 20.50 -14.71
C ILE A 61 -18.17 19.80 -15.59
N THR A 62 -19.20 20.54 -15.99
CA THR A 62 -20.34 20.01 -16.75
C THR A 62 -20.36 20.52 -18.18
N TYR A 63 -20.44 19.59 -19.14
CA TYR A 63 -20.49 19.90 -20.57
C TYR A 63 -21.90 19.47 -20.97
N LYS A 64 -22.69 20.38 -21.51
CA LYS A 64 -24.04 19.97 -21.89
C LYS A 64 -24.54 20.72 -23.13
N ALA A 65 -25.49 20.09 -23.80
CA ALA A 65 -26.11 20.71 -24.96
C ALA A 65 -27.09 21.75 -24.43
N ALA A 66 -27.18 22.88 -25.12
CA ALA A 66 -28.13 23.94 -24.74
C ALA A 66 -29.50 23.28 -24.83
N GLU A 67 -30.38 23.63 -23.91
CA GLU A 67 -31.71 23.04 -23.87
C GLU A 67 -32.44 23.08 -25.20
N GLY A 68 -32.98 21.92 -25.59
CA GLY A 68 -33.72 21.79 -26.84
C GLY A 68 -32.93 22.00 -28.12
N GLU A 69 -31.61 21.98 -28.04
CA GLU A 69 -30.84 22.18 -29.25
C GLU A 69 -30.17 20.87 -29.60
N LYS A 70 -29.97 20.63 -30.89
CA LYS A 70 -29.35 19.41 -31.37
C LYS A 70 -27.86 19.68 -31.55
N VAL A 71 -27.05 19.00 -30.75
CA VAL A 71 -25.62 19.23 -30.77
C VAL A 71 -24.98 17.88 -31.01
N VAL A 72 -24.15 17.82 -32.04
CA VAL A 72 -23.51 16.59 -32.43
C VAL A 72 -21.99 16.74 -32.41
N ILE A 73 -21.29 15.76 -31.84
CA ILE A 73 -19.85 15.74 -31.86
C ILE A 73 -19.51 14.53 -32.72
N LYS A 74 -18.72 14.72 -33.77
CA LYS A 74 -18.33 13.65 -34.67
C LYS A 74 -16.83 13.52 -34.82
N GLY A 75 -16.36 12.30 -35.02
CA GLY A 75 -14.94 12.06 -35.24
C GLY A 75 -14.66 12.03 -36.74
N SER A 76 -15.72 12.18 -37.54
CA SER A 76 -15.58 12.10 -38.99
C SER A 76 -15.50 13.47 -39.69
N GLU A 77 -15.31 13.42 -41.00
CA GLU A 77 -15.33 14.62 -41.84
C GLU A 77 -16.15 14.26 -43.07
N ARG A 78 -16.91 15.22 -43.60
CA ARG A 78 -17.64 14.98 -44.84
C ARG A 78 -16.64 15.13 -45.99
N ILE A 79 -16.70 14.23 -46.96
CA ILE A 79 -15.79 14.28 -48.11
C ILE A 79 -16.59 14.57 -49.38
N GLN A 80 -16.21 15.64 -50.07
CA GLN A 80 -16.88 16.02 -51.31
C GLN A 80 -15.86 16.21 -52.44
N SER A 81 -14.78 15.44 -52.37
CA SER A 81 -13.71 15.50 -53.36
C SER A 81 -13.58 14.14 -54.06
N TRP A 82 -14.66 13.37 -54.06
CA TRP A 82 -14.64 12.06 -54.72
C TRP A 82 -14.58 12.19 -56.24
N GLN A 83 -13.90 11.23 -56.88
CA GLN A 83 -13.79 11.17 -58.35
C GLN A 83 -14.16 9.73 -58.73
N ARG A 84 -15.06 9.57 -59.71
CA ARG A 84 -15.46 8.22 -60.08
C ARG A 84 -14.32 7.53 -60.77
N VAL A 85 -14.14 6.24 -60.48
CA VAL A 85 -13.09 5.48 -61.10
C VAL A 85 -13.69 4.68 -62.23
N GLU A 86 -14.64 3.82 -61.89
CA GLU A 86 -15.28 2.98 -62.89
C GLU A 86 -16.54 2.42 -62.24
N GLY A 87 -17.58 2.22 -63.04
CA GLY A 87 -18.82 1.69 -62.50
C GLY A 87 -19.28 2.55 -61.35
N ASN A 88 -19.57 1.91 -60.21
CA ASN A 88 -20.05 2.63 -59.04
C ASN A 88 -18.99 2.90 -57.97
N VAL A 89 -17.71 2.76 -58.35
CA VAL A 89 -16.61 2.96 -57.43
C VAL A 89 -15.99 4.35 -57.61
N TRP A 90 -15.84 5.05 -56.50
CA TRP A 90 -15.27 6.40 -56.47
C TRP A 90 -14.06 6.40 -55.55
N ARG A 91 -13.25 7.45 -55.68
CA ARG A 91 -12.03 7.55 -54.93
C ARG A 91 -11.76 8.95 -54.43
N CYS A 92 -11.22 9.07 -53.22
CA CYS A 92 -10.79 10.38 -52.76
C CYS A 92 -9.34 10.22 -52.28
N GLN A 93 -8.58 11.31 -52.30
CA GLN A 93 -7.19 11.28 -51.86
C GLN A 93 -6.95 12.42 -50.90
N LEU A 94 -6.33 12.11 -49.78
CA LEU A 94 -6.07 13.12 -48.77
C LEU A 94 -4.61 13.06 -48.35
N PRO A 95 -3.98 14.24 -48.19
CA PRO A 95 -2.58 14.25 -47.76
C PRO A 95 -2.57 13.62 -46.37
N ASN A 96 -1.51 12.91 -46.01
CA ASN A 96 -1.51 12.27 -44.68
C ASN A 96 -1.65 13.27 -43.55
N SER A 97 -1.27 14.53 -43.77
CA SER A 97 -1.40 15.54 -42.71
C SER A 97 -2.87 15.72 -42.27
N PHE A 98 -3.81 15.35 -43.13
CA PHE A 98 -5.23 15.47 -42.81
C PHE A 98 -5.54 14.64 -41.55
N PHE A 99 -4.77 13.57 -41.35
CA PHE A 99 -4.98 12.67 -40.21
C PHE A 99 -3.99 12.88 -39.06
N GLY A 100 -2.83 13.46 -39.36
CA GLY A 100 -1.86 13.71 -38.30
C GLY A 100 -1.26 12.41 -37.78
N GLU A 101 -1.09 12.32 -36.47
CA GLU A 101 -0.48 11.14 -35.85
C GLU A 101 -1.32 9.85 -35.91
N PHE A 102 -2.64 9.99 -35.92
CA PHE A 102 -3.52 8.83 -35.97
C PHE A 102 -4.27 8.74 -37.31
N ASN A 103 -3.94 7.73 -38.11
CA ASN A 103 -4.60 7.60 -39.42
C ASN A 103 -5.38 6.29 -39.37
N PRO A 104 -6.72 6.36 -39.29
CA PRO A 104 -7.58 5.17 -39.23
C PRO A 104 -7.35 4.18 -40.37
N TYR A 105 -6.87 4.67 -41.51
CA TYR A 105 -6.67 3.79 -42.67
C TYR A 105 -5.36 3.03 -42.64
N LYS A 106 -4.52 3.41 -41.70
CA LYS A 106 -3.23 2.73 -41.49
C LYS A 106 -3.36 1.83 -40.24
N GLU A 107 -4.06 2.34 -39.22
CA GLU A 107 -4.26 1.60 -37.97
C GLU A 107 -5.12 0.36 -38.15
N GLU A 108 -4.65 -0.78 -37.66
CA GLU A 108 -5.41 -2.01 -37.78
C GLU A 108 -6.19 -2.34 -36.51
N VAL A 109 -7.19 -3.21 -36.68
CA VAL A 109 -7.93 -3.76 -35.54
C VAL A 109 -6.84 -4.77 -35.15
N PHE A 110 -6.36 -4.67 -33.91
CA PHE A 110 -5.22 -5.48 -33.49
C PHE A 110 -5.16 -5.70 -32.00
N GLY A 111 -4.63 -6.86 -31.61
CA GLY A 111 -4.40 -7.06 -30.18
C GLY A 111 -4.81 -8.35 -29.58
N ASP A 112 -4.56 -8.45 -28.28
CA ASP A 112 -4.91 -9.65 -27.56
C ASP A 112 -6.37 -10.07 -27.75
N TRP A 113 -6.54 -11.37 -27.98
CA TRP A 113 -7.83 -12.06 -28.14
C TRP A 113 -8.61 -11.69 -29.39
N LEU A 114 -7.97 -10.99 -30.31
CA LEU A 114 -8.63 -10.72 -31.62
C LEU A 114 -8.45 -12.08 -32.31
N LEU A 115 -9.53 -12.70 -32.76
CA LEU A 115 -9.42 -14.02 -33.38
C LEU A 115 -9.36 -14.04 -34.90
N THR A 116 -9.91 -13.02 -35.55
CA THR A 116 -9.93 -12.96 -37.01
C THR A 116 -8.66 -12.34 -37.56
N VAL A 117 -7.53 -12.97 -37.29
CA VAL A 117 -6.23 -12.45 -37.72
C VAL A 117 -5.81 -12.64 -39.18
N ASN A 118 -6.52 -13.49 -39.93
CA ASN A 118 -6.20 -13.74 -41.33
C ASN A 118 -6.80 -12.69 -42.23
N GLU A 119 -7.87 -12.07 -41.78
CA GLU A 119 -8.54 -11.05 -42.56
C GLU A 119 -8.35 -9.72 -41.84
N LYS A 120 -7.28 -9.00 -42.19
CA LYS A 120 -6.97 -7.71 -41.57
C LYS A 120 -8.04 -6.67 -41.79
N LYS A 121 -8.34 -5.90 -40.75
CA LYS A 121 -9.32 -4.82 -40.83
C LYS A 121 -8.67 -3.56 -40.24
N HIS A 122 -9.15 -2.39 -40.65
CA HIS A 122 -8.61 -1.13 -40.19
C HIS A 122 -9.65 -0.33 -39.43
N LEU A 123 -9.23 0.77 -38.81
CA LEU A 123 -10.15 1.50 -37.99
C LEU A 123 -10.97 2.57 -38.74
N GLY A 124 -10.74 2.68 -40.04
CA GLY A 124 -11.50 3.65 -40.83
C GLY A 124 -12.92 3.18 -41.11
N ASP A 125 -13.71 4.03 -41.76
CA ASP A 125 -15.09 3.66 -42.10
C ASP A 125 -15.56 4.72 -43.09
N VAL A 126 -16.57 4.37 -43.89
CA VAL A 126 -17.15 5.30 -44.86
C VAL A 126 -18.65 5.23 -44.58
N TYR A 127 -19.33 6.38 -44.66
CA TYR A 127 -20.77 6.42 -44.39
C TYR A 127 -21.46 7.12 -45.55
N LEU A 128 -22.65 6.64 -45.91
CA LEU A 128 -23.45 7.26 -47.00
C LEU A 128 -24.74 7.61 -46.30
N ASN A 129 -25.01 8.89 -46.13
CA ASN A 129 -26.19 9.37 -45.43
C ASN A 129 -26.36 8.65 -44.08
N GLY A 130 -25.24 8.53 -43.36
CA GLY A 130 -25.25 7.92 -42.03
C GLY A 130 -25.07 6.41 -41.94
N MET A 131 -25.15 5.71 -43.07
CA MET A 131 -24.99 4.26 -43.07
C MET A 131 -23.54 3.83 -43.30
N SER A 132 -22.97 3.10 -42.36
CA SER A 132 -21.58 2.65 -42.53
C SER A 132 -21.43 1.53 -43.55
N PHE A 133 -20.19 1.38 -44.03
CA PHE A 133 -19.86 0.43 -45.07
C PHE A 133 -19.10 -0.76 -44.52
N TYR A 134 -18.86 -1.74 -45.39
CA TYR A 134 -18.06 -2.92 -45.07
C TYR A 134 -16.70 -2.79 -45.74
N GLU A 135 -15.63 -3.00 -44.97
CA GLU A 135 -14.29 -2.96 -45.55
C GLU A 135 -14.05 -4.22 -46.40
N VAL A 136 -13.32 -4.09 -47.51
CA VAL A 136 -12.94 -5.23 -48.32
C VAL A 136 -11.42 -5.24 -48.42
N THR A 137 -10.88 -6.44 -48.65
CA THR A 137 -9.44 -6.62 -48.61
C THR A 137 -8.60 -6.16 -49.76
N ASN A 138 -9.11 -6.36 -50.98
CA ASN A 138 -8.37 -5.99 -52.18
C ASN A 138 -9.13 -4.99 -53.06
N TYR A 139 -8.37 -4.24 -53.83
CA TYR A 139 -8.93 -3.27 -54.77
C TYR A 139 -10.03 -3.91 -55.62
N GLU A 140 -9.76 -5.09 -56.18
CA GLU A 140 -10.75 -5.77 -57.03
C GLU A 140 -12.10 -6.09 -56.37
N ASP A 141 -12.11 -6.21 -55.04
CA ASP A 141 -13.34 -6.55 -54.30
C ASP A 141 -14.34 -5.39 -54.27
N LEU A 142 -13.91 -4.21 -54.70
CA LEU A 142 -14.78 -3.04 -54.69
C LEU A 142 -15.88 -3.05 -55.77
N PHE A 143 -15.56 -3.64 -56.91
CA PHE A 143 -16.46 -3.52 -58.05
C PHE A 143 -17.78 -4.22 -58.17
N ASN A 144 -17.84 -5.51 -57.86
CA ASN A 144 -19.11 -6.22 -57.93
C ASN A 144 -19.33 -6.90 -56.58
N PRO A 145 -19.46 -6.10 -55.50
CA PRO A 145 -19.67 -6.70 -54.18
C PRO A 145 -20.95 -7.51 -54.12
N GLN A 146 -20.92 -8.61 -53.36
CA GLN A 146 -22.09 -9.47 -53.27
C GLN A 146 -23.01 -9.20 -52.09
N LEU A 147 -24.30 -9.17 -52.36
CA LEU A 147 -25.29 -8.96 -51.31
C LEU A 147 -25.29 -10.22 -50.45
N ARG A 148 -25.20 -10.06 -49.13
CA ARG A 148 -25.23 -11.21 -48.23
C ARG A 148 -26.46 -11.03 -47.36
N THR A 149 -27.21 -12.11 -47.12
CA THR A 149 -28.42 -12.02 -46.33
C THR A 149 -28.32 -12.84 -45.04
N GLU A 150 -27.25 -13.59 -44.88
CA GLU A 150 -27.09 -14.36 -43.63
C GLU A 150 -25.62 -14.43 -43.26
N VAL A 151 -25.35 -14.67 -41.98
CA VAL A 151 -23.96 -14.70 -41.51
C VAL A 151 -23.83 -15.71 -40.36
N LEU A 152 -22.62 -16.22 -40.15
CA LEU A 152 -22.40 -17.17 -39.08
C LEU A 152 -22.08 -16.42 -37.78
N ASP A 153 -22.85 -16.67 -36.72
CA ASP A 153 -22.55 -16.03 -35.43
C ASP A 153 -21.37 -16.87 -34.92
N HIS A 154 -20.22 -16.25 -34.71
CA HIS A 154 -19.05 -17.01 -34.31
C HIS A 154 -19.18 -17.91 -33.09
N TRP A 155 -19.66 -17.37 -31.98
CA TRP A 155 -19.73 -18.21 -30.77
C TRP A 155 -20.71 -19.39 -30.86
N THR A 156 -21.92 -19.11 -31.30
CA THR A 156 -22.93 -20.16 -31.36
C THR A 156 -22.80 -21.05 -32.59
N GLN A 157 -22.02 -20.60 -33.59
CA GLN A 157 -21.85 -21.35 -34.84
C GLN A 157 -23.21 -21.61 -35.51
N LYS A 158 -24.10 -20.64 -35.37
CA LYS A 158 -25.43 -20.73 -35.98
C LYS A 158 -25.48 -19.70 -37.09
N ILE A 159 -26.08 -20.07 -38.23
CA ILE A 159 -26.25 -19.15 -39.36
C ILE A 159 -27.47 -18.31 -39.03
N VAL A 160 -27.31 -16.99 -38.99
CA VAL A 160 -28.41 -16.10 -38.68
C VAL A 160 -28.60 -15.03 -39.74
N PRO A 161 -29.79 -14.41 -39.79
CA PRO A 161 -30.07 -13.35 -40.78
C PRO A 161 -29.26 -12.11 -40.52
N ILE A 162 -28.89 -11.42 -41.60
CA ILE A 162 -28.18 -10.16 -41.51
C ILE A 162 -29.31 -9.15 -41.50
N LYS A 163 -29.39 -8.38 -40.43
CA LYS A 163 -30.42 -7.38 -40.24
C LYS A 163 -30.56 -6.43 -41.43
N ASN A 164 -29.49 -5.74 -41.74
CA ASN A 164 -29.50 -4.78 -42.83
C ASN A 164 -28.75 -5.40 -44.01
N ALA A 165 -29.42 -6.24 -44.78
CA ALA A 165 -28.77 -6.91 -45.90
C ALA A 165 -28.27 -5.96 -46.98
N GLU A 166 -29.05 -4.93 -47.27
CA GLU A 166 -28.66 -3.99 -48.34
C GLU A 166 -27.30 -3.33 -48.05
N GLN A 167 -26.99 -3.15 -46.77
CA GLN A 167 -25.73 -2.52 -46.38
C GLN A 167 -24.52 -3.34 -46.85
N THR A 168 -24.68 -4.66 -47.02
CA THR A 168 -23.55 -5.48 -47.40
C THR A 168 -22.98 -5.19 -48.77
N LYS A 169 -23.72 -4.44 -49.61
CA LYS A 169 -23.23 -4.11 -50.96
C LYS A 169 -22.39 -2.84 -50.98
N TYR A 170 -22.30 -2.15 -49.84
CA TYR A 170 -21.57 -0.90 -49.77
C TYR A 170 -20.23 -1.18 -49.10
N VAL A 171 -19.18 -1.11 -49.91
CA VAL A 171 -17.84 -1.47 -49.46
C VAL A 171 -16.79 -0.40 -49.69
N TRP A 172 -15.71 -0.46 -48.92
CA TRP A 172 -14.63 0.51 -49.04
C TRP A 172 -13.30 -0.21 -48.88
N TYR A 173 -12.27 0.39 -49.45
CA TYR A 173 -10.92 -0.14 -49.41
C TYR A 173 -9.98 1.09 -49.47
N ALA A 174 -8.89 1.07 -48.70
CA ALA A 174 -7.97 2.20 -48.70
C ALA A 174 -6.52 1.80 -48.86
N GLU A 175 -5.74 2.78 -49.30
CA GLU A 175 -4.30 2.60 -49.50
C GLU A 175 -3.58 3.80 -48.91
N VAL A 176 -2.66 3.54 -47.99
CA VAL A 176 -1.92 4.62 -47.40
C VAL A 176 -0.47 4.53 -47.86
N ASP A 177 0.04 5.62 -48.44
CA ASP A 177 1.44 5.64 -48.87
C ASP A 177 2.21 6.70 -48.08
N ARG A 178 3.44 6.97 -48.49
CA ARG A 178 4.27 7.94 -47.76
C ARG A 178 3.72 9.36 -47.69
N GLU A 179 2.94 9.75 -48.68
CA GLU A 179 2.42 11.10 -48.70
C GLU A 179 0.95 11.25 -48.51
N LYS A 180 0.18 10.28 -48.97
CA LYS A 180 -1.26 10.41 -48.88
C LYS A 180 -2.02 9.11 -48.65
N THR A 181 -3.31 9.30 -48.37
CA THR A 181 -4.25 8.21 -48.12
C THR A 181 -5.29 8.24 -49.23
N THR A 182 -5.48 7.11 -49.91
CA THR A 182 -6.46 7.01 -50.97
C THR A 182 -7.57 6.06 -50.55
N ILE A 183 -8.80 6.56 -50.52
CA ILE A 183 -9.94 5.74 -50.11
C ILE A 183 -10.89 5.53 -51.27
N TYR A 184 -11.21 4.27 -51.55
CA TYR A 184 -12.14 3.90 -52.58
C TYR A 184 -13.40 3.35 -51.94
N ALA A 185 -14.54 3.51 -52.60
CA ALA A 185 -15.76 2.95 -52.04
C ALA A 185 -16.78 2.79 -53.15
N ASN A 186 -17.61 1.78 -53.04
CA ASN A 186 -18.65 1.55 -54.01
C ASN A 186 -19.95 2.16 -53.47
N PHE A 187 -20.46 3.19 -54.16
CA PHE A 187 -21.67 3.88 -53.71
C PHE A 187 -22.97 3.40 -54.40
N GLN A 188 -22.85 2.29 -55.11
CA GLN A 188 -23.98 1.63 -55.73
C GLN A 188 -24.91 2.53 -56.57
N GLY A 189 -24.34 3.54 -57.21
CA GLY A 189 -25.17 4.38 -58.06
C GLY A 189 -25.39 5.81 -57.59
N ALA A 190 -25.16 6.05 -56.31
CA ALA A 190 -25.32 7.39 -55.76
C ALA A 190 -24.07 8.23 -56.07
N ASP A 191 -24.23 9.55 -56.08
CA ASP A 191 -23.09 10.45 -56.32
C ASP A 191 -22.64 10.83 -54.91
N PRO A 192 -21.45 10.37 -54.48
CA PRO A 192 -20.96 10.68 -53.11
C PRO A 192 -20.70 12.13 -52.78
N ASN A 193 -20.53 12.96 -53.81
CA ASN A 193 -20.33 14.37 -53.59
C ASN A 193 -21.65 15.08 -53.35
N GLU A 194 -22.73 14.54 -53.93
CA GLU A 194 -24.06 15.12 -53.79
C GLU A 194 -24.73 14.58 -52.51
N GLU A 195 -24.60 13.28 -52.28
CA GLU A 195 -25.13 12.73 -51.03
C GLU A 195 -24.22 13.20 -49.87
N PHE A 196 -24.58 12.79 -48.65
CA PHE A 196 -23.82 13.19 -47.46
C PHE A 196 -22.92 12.02 -47.11
N VAL A 197 -21.66 12.10 -47.55
CA VAL A 197 -20.69 11.05 -47.33
C VAL A 197 -19.60 11.50 -46.38
N GLU A 198 -19.37 10.66 -45.37
CA GLU A 198 -18.39 10.94 -44.34
C GLU A 198 -17.38 9.81 -44.20
N ILE A 199 -16.22 10.11 -43.62
CA ILE A 199 -15.25 9.04 -43.38
C ILE A 199 -14.73 9.20 -41.95
N ASN A 200 -14.31 8.11 -41.34
CA ASN A 200 -13.70 8.22 -40.01
C ASN A 200 -12.40 8.99 -40.15
N VAL A 201 -12.11 9.82 -39.15
CA VAL A 201 -10.86 10.58 -39.13
C VAL A 201 -10.20 10.56 -37.74
N ARG A 202 -10.96 10.89 -36.68
CA ARG A 202 -10.35 10.94 -35.34
C ARG A 202 -10.67 9.70 -34.50
N ARG A 203 -9.81 9.42 -33.53
CA ARG A 203 -9.97 8.22 -32.73
C ARG A 203 -11.12 8.32 -31.75
N SER A 204 -11.25 9.47 -31.10
CA SER A 204 -12.28 9.63 -30.07
C SER A 204 -13.03 10.92 -30.26
N CYS A 205 -14.15 11.07 -29.55
CA CYS A 205 -14.94 12.31 -29.57
C CYS A 205 -14.84 13.12 -28.27
N PHE A 206 -14.81 12.47 -27.11
CA PHE A 206 -14.79 13.21 -25.84
C PHE A 206 -14.00 12.32 -24.89
N TYR A 207 -12.73 12.62 -24.71
CA TYR A 207 -11.89 11.71 -23.95
C TYR A 207 -10.62 12.49 -23.55
N PRO A 208 -10.31 12.53 -22.24
CA PRO A 208 -9.11 13.27 -21.82
C PRO A 208 -7.83 12.62 -22.31
N VAL A 209 -6.77 13.42 -22.49
CA VAL A 209 -5.51 12.84 -22.92
C VAL A 209 -4.57 12.70 -21.73
N GLU A 210 -5.04 13.04 -20.54
CA GLU A 210 -4.26 12.82 -19.31
C GLU A 210 -5.18 11.98 -18.46
N THR A 211 -4.63 11.17 -17.56
CA THR A 211 -5.50 10.41 -16.67
C THR A 211 -5.87 11.30 -15.48
N GLY A 212 -6.76 10.86 -14.61
CA GLY A 212 -7.10 11.67 -13.45
C GLY A 212 -7.99 12.91 -13.62
N ILE A 213 -8.57 13.08 -14.80
CA ILE A 213 -9.45 14.25 -14.99
C ILE A 213 -10.82 13.85 -14.47
N ASP A 214 -10.97 13.91 -13.15
CA ASP A 214 -12.19 13.52 -12.47
C ASP A 214 -13.40 14.44 -12.59
N TYR A 215 -14.52 13.88 -12.15
CA TYR A 215 -15.73 14.65 -11.97
C TYR A 215 -16.17 15.55 -13.11
N ILE A 216 -16.32 14.92 -14.27
CA ILE A 216 -16.81 15.57 -15.46
C ILE A 216 -18.22 15.02 -15.72
N THR A 217 -19.17 15.89 -16.08
CA THR A 217 -20.52 15.42 -16.47
C THR A 217 -20.63 15.77 -17.96
N VAL A 218 -21.14 14.83 -18.77
CA VAL A 218 -21.27 15.07 -20.21
C VAL A 218 -22.72 14.70 -20.51
N LYS A 219 -23.51 15.67 -20.95
CA LYS A 219 -24.90 15.35 -21.15
C LYS A 219 -25.62 16.01 -22.31
N GLY A 220 -26.55 15.27 -22.90
CA GLY A 220 -27.39 15.80 -23.96
C GLY A 220 -26.88 15.84 -25.39
N PHE A 221 -25.74 15.20 -25.65
CA PHE A 221 -25.14 15.23 -26.98
C PHE A 221 -25.43 14.02 -27.83
N GLU A 222 -25.28 14.18 -29.15
CA GLU A 222 -25.30 13.01 -29.99
C GLU A 222 -23.79 12.95 -30.31
N MET A 223 -23.17 11.77 -30.30
CA MET A 223 -21.74 11.66 -30.64
C MET A 223 -21.58 10.46 -31.54
N ALA A 224 -20.77 10.60 -32.57
CA ALA A 224 -20.67 9.52 -33.50
C ALA A 224 -19.39 9.48 -34.32
N HIS A 225 -19.16 8.33 -34.96
CA HIS A 225 -18.06 8.14 -35.88
C HIS A 225 -16.68 8.24 -35.26
N ALA A 226 -16.31 7.29 -34.42
CA ALA A 226 -15.00 7.34 -33.80
C ALA A 226 -14.22 6.08 -34.22
N ALA A 227 -12.98 6.28 -34.65
CA ALA A 227 -12.14 5.16 -35.11
C ALA A 227 -11.47 4.56 -33.89
N THR A 228 -12.26 3.97 -32.98
CA THR A 228 -11.68 3.39 -31.75
C THR A 228 -11.02 2.04 -32.01
N PRO A 229 -9.89 1.77 -31.32
CA PRO A 229 -9.13 0.51 -31.47
C PRO A 229 -9.65 -0.64 -30.65
N TRP A 230 -9.20 -1.84 -30.99
CA TRP A 230 -9.60 -3.07 -30.28
C TRP A 230 -9.17 -2.83 -28.83
N ALA A 231 -10.06 -3.16 -27.90
CA ALA A 231 -9.79 -2.82 -26.51
C ALA A 231 -9.89 -3.98 -25.50
N PRO A 232 -8.88 -4.87 -25.49
CA PRO A 232 -8.86 -6.02 -24.57
C PRO A 232 -8.43 -5.50 -23.18
N PRO A 233 -8.60 -6.32 -22.14
CA PRO A 233 -8.27 -5.93 -20.77
C PRO A 233 -6.78 -5.77 -20.48
N THR A 234 -5.95 -6.23 -21.42
CA THR A 234 -4.50 -6.19 -21.27
C THR A 234 -3.84 -5.06 -22.06
N ALA A 235 -4.65 -4.11 -22.56
CA ALA A 235 -4.15 -2.98 -23.34
C ALA A 235 -4.79 -1.69 -22.85
N ASP A 236 -4.33 -0.58 -23.42
CA ASP A 236 -4.97 0.72 -23.17
C ASP A 236 -6.41 0.47 -23.72
N GLN A 237 -7.42 1.10 -23.16
CA GLN A 237 -8.78 0.88 -23.66
C GLN A 237 -9.49 2.19 -23.99
N PRO A 238 -9.03 2.86 -25.05
CA PRO A 238 -9.69 4.13 -25.45
C PRO A 238 -11.09 3.84 -26.02
N GLY A 239 -11.99 4.81 -25.94
CA GLY A 239 -13.31 4.60 -26.53
C GLY A 239 -13.69 5.91 -27.22
N LEU A 240 -14.93 6.01 -27.68
CA LEU A 240 -15.42 7.23 -28.31
C LEU A 240 -15.54 8.29 -27.25
N ILE A 241 -15.96 7.88 -26.05
CA ILE A 241 -16.06 8.77 -24.92
C ILE A 241 -15.69 7.94 -23.68
N GLY A 242 -15.02 8.55 -22.72
CA GLY A 242 -14.65 7.79 -21.53
C GLY A 242 -13.86 8.68 -20.59
N PRO A 243 -13.77 8.29 -19.33
CA PRO A 243 -13.05 9.09 -18.32
C PRO A 243 -11.55 8.96 -18.29
N ASN A 244 -11.03 7.97 -19.01
CA ASN A 244 -9.58 7.71 -19.06
C ASN A 244 -8.90 7.61 -17.68
N TRP A 245 -9.32 6.63 -16.89
CA TRP A 245 -8.66 6.35 -15.60
C TRP A 245 -8.82 7.50 -14.63
N SER A 246 -10.03 7.69 -14.15
CA SER A 246 -10.34 8.77 -13.22
C SER A 246 -11.58 8.38 -12.43
N LYS A 247 -12.15 9.31 -11.68
CA LYS A 247 -13.31 9.00 -10.87
C LYS A 247 -14.45 9.99 -11.02
N GLY A 248 -15.66 9.50 -10.82
CA GLY A 248 -16.81 10.39 -10.78
C GLY A 248 -17.45 11.03 -11.97
N TRP A 249 -17.30 10.43 -13.13
CA TRP A 249 -17.95 11.00 -14.31
C TRP A 249 -19.43 10.65 -14.33
N ILE A 250 -20.23 11.48 -14.99
CA ILE A 250 -21.65 11.18 -15.19
C ILE A 250 -21.81 11.38 -16.70
N ILE A 251 -22.10 10.30 -17.44
CA ILE A 251 -22.29 10.35 -18.90
C ILE A 251 -23.80 10.04 -19.02
N GLU A 252 -24.58 11.05 -19.38
CA GLU A 252 -26.02 10.86 -19.40
C GLU A 252 -26.75 11.55 -20.54
N ASP A 253 -27.90 10.99 -20.91
CA ASP A 253 -28.75 11.59 -21.93
C ASP A 253 -28.07 11.81 -23.27
N ASN A 254 -27.18 10.90 -23.66
CA ASN A 254 -26.50 11.06 -24.93
C ASN A 254 -26.95 9.97 -25.93
N ILE A 255 -26.76 10.23 -27.22
CA ILE A 255 -27.05 9.24 -28.26
C ILE A 255 -25.67 9.04 -28.87
N ILE A 256 -25.18 7.82 -28.77
CA ILE A 256 -23.82 7.50 -29.20
C ILE A 256 -23.83 6.36 -30.18
N HIS A 257 -23.18 6.53 -31.32
CA HIS A 257 -23.16 5.45 -32.30
C HIS A 257 -21.96 5.46 -33.24
N ASP A 258 -21.77 4.33 -33.90
CA ASP A 258 -20.71 4.19 -34.87
C ASP A 258 -19.29 4.37 -34.33
N ALA A 259 -19.01 3.71 -33.21
CA ALA A 259 -17.64 3.64 -32.70
C ALA A 259 -17.16 2.36 -33.37
N LYS A 260 -15.96 2.42 -33.96
CA LYS A 260 -15.43 1.26 -34.67
C LYS A 260 -15.42 0.04 -33.74
N CYS A 261 -14.84 0.25 -32.57
CA CYS A 261 -14.79 -0.83 -31.58
C CYS A 261 -15.70 -0.49 -30.39
N SER A 262 -15.17 0.09 -29.31
CA SER A 262 -15.99 0.40 -28.14
C SER A 262 -16.42 1.84 -28.09
N ALA A 263 -17.67 2.09 -27.72
CA ALA A 263 -18.19 3.46 -27.64
C ALA A 263 -17.82 4.09 -26.27
N ILE A 264 -18.46 3.68 -25.18
CA ILE A 264 -18.12 4.30 -23.89
C ILE A 264 -17.12 3.39 -23.19
N SER A 265 -15.94 3.91 -22.84
CA SER A 265 -14.98 3.08 -22.14
C SER A 265 -14.79 3.56 -20.72
N ILE A 266 -14.90 2.64 -19.74
CA ILE A 266 -14.55 2.97 -18.36
C ILE A 266 -13.46 1.94 -18.03
N GLY A 267 -12.51 1.82 -18.97
CA GLY A 267 -11.42 0.87 -18.88
C GLY A 267 -10.12 1.38 -18.29
N LYS A 268 -9.05 0.69 -18.65
CA LYS A 268 -7.73 1.02 -18.11
C LYS A 268 -6.87 1.75 -19.11
N GLU A 269 -5.70 2.20 -18.67
CA GLU A 269 -4.77 2.92 -19.55
C GLU A 269 -3.53 2.07 -19.87
N ALA A 270 -2.66 2.56 -20.74
CA ALA A 270 -1.52 1.77 -21.17
C ALA A 270 -0.45 1.34 -20.19
N THR A 271 -0.16 2.18 -19.20
CA THR A 271 1.01 1.86 -18.38
C THR A 271 0.92 0.58 -17.58
N THR A 272 -0.29 0.12 -17.30
CA THR A 272 -0.43 -1.10 -16.53
C THR A 272 -0.40 -2.35 -17.41
N GLY A 273 -0.20 -2.20 -18.73
CA GLY A 273 -0.12 -3.37 -19.60
C GLY A 273 -0.62 -2.98 -20.98
N ASN A 274 0.12 -3.34 -22.03
CA ASN A 274 -0.34 -2.92 -23.35
C ASN A 274 -0.07 -3.98 -24.42
N ASN A 275 -0.98 -4.96 -24.50
CA ASN A 275 -0.90 -6.06 -25.48
C ASN A 275 0.45 -6.80 -25.39
N TYR A 276 0.96 -7.03 -24.19
CA TYR A 276 2.24 -7.71 -24.13
C TYR A 276 2.20 -9.10 -24.75
N ARG A 277 1.11 -9.83 -24.61
CA ARG A 277 1.09 -11.16 -25.22
C ARG A 277 1.27 -11.05 -26.73
N SER A 278 0.56 -10.09 -27.34
CA SER A 278 0.63 -9.97 -28.81
C SER A 278 1.95 -9.40 -29.32
N ILE A 279 2.57 -8.56 -28.51
CA ILE A 279 3.82 -7.91 -28.89
C ILE A 279 5.07 -8.70 -28.47
N ARG A 280 5.11 -9.14 -27.21
CA ARG A 280 6.28 -9.88 -26.71
C ARG A 280 6.19 -11.38 -27.00
N LYS A 281 4.97 -11.91 -26.94
CA LYS A 281 4.67 -13.31 -27.28
C LYS A 281 5.30 -14.38 -26.41
N ASP A 282 5.75 -13.98 -25.20
CA ASP A 282 6.40 -14.93 -24.30
C ASP A 282 5.45 -15.56 -23.28
N LYS A 283 4.34 -14.90 -23.00
CA LYS A 283 3.35 -15.35 -22.03
C LYS A 283 1.98 -15.03 -22.59
N PRO A 284 0.96 -15.80 -22.19
CA PRO A 284 -0.40 -15.57 -22.68
C PRO A 284 -1.05 -14.34 -22.05
N GLY A 285 -2.08 -13.83 -22.70
CA GLY A 285 -2.80 -12.69 -22.17
C GLY A 285 -3.37 -13.04 -20.79
N TYR A 286 -3.70 -14.32 -20.58
CA TYR A 286 -4.21 -14.74 -19.26
C TYR A 286 -3.21 -14.30 -18.18
N GLN A 287 -1.94 -14.57 -18.43
CA GLN A 287 -0.88 -14.28 -17.47
C GLN A 287 -0.67 -12.77 -17.34
N TYR A 288 -0.71 -12.07 -18.47
CA TYR A 288 -0.55 -10.62 -18.45
C TYR A 288 -1.75 -9.88 -17.83
N GLN A 289 -2.96 -10.44 -17.92
CA GLN A 289 -4.11 -9.77 -17.32
C GLN A 289 -4.03 -9.84 -15.78
N LEU A 290 -3.68 -10.99 -15.22
CA LEU A 290 -3.62 -11.04 -13.75
C LEU A 290 -2.49 -10.12 -13.25
N GLU A 291 -1.44 -9.95 -14.06
CA GLU A 291 -0.37 -9.03 -13.66
C GLU A 291 -0.85 -7.59 -13.72
N ALA A 292 -1.63 -7.24 -14.75
CA ALA A 292 -2.15 -5.86 -14.87
C ALA A 292 -2.95 -5.42 -13.63
N VAL A 293 -3.69 -6.33 -13.02
CA VAL A 293 -4.45 -6.04 -11.79
C VAL A 293 -3.49 -5.57 -10.69
N PHE A 294 -2.38 -6.29 -10.49
CA PHE A 294 -1.42 -5.88 -9.47
C PHE A 294 -0.70 -4.60 -9.90
N ASN A 295 -0.39 -4.45 -11.20
CA ASN A 295 0.25 -3.21 -11.66
C ASN A 295 -0.67 -2.02 -11.32
N ALA A 296 -1.98 -2.17 -11.57
CA ALA A 296 -2.91 -1.08 -11.31
C ALA A 296 -3.04 -0.78 -9.81
N LYS A 297 -3.05 -1.82 -8.98
CA LYS A 297 -3.13 -1.60 -7.53
C LYS A 297 -1.93 -0.76 -7.09
N ARG A 298 -0.76 -1.03 -7.67
CA ARG A 298 0.41 -0.24 -7.29
C ARG A 298 0.29 1.19 -7.74
N ASN A 299 -0.49 1.41 -8.81
CA ASN A 299 -0.74 2.75 -9.33
C ASN A 299 -1.98 3.41 -8.72
N GLY A 300 -2.43 2.93 -7.58
CA GLY A 300 -3.54 3.60 -6.92
C GLY A 300 -4.96 3.16 -7.25
N TRP A 301 -5.11 2.12 -8.05
CA TRP A 301 -6.44 1.61 -8.37
C TRP A 301 -7.17 1.26 -7.06
N SER A 302 -8.15 2.08 -6.72
CA SER A 302 -8.90 1.92 -5.45
C SER A 302 -10.13 2.80 -5.54
N LYS A 303 -11.07 2.61 -4.64
CA LYS A 303 -12.28 3.43 -4.68
C LYS A 303 -11.95 4.93 -4.51
N GLU A 304 -10.89 5.22 -3.75
CA GLU A 304 -10.54 6.62 -3.56
C GLU A 304 -10.14 7.34 -4.86
N LYS A 305 -9.62 6.61 -5.84
CA LYS A 305 -9.09 7.27 -7.03
C LYS A 305 -9.71 6.95 -8.38
N ILE A 306 -10.30 5.77 -8.48
CA ILE A 306 -10.78 5.28 -9.78
C ILE A 306 -12.21 4.75 -9.73
N GLY A 307 -12.99 5.09 -10.76
CA GLY A 307 -14.33 4.55 -10.87
C GLY A 307 -15.46 5.40 -10.36
N SER A 308 -16.47 4.75 -9.79
CA SER A 308 -17.64 5.45 -9.28
C SER A 308 -18.24 6.36 -10.38
N HIS A 309 -18.29 5.85 -11.61
CA HIS A 309 -18.86 6.61 -12.71
C HIS A 309 -20.33 6.24 -12.84
N ILE A 310 -21.09 7.11 -13.49
CA ILE A 310 -22.50 6.82 -13.69
C ILE A 310 -22.76 6.94 -15.17
N ILE A 311 -23.33 5.91 -15.80
CA ILE A 311 -23.63 5.97 -17.25
C ILE A 311 -25.15 5.74 -17.26
N ARG A 312 -25.93 6.76 -17.58
CA ARG A 312 -27.39 6.59 -17.51
C ARG A 312 -28.19 7.33 -18.58
N ASN A 313 -29.30 6.74 -18.97
CA ASN A 313 -30.18 7.40 -19.95
C ASN A 313 -29.56 7.70 -21.30
N ASN A 314 -28.67 6.83 -21.75
CA ASN A 314 -28.07 7.01 -23.07
C ASN A 314 -28.63 5.94 -24.01
N THR A 315 -28.47 6.17 -25.31
CA THR A 315 -28.84 5.22 -26.34
C THR A 315 -27.54 5.02 -27.07
N ILE A 316 -27.12 3.76 -27.20
CA ILE A 316 -25.81 3.45 -27.78
C ILE A 316 -25.98 2.32 -28.74
N TYR A 317 -25.53 2.51 -29.99
CA TYR A 317 -25.77 1.48 -30.97
C TYR A 317 -24.81 1.52 -32.14
N ASP A 318 -24.81 0.44 -32.91
CA ASP A 318 -23.97 0.34 -34.11
C ASP A 318 -22.48 0.53 -33.78
N CYS A 319 -21.95 -0.30 -32.88
CA CYS A 319 -20.52 -0.27 -32.54
C CYS A 319 -19.99 -1.65 -32.84
N GLY A 320 -18.70 -1.74 -33.18
CA GLY A 320 -18.14 -3.04 -33.55
C GLY A 320 -17.68 -3.95 -32.42
N GLN A 321 -17.40 -3.38 -31.26
CA GLN A 321 -16.92 -4.20 -30.15
C GLN A 321 -17.88 -4.15 -28.96
N ASN A 322 -18.15 -2.95 -28.44
CA ASN A 322 -19.06 -2.82 -27.29
C ASN A 322 -19.75 -1.47 -27.26
N ALA A 323 -20.87 -1.39 -26.57
CA ALA A 323 -21.49 -0.10 -26.31
C ALA A 323 -20.73 0.46 -25.07
N ILE A 324 -20.43 -0.40 -24.11
CA ILE A 324 -19.69 0.00 -22.89
C ILE A 324 -18.62 -1.09 -22.65
N VAL A 325 -17.38 -0.67 -22.38
CA VAL A 325 -16.29 -1.63 -22.18
C VAL A 325 -15.43 -1.13 -21.00
N GLY A 326 -14.64 -2.04 -20.42
CA GLY A 326 -13.68 -1.58 -19.43
C GLY A 326 -13.20 -2.59 -18.40
N HIS A 327 -11.88 -2.65 -18.23
CA HIS A 327 -11.25 -3.49 -17.22
C HIS A 327 -10.71 -2.51 -16.17
N LEU A 328 -11.01 -2.77 -14.89
CA LEU A 328 -10.54 -1.97 -13.74
C LEU A 328 -11.11 -0.58 -13.57
N GLY A 329 -11.17 0.19 -14.65
CA GLY A 329 -11.61 1.59 -14.52
C GLY A 329 -13.07 1.83 -14.19
N GLY A 330 -13.84 0.75 -14.15
CA GLY A 330 -15.25 0.87 -13.88
C GLY A 330 -15.70 0.48 -12.48
N VAL A 331 -14.76 0.13 -11.60
CA VAL A 331 -15.18 -0.28 -10.25
C VAL A 331 -16.13 0.73 -9.59
N PHE A 332 -17.13 0.20 -8.87
CA PHE A 332 -18.10 0.97 -8.13
C PHE A 332 -19.01 1.82 -8.99
N SER A 333 -19.01 1.59 -10.30
CA SER A 333 -19.87 2.41 -11.19
C SER A 333 -21.31 1.95 -11.23
N GLU A 334 -22.17 2.77 -11.86
CA GLU A 334 -23.61 2.47 -11.98
C GLU A 334 -23.97 2.71 -13.44
N ILE A 335 -24.66 1.73 -14.02
CA ILE A 335 -25.01 1.78 -15.45
C ILE A 335 -26.52 1.47 -15.47
N TYR A 336 -27.32 2.47 -15.81
CA TYR A 336 -28.75 2.25 -15.80
C TYR A 336 -29.57 3.06 -16.79
N ASN A 337 -30.74 2.53 -17.09
CA ASN A 337 -31.69 3.19 -18.01
C ASN A 337 -31.08 3.47 -19.38
N ASN A 338 -30.17 2.62 -19.84
CA ASN A 338 -29.56 2.80 -21.16
C ASN A 338 -30.23 1.84 -22.16
N HIS A 339 -30.27 2.26 -23.41
CA HIS A 339 -30.83 1.44 -24.49
C HIS A 339 -29.63 1.12 -25.37
N ILE A 340 -29.27 -0.16 -25.41
CA ILE A 340 -28.10 -0.62 -26.16
C ILE A 340 -28.51 -1.64 -27.19
N TYR A 341 -28.15 -1.43 -28.45
CA TYR A 341 -28.55 -2.40 -29.47
C TYR A 341 -27.64 -2.34 -30.69
N ASN A 342 -27.71 -3.37 -31.55
CA ASN A 342 -26.92 -3.42 -32.78
C ASN A 342 -25.43 -3.36 -32.48
N ILE A 343 -24.98 -4.21 -31.56
CA ILE A 343 -23.56 -4.22 -31.23
C ILE A 343 -22.87 -5.44 -31.86
N ALA A 344 -21.89 -5.18 -32.73
CA ALA A 344 -21.08 -6.19 -33.38
C ALA A 344 -21.85 -7.08 -34.35
N LEU A 345 -22.86 -6.51 -35.00
CA LEU A 345 -23.65 -7.29 -35.94
C LEU A 345 -22.99 -7.43 -37.29
N LYS A 346 -22.18 -6.43 -37.72
CA LYS A 346 -21.55 -6.57 -39.04
C LYS A 346 -20.54 -7.70 -39.08
N ARG A 347 -19.96 -7.99 -37.91
CA ARG A 347 -18.99 -9.07 -37.81
C ARG A 347 -17.83 -8.94 -38.77
N GLU A 348 -17.32 -7.71 -38.93
CA GLU A 348 -16.15 -7.51 -39.80
C GLU A 348 -14.91 -8.12 -39.13
N PHE A 349 -14.93 -8.20 -37.80
CA PHE A 349 -13.83 -8.79 -37.04
C PHE A 349 -14.47 -9.42 -35.81
N TYR A 350 -13.76 -10.35 -35.18
CA TYR A 350 -14.35 -11.03 -34.02
C TYR A 350 -13.23 -11.43 -33.08
N GLY A 351 -13.53 -11.41 -31.79
CA GLY A 351 -12.55 -11.79 -30.79
C GLY A 351 -13.26 -11.87 -29.46
N HIS A 352 -12.51 -12.23 -28.43
CA HIS A 352 -13.14 -12.44 -27.13
C HIS A 352 -13.32 -11.18 -26.27
N GLU A 353 -13.71 -10.08 -26.89
CA GLU A 353 -13.95 -8.84 -26.14
C GLU A 353 -15.28 -8.21 -26.57
N ILE A 354 -16.05 -8.93 -27.39
CA ILE A 354 -17.28 -8.38 -27.92
C ILE A 354 -18.51 -8.65 -27.10
N ALA A 355 -19.27 -7.58 -26.82
CA ALA A 355 -20.56 -7.66 -26.08
C ALA A 355 -21.15 -6.28 -25.97
N GLY A 356 -22.49 -6.19 -25.82
CA GLY A 356 -23.15 -4.90 -25.62
C GLY A 356 -22.44 -4.15 -24.49
N ILE A 357 -22.35 -4.81 -23.34
CA ILE A 357 -21.62 -4.28 -22.19
C ILE A 357 -20.61 -5.34 -21.80
N LYS A 358 -19.33 -4.97 -21.72
CA LYS A 358 -18.37 -5.95 -21.23
C LYS A 358 -17.51 -5.25 -20.17
N LEU A 359 -17.42 -5.84 -18.99
CA LEU A 359 -16.60 -5.25 -17.94
C LEU A 359 -15.78 -6.32 -17.28
N HIS A 360 -14.48 -6.06 -17.08
CA HIS A 360 -13.59 -6.95 -16.32
C HIS A 360 -13.37 -6.25 -14.97
N ALA A 361 -13.43 -7.00 -13.88
CA ALA A 361 -13.30 -6.42 -12.52
C ALA A 361 -14.39 -5.38 -12.25
N ALA A 362 -15.65 -5.78 -12.49
CA ALA A 362 -16.80 -4.91 -12.24
C ALA A 362 -17.17 -4.94 -10.76
N ILE A 363 -16.21 -4.60 -9.91
CA ILE A 363 -16.45 -4.68 -8.47
C ILE A 363 -17.56 -3.74 -8.00
N ASP A 364 -18.58 -4.31 -7.33
CA ASP A 364 -19.73 -3.56 -6.80
C ASP A 364 -20.45 -2.74 -7.88
N VAL A 365 -20.25 -3.07 -9.15
CA VAL A 365 -20.92 -2.31 -10.21
C VAL A 365 -22.42 -2.65 -10.25
N GLN A 366 -23.29 -1.66 -10.43
CA GLN A 366 -24.74 -1.91 -10.47
C GLN A 366 -25.17 -1.68 -11.91
N ILE A 367 -25.73 -2.70 -12.57
CA ILE A 367 -26.17 -2.61 -13.98
C ILE A 367 -27.64 -2.89 -13.89
N HIS A 368 -28.47 -1.88 -14.11
CA HIS A 368 -29.92 -2.08 -13.91
C HIS A 368 -30.81 -1.24 -14.80
N HIS A 369 -32.02 -1.75 -15.06
CA HIS A 369 -32.98 -1.05 -15.88
C HIS A 369 -32.46 -0.69 -17.27
N ASN A 370 -31.65 -1.55 -17.89
CA ASN A 370 -31.16 -1.31 -19.27
C ASN A 370 -31.93 -2.22 -20.23
N ARG A 371 -31.98 -1.79 -21.49
CA ARG A 371 -32.65 -2.54 -22.55
C ARG A 371 -31.52 -2.88 -23.50
N ILE A 372 -31.24 -4.18 -23.66
CA ILE A 372 -30.11 -4.64 -24.48
C ILE A 372 -30.58 -5.69 -25.46
N HIS A 373 -30.51 -5.34 -26.74
CA HIS A 373 -31.00 -6.26 -27.73
C HIS A 373 -30.27 -6.17 -29.05
N ASP A 374 -30.45 -7.21 -29.87
CA ASP A 374 -29.78 -7.24 -31.17
C ASP A 374 -28.26 -7.08 -31.03
N CYS A 375 -27.71 -7.86 -30.11
CA CYS A 375 -26.25 -7.91 -29.92
C CYS A 375 -25.87 -9.40 -30.08
N SER A 376 -24.61 -9.65 -30.40
CA SER A 376 -24.18 -11.05 -30.48
C SER A 376 -24.04 -11.58 -29.03
N LEU A 377 -23.79 -10.70 -28.09
CA LEU A 377 -23.75 -11.08 -26.66
C LEU A 377 -24.19 -9.83 -25.91
N GLY A 378 -25.19 -9.94 -25.05
CA GLY A 378 -25.66 -8.75 -24.37
C GLY A 378 -24.75 -8.17 -23.30
N LEU A 379 -24.33 -9.01 -22.37
CA LEU A 379 -23.52 -8.56 -21.25
C LEU A 379 -22.46 -9.60 -20.94
N TRP A 380 -21.21 -9.16 -20.76
CA TRP A 380 -20.14 -10.08 -20.43
C TRP A 380 -19.39 -9.53 -19.20
N LEU A 381 -19.45 -10.25 -18.07
CA LEU A 381 -18.73 -9.86 -16.84
C LEU A 381 -17.58 -10.87 -16.86
N ASP A 382 -16.34 -10.38 -16.86
CA ASP A 382 -15.19 -11.25 -17.12
C ASP A 382 -14.10 -10.93 -16.10
N TRP A 383 -13.95 -11.84 -15.14
CA TRP A 383 -13.06 -11.72 -13.97
C TRP A 383 -13.60 -10.78 -12.94
N GLU A 384 -13.40 -11.15 -11.68
CA GLU A 384 -13.68 -10.25 -10.60
C GLU A 384 -15.03 -9.56 -10.56
N ALA A 385 -16.08 -10.31 -10.93
CA ALA A 385 -17.43 -9.78 -10.81
C ALA A 385 -17.77 -10.07 -9.35
N GLN A 386 -17.25 -9.21 -8.48
CA GLN A 386 -17.47 -9.36 -7.05
C GLN A 386 -18.35 -8.22 -6.57
N GLY A 387 -19.53 -8.56 -6.10
CA GLY A 387 -20.43 -7.51 -5.64
C GLY A 387 -21.24 -6.97 -6.81
N THR A 388 -20.97 -7.43 -8.02
CA THR A 388 -21.71 -6.92 -9.20
C THR A 388 -23.19 -7.27 -9.07
N ARG A 389 -24.09 -6.35 -9.43
CA ARG A 389 -25.53 -6.66 -9.36
C ARG A 389 -26.13 -6.31 -10.70
N VAL A 390 -26.71 -7.30 -11.38
CA VAL A 390 -27.32 -7.13 -12.72
C VAL A 390 -28.82 -7.26 -12.39
N SER A 391 -29.52 -6.14 -12.41
CA SER A 391 -30.90 -6.14 -11.91
C SER A 391 -31.92 -5.45 -12.78
N LYS A 392 -33.08 -6.08 -12.95
CA LYS A 392 -34.17 -5.45 -13.70
C LYS A 392 -33.81 -5.00 -15.11
N ASN A 393 -33.07 -5.82 -15.83
CA ASN A 393 -32.69 -5.49 -17.20
C ASN A 393 -33.56 -6.30 -18.16
N LEU A 394 -33.63 -5.82 -19.39
CA LEU A 394 -34.40 -6.44 -20.47
C LEU A 394 -33.47 -6.85 -21.59
N PHE A 395 -33.33 -8.16 -21.80
CA PHE A 395 -32.48 -8.75 -22.85
C PHE A 395 -33.36 -9.54 -23.81
N TYR A 396 -33.25 -9.25 -25.12
CA TYR A 396 -34.00 -10.01 -26.12
C TYR A 396 -33.32 -9.86 -27.46
N ASN A 397 -33.65 -10.77 -28.36
CA ASN A 397 -33.07 -10.77 -29.70
C ASN A 397 -31.55 -10.71 -29.74
N ASN A 398 -30.91 -11.38 -28.78
CA ASN A 398 -29.45 -11.44 -28.76
C ASN A 398 -29.06 -12.86 -29.10
N ASN A 399 -27.88 -13.07 -29.68
CA ASN A 399 -27.48 -14.45 -29.92
C ASN A 399 -27.26 -15.12 -28.55
N ARG A 400 -26.82 -14.35 -27.56
CA ARG A 400 -26.62 -14.83 -26.18
C ARG A 400 -26.89 -13.62 -25.31
N ASP A 401 -27.55 -13.82 -24.16
CA ASP A 401 -27.82 -12.68 -23.31
C ASP A 401 -26.69 -12.30 -22.33
N VAL A 402 -26.31 -13.23 -21.45
CA VAL A 402 -25.33 -12.95 -20.39
C VAL A 402 -24.24 -13.99 -20.27
N PHE A 403 -23.01 -13.54 -19.99
CA PHE A 403 -21.85 -14.43 -19.83
C PHE A 403 -21.13 -13.93 -18.56
N VAL A 404 -21.02 -14.77 -17.54
CA VAL A 404 -20.25 -14.39 -16.35
C VAL A 404 -19.08 -15.37 -16.36
N GLU A 405 -17.88 -14.86 -16.62
CA GLU A 405 -16.68 -15.71 -16.78
C GLU A 405 -15.63 -15.55 -15.66
N VAL A 406 -15.05 -16.69 -15.28
CA VAL A 406 -14.01 -16.80 -14.26
C VAL A 406 -14.12 -15.87 -13.07
N SER A 407 -15.34 -15.78 -12.53
CA SER A 407 -15.60 -14.96 -11.35
C SER A 407 -16.02 -15.88 -10.20
N HIS A 408 -15.90 -15.37 -8.98
CA HIS A 408 -16.18 -16.13 -7.76
C HIS A 408 -17.28 -15.51 -6.95
N GLY A 409 -17.80 -14.39 -7.45
CA GLY A 409 -18.86 -13.69 -6.74
C GLY A 409 -18.42 -13.05 -5.40
N PRO A 410 -19.37 -12.71 -4.51
CA PRO A 410 -20.82 -12.93 -4.71
C PRO A 410 -21.37 -11.97 -5.77
N TYR A 411 -21.99 -12.51 -6.82
CA TYR A 411 -22.56 -11.62 -7.84
C TYR A 411 -24.03 -11.95 -7.91
N LEU A 412 -24.83 -10.95 -8.22
CA LEU A 412 -26.29 -11.11 -8.19
C LEU A 412 -26.94 -10.76 -9.51
N VAL A 413 -27.86 -11.63 -9.96
CA VAL A 413 -28.58 -11.43 -11.23
C VAL A 413 -30.04 -11.56 -10.79
N ASP A 414 -30.74 -10.44 -10.65
CA ASP A 414 -32.10 -10.51 -10.16
C ASP A 414 -33.11 -9.71 -10.96
N HIS A 415 -34.32 -10.24 -10.98
CA HIS A 415 -35.44 -9.57 -11.65
C HIS A 415 -35.23 -9.14 -13.10
N ASN A 416 -34.42 -9.91 -13.83
CA ASN A 416 -34.17 -9.62 -15.24
C ASN A 416 -35.05 -10.47 -16.15
N ILE A 417 -35.14 -10.03 -17.39
CA ILE A 417 -35.81 -10.81 -18.40
C ILE A 417 -34.67 -11.23 -19.33
N LEU A 418 -34.33 -12.52 -19.32
CA LEU A 418 -33.29 -13.04 -20.19
C LEU A 418 -34.07 -13.91 -21.19
N SER A 419 -34.50 -13.30 -22.29
CA SER A 419 -35.37 -14.00 -23.22
C SER A 419 -34.77 -14.61 -24.47
N SER A 420 -33.47 -14.50 -24.67
CA SER A 420 -32.90 -15.08 -25.89
C SER A 420 -32.74 -16.59 -25.72
N GLU A 421 -32.62 -17.29 -26.84
CA GLU A 421 -32.51 -18.77 -26.85
C GLU A 421 -31.30 -19.35 -26.12
N TYR A 422 -30.25 -18.55 -26.04
CA TYR A 422 -29.03 -18.96 -25.32
C TYR A 422 -28.96 -17.81 -24.31
N ALA A 423 -29.40 -18.10 -23.09
CA ALA A 423 -29.50 -17.07 -22.07
C ALA A 423 -28.26 -16.79 -21.25
N ILE A 424 -27.58 -17.86 -20.85
CA ILE A 424 -26.44 -17.68 -19.96
C ILE A 424 -25.25 -18.57 -20.25
N ASP A 425 -24.05 -17.96 -20.23
CA ASP A 425 -22.80 -18.71 -20.26
C ASP A 425 -22.32 -18.49 -18.82
N ASN A 426 -22.19 -19.57 -18.05
CA ASN A 426 -21.80 -19.51 -16.64
C ASN A 426 -20.49 -20.25 -16.47
N MET A 427 -19.37 -19.53 -16.48
CA MET A 427 -18.06 -20.18 -16.28
C MET A 427 -17.50 -19.58 -14.98
N SER A 428 -18.36 -19.53 -13.97
CA SER A 428 -18.02 -18.92 -12.68
C SER A 428 -18.64 -19.72 -11.53
N GLN A 429 -18.49 -19.16 -10.34
CA GLN A 429 -19.09 -19.72 -9.17
C GLN A 429 -19.46 -18.52 -8.27
N GLY A 430 -20.32 -18.75 -7.27
CA GLY A 430 -20.68 -17.66 -6.36
C GLY A 430 -21.79 -16.76 -6.85
N GLY A 431 -22.64 -17.26 -7.74
CA GLY A 431 -23.71 -16.40 -8.25
C GLY A 431 -25.04 -16.62 -7.56
N ALA A 432 -25.91 -15.63 -7.63
CA ALA A 432 -27.27 -15.75 -7.08
C ALA A 432 -28.17 -15.26 -8.21
N TYR A 433 -29.08 -16.12 -8.69
CA TYR A 433 -30.00 -15.81 -9.80
C TYR A 433 -31.34 -15.82 -9.12
N ILE A 434 -31.91 -14.63 -8.94
CA ILE A 434 -33.13 -14.49 -8.15
C ILE A 434 -34.27 -13.80 -8.91
N ASN A 435 -35.45 -14.43 -8.97
CA ASN A 435 -36.61 -13.79 -9.58
C ASN A 435 -36.46 -13.37 -11.05
N ASN A 436 -35.71 -14.14 -11.85
CA ASN A 436 -35.58 -13.82 -13.27
C ASN A 436 -36.57 -14.64 -14.10
N LEU A 437 -36.71 -14.23 -15.36
CA LEU A 437 -37.48 -14.96 -16.35
C LEU A 437 -36.35 -15.37 -17.29
N ILE A 438 -36.13 -16.67 -17.46
CA ILE A 438 -34.99 -17.16 -18.26
C ILE A 438 -35.59 -18.13 -19.29
N ALA A 439 -35.53 -17.73 -20.56
CA ALA A 439 -36.15 -18.49 -21.65
C ALA A 439 -35.14 -19.08 -22.62
N GLY A 440 -33.94 -19.36 -22.13
CA GLY A 440 -32.92 -19.90 -23.02
C GLY A 440 -31.99 -20.78 -22.19
N LYS A 441 -31.11 -21.46 -22.90
CA LYS A 441 -30.26 -22.38 -22.20
C LYS A 441 -29.15 -21.73 -21.43
N MET A 442 -28.59 -22.52 -20.52
CA MET A 442 -27.42 -22.09 -19.76
C MET A 442 -26.32 -23.10 -20.08
N ASN A 443 -25.13 -22.59 -20.43
CA ASN A 443 -23.96 -23.43 -20.65
C ASN A 443 -23.09 -23.14 -19.38
N GLN A 444 -22.98 -24.13 -18.49
CA GLN A 444 -22.21 -23.96 -17.24
C GLN A 444 -21.00 -24.87 -17.30
N ARG A 445 -19.82 -24.29 -17.07
CA ARG A 445 -18.59 -25.06 -17.16
C ARG A 445 -17.58 -24.63 -16.12
N LYS A 446 -16.82 -25.58 -15.61
CA LYS A 446 -15.74 -25.30 -14.65
C LYS A 446 -14.60 -24.68 -15.45
N VAL A 447 -13.65 -24.03 -14.73
CA VAL A 447 -12.46 -23.50 -15.41
C VAL A 447 -11.31 -23.85 -14.45
N LEU A 448 -10.65 -24.96 -14.75
CA LEU A 448 -9.61 -25.44 -13.84
C LEU A 448 -8.21 -25.03 -14.23
N ASN A 449 -8.04 -24.37 -15.37
CA ASN A 449 -6.71 -23.97 -15.78
C ASN A 449 -6.47 -22.46 -15.77
N ARG A 450 -7.43 -21.70 -15.22
CA ARG A 450 -7.24 -20.26 -15.09
C ARG A 450 -7.68 -19.89 -13.68
N SER A 451 -6.74 -19.33 -12.89
CA SER A 451 -7.07 -18.86 -11.53
C SER A 451 -7.16 -17.33 -11.62
N THR A 452 -8.14 -16.74 -10.95
CA THR A 452 -8.35 -15.28 -11.04
C THR A 452 -8.59 -14.68 -9.65
N GLN A 453 -8.26 -13.40 -9.50
CA GLN A 453 -8.39 -12.75 -8.20
C GLN A 453 -9.77 -12.61 -7.57
N TYR A 454 -9.78 -12.59 -6.24
CA TYR A 454 -10.98 -12.18 -5.52
C TYR A 454 -10.45 -11.13 -4.53
N HIS A 455 -11.37 -10.40 -3.93
CA HIS A 455 -11.04 -9.23 -3.14
C HIS A 455 -11.64 -9.17 -1.75
N LEU A 456 -11.18 -8.19 -0.98
CA LEU A 456 -11.85 -7.95 0.28
C LEU A 456 -13.16 -7.28 -0.18
N PRO A 457 -14.24 -7.42 0.59
CA PRO A 457 -15.52 -6.81 0.20
C PRO A 457 -15.47 -5.29 0.00
N HIS A 458 -16.17 -4.80 -1.02
CA HIS A 458 -16.27 -3.36 -1.29
C HIS A 458 -14.93 -2.67 -1.40
N SER A 459 -14.00 -3.35 -2.05
CA SER A 459 -12.63 -2.85 -2.15
C SER A 459 -11.90 -3.44 -3.34
N THR A 460 -10.83 -2.75 -3.78
CA THR A 460 -9.98 -3.31 -4.85
C THR A 460 -8.86 -4.14 -4.18
N GLU A 461 -8.72 -4.08 -2.84
CA GLU A 461 -7.68 -4.91 -2.18
C GLU A 461 -7.87 -6.37 -2.58
N VAL A 462 -6.76 -7.03 -2.92
CA VAL A 462 -6.80 -8.45 -3.32
C VAL A 462 -6.73 -9.36 -2.09
N ALA A 463 -7.62 -10.35 -2.05
CA ALA A 463 -7.67 -11.28 -0.92
C ALA A 463 -7.08 -12.63 -1.28
N GLY A 464 -7.09 -12.95 -2.57
CA GLY A 464 -6.59 -14.26 -3.01
C GLY A 464 -6.93 -14.43 -4.47
N PHE A 465 -6.87 -15.66 -4.95
CA PHE A 465 -7.21 -15.95 -6.34
C PHE A 465 -7.63 -17.41 -6.33
N ALA A 466 -8.48 -17.78 -7.28
CA ALA A 466 -8.96 -19.17 -7.34
C ALA A 466 -9.37 -19.57 -8.76
N PHE A 467 -9.38 -20.89 -8.98
CA PHE A 467 -9.91 -21.52 -10.20
C PHE A 467 -11.41 -21.61 -9.98
N VAL A 468 -12.14 -21.91 -11.04
CA VAL A 468 -13.59 -22.09 -10.92
C VAL A 468 -13.93 -23.58 -10.87
N TYR A 469 -14.34 -24.06 -9.69
CA TYR A 469 -14.70 -25.45 -9.50
C TYR A 469 -16.13 -25.73 -9.95
N GLY A 470 -16.93 -24.68 -10.17
CA GLY A 470 -18.31 -24.85 -10.60
C GLY A 470 -19.26 -25.00 -9.45
N GLY A 471 -20.52 -24.57 -9.64
CA GLY A 471 -21.46 -24.65 -8.53
C GLY A 471 -21.32 -23.44 -7.60
N ASP A 472 -21.73 -23.62 -6.35
CA ASP A 472 -21.79 -22.55 -5.36
C ASP A 472 -22.64 -21.43 -5.98
N ASP A 473 -23.79 -21.82 -6.54
CA ASP A 473 -24.73 -20.88 -7.14
C ASP A 473 -26.10 -21.03 -6.44
N ARG A 474 -26.87 -19.93 -6.43
CA ARG A 474 -28.21 -19.92 -5.84
C ARG A 474 -29.18 -19.62 -6.95
N PHE A 475 -30.30 -20.32 -6.98
CA PHE A 475 -31.37 -20.08 -7.96
C PHE A 475 -32.66 -20.12 -7.20
N TYR A 476 -33.34 -18.96 -7.08
CA TYR A 476 -34.61 -18.88 -6.35
C TYR A 476 -35.62 -18.07 -7.13
N ASN A 477 -36.87 -18.52 -7.09
CA ASN A 477 -37.96 -17.76 -7.73
C ASN A 477 -37.83 -17.45 -9.21
N ASN A 478 -37.14 -18.27 -9.98
CA ASN A 478 -37.02 -17.98 -11.41
C ASN A 478 -38.07 -18.74 -12.20
N ILE A 479 -38.44 -18.20 -13.36
CA ILE A 479 -39.36 -18.89 -14.25
C ILE A 479 -38.48 -19.31 -15.42
N PHE A 480 -38.32 -20.62 -15.62
CA PHE A 480 -37.51 -21.13 -16.74
C PHE A 480 -38.43 -21.62 -17.87
N ILE A 481 -38.09 -21.27 -19.12
CA ILE A 481 -38.91 -21.68 -20.25
C ILE A 481 -38.03 -22.29 -21.36
N GLY A 482 -38.25 -23.58 -21.60
CA GLY A 482 -37.53 -24.27 -22.64
C GLY A 482 -38.16 -24.06 -24.02
N LYS A 483 -37.74 -24.88 -24.96
CA LYS A 483 -38.25 -24.75 -26.31
C LYS A 483 -37.85 -26.00 -27.07
N GLU A 484 -38.73 -26.45 -27.95
CA GLU A 484 -38.48 -27.65 -28.75
C GLU A 484 -37.06 -27.62 -29.33
N GLY A 485 -36.29 -28.66 -29.02
CA GLY A 485 -34.93 -28.76 -29.51
C GLY A 485 -33.85 -28.18 -28.59
N LEU A 486 -34.20 -27.09 -27.92
CA LEU A 486 -33.30 -26.39 -27.00
C LEU A 486 -32.93 -27.22 -25.79
N GLU A 487 -31.64 -27.48 -25.65
CA GLU A 487 -31.15 -28.26 -24.53
C GLU A 487 -30.63 -27.38 -23.40
N ASN A 488 -30.53 -28.00 -22.25
CA ASN A 488 -29.97 -27.39 -21.08
C ASN A 488 -30.56 -26.08 -20.56
N VAL A 489 -31.90 -26.02 -20.57
CA VAL A 489 -32.61 -24.88 -20.00
C VAL A 489 -33.04 -25.34 -18.59
N GLY A 490 -32.74 -24.54 -17.57
CA GLY A 490 -33.13 -24.91 -16.23
C GLY A 490 -31.96 -24.96 -15.24
N THR A 491 -32.05 -25.89 -14.31
CA THR A 491 -31.00 -26.03 -13.27
C THR A 491 -30.55 -27.50 -13.11
N SER A 492 -30.86 -28.36 -14.09
CA SER A 492 -30.47 -29.78 -13.97
C SER A 492 -28.94 -29.90 -14.08
N HIS A 493 -28.33 -28.83 -14.54
CA HIS A 493 -26.86 -28.76 -14.66
C HIS A 493 -26.19 -29.14 -13.35
N TYR A 494 -26.84 -28.81 -12.25
CA TYR A 494 -26.23 -29.03 -10.93
C TYR A 494 -26.58 -30.32 -10.21
N ASN A 495 -27.14 -31.30 -10.93
CA ASN A 495 -27.57 -32.53 -10.27
C ASN A 495 -26.64 -33.23 -9.26
N ASN A 496 -25.36 -33.28 -9.54
CA ASN A 496 -24.49 -33.97 -8.58
C ASN A 496 -23.88 -33.04 -7.51
N CYS A 497 -24.35 -31.79 -7.45
CA CYS A 497 -23.83 -30.89 -6.41
C CYS A 497 -24.41 -31.15 -5.03
N THR A 498 -23.70 -30.74 -4.01
CA THR A 498 -24.20 -30.87 -2.66
C THR A 498 -25.29 -29.79 -2.49
N THR A 499 -26.05 -29.86 -1.40
CA THR A 499 -27.15 -28.92 -1.25
C THR A 499 -26.99 -27.92 -0.11
N SER A 500 -25.83 -27.95 0.56
CA SER A 500 -25.56 -26.98 1.61
C SER A 500 -24.07 -27.01 1.86
N LEU A 501 -23.56 -25.92 2.41
CA LEU A 501 -22.14 -25.87 2.73
C LEU A 501 -21.85 -26.91 3.85
N GLU A 502 -22.84 -27.16 4.71
CA GLU A 502 -22.63 -28.13 5.78
C GLU A 502 -22.42 -29.51 5.15
N GLU A 503 -23.22 -29.84 4.14
CA GLU A 503 -23.06 -31.15 3.49
C GLU A 503 -21.71 -31.22 2.79
N TYR A 504 -21.34 -30.14 2.11
CA TYR A 504 -20.04 -30.12 1.40
C TYR A 504 -18.90 -30.35 2.43
N ILE A 505 -18.93 -29.59 3.51
CA ILE A 505 -17.88 -29.73 4.53
C ILE A 505 -17.85 -31.14 5.09
N GLU A 506 -19.03 -31.70 5.34
CA GLU A 506 -19.10 -33.05 5.88
C GLU A 506 -18.49 -34.09 4.94
N LYS A 507 -18.78 -34.00 3.66
CA LYS A 507 -18.24 -34.96 2.70
C LYS A 507 -16.73 -34.78 2.47
N VAL A 508 -16.27 -33.53 2.40
CA VAL A 508 -14.84 -33.33 2.17
C VAL A 508 -14.07 -33.84 3.37
N ASN A 509 -14.64 -33.69 4.55
CA ASN A 509 -13.85 -34.08 5.69
C ASN A 509 -13.96 -35.52 6.19
N GLU A 510 -14.56 -36.36 5.36
CA GLU A 510 -14.71 -37.78 5.66
C GLU A 510 -13.32 -38.43 5.77
N VAL A 511 -12.40 -38.08 4.89
CA VAL A 511 -11.03 -38.64 4.99
C VAL A 511 -10.03 -37.48 5.04
N PRO A 512 -9.01 -37.59 5.92
CA PRO A 512 -7.98 -36.55 6.09
C PRO A 512 -7.29 -36.19 4.77
N GLY A 513 -6.88 -34.92 4.64
CA GLY A 513 -6.19 -34.50 3.45
C GLY A 513 -6.34 -32.99 3.27
N ASP A 514 -5.92 -32.49 2.13
CA ASP A 514 -6.05 -31.07 1.87
C ASP A 514 -6.75 -30.86 0.54
N LEU A 515 -6.12 -30.10 -0.36
CA LEU A 515 -6.79 -29.75 -1.63
C LEU A 515 -7.46 -30.89 -2.39
N GLY A 516 -6.77 -32.02 -2.51
CA GLY A 516 -7.36 -33.14 -3.24
C GLY A 516 -8.71 -33.60 -2.67
N GLU A 517 -8.87 -33.53 -1.34
CA GLU A 517 -10.14 -33.96 -0.76
C GLU A 517 -11.22 -32.95 -1.10
N PHE A 518 -10.86 -31.68 -1.19
CA PHE A 518 -11.85 -30.66 -1.51
C PHE A 518 -12.21 -30.78 -2.99
N GLU A 519 -11.24 -31.03 -3.85
CA GLU A 519 -11.54 -31.12 -5.29
C GLU A 519 -12.43 -32.30 -5.63
N ARG A 520 -12.49 -33.30 -4.78
CA ARG A 520 -13.31 -34.44 -5.18
C ARG A 520 -14.79 -34.31 -4.82
N VAL A 521 -15.17 -33.23 -4.15
CA VAL A 521 -16.56 -33.03 -3.78
C VAL A 521 -17.12 -31.84 -4.53
N GLU A 522 -18.33 -31.97 -5.08
CA GLU A 522 -18.95 -30.86 -5.81
C GLU A 522 -19.44 -29.76 -4.84
N GLN A 523 -19.22 -28.50 -5.21
CA GLN A 523 -19.66 -27.40 -4.37
C GLN A 523 -21.19 -27.41 -4.24
N PRO A 524 -21.70 -26.77 -3.20
CA PRO A 524 -23.15 -26.74 -2.99
C PRO A 524 -23.92 -25.79 -3.91
N VAL A 525 -25.22 -26.06 -4.06
CA VAL A 525 -26.10 -25.13 -4.79
C VAL A 525 -27.31 -24.96 -3.90
N TYR A 526 -27.97 -23.80 -4.02
CA TYR A 526 -29.08 -23.41 -3.15
C TYR A 526 -30.16 -23.06 -4.14
N ILE A 527 -31.06 -24.01 -4.38
CA ILE A 527 -32.05 -23.85 -5.44
C ILE A 527 -33.43 -24.22 -4.95
N ASN A 528 -34.38 -23.28 -5.07
CA ASN A 528 -35.75 -23.56 -4.61
C ASN A 528 -36.75 -22.59 -5.20
N LYS A 529 -38.00 -23.01 -5.25
CA LYS A 529 -39.08 -22.18 -5.75
C LYS A 529 -38.96 -21.69 -7.18
N ASN A 530 -38.47 -22.52 -8.10
CA ASN A 530 -38.39 -22.12 -9.48
C ASN A 530 -39.48 -22.88 -10.24
N ALA A 531 -39.85 -22.35 -11.40
CA ALA A 531 -40.83 -23.03 -12.27
C ALA A 531 -40.10 -23.39 -13.56
N TYR A 532 -40.52 -24.51 -14.16
CA TYR A 532 -39.90 -25.00 -15.38
C TYR A 532 -40.98 -25.39 -16.37
N PHE A 533 -41.03 -24.67 -17.49
CA PHE A 533 -42.04 -24.90 -18.52
C PHE A 533 -41.45 -25.23 -19.86
N ASN A 534 -42.29 -25.88 -20.69
CA ASN A 534 -41.93 -26.15 -22.07
C ASN A 534 -40.61 -26.87 -22.31
N GLY A 535 -40.25 -27.75 -21.39
CA GLY A 535 -39.01 -28.51 -21.58
C GLY A 535 -37.84 -28.14 -20.70
N ALA A 536 -37.95 -27.05 -19.93
CA ALA A 536 -36.87 -26.68 -19.02
C ALA A 536 -36.81 -27.80 -17.97
N GLU A 537 -35.61 -28.08 -17.44
CA GLU A 537 -35.44 -29.17 -16.49
C GLU A 537 -34.86 -28.69 -15.18
N PRO A 538 -35.38 -29.18 -14.06
CA PRO A 538 -34.91 -28.80 -12.74
C PRO A 538 -33.81 -29.64 -12.14
N PHE A 539 -33.14 -29.02 -11.17
CA PHE A 539 -32.12 -29.65 -10.32
C PHE A 539 -32.99 -30.74 -9.65
N GLU A 540 -32.53 -32.00 -9.68
CA GLU A 540 -33.30 -33.10 -9.12
C GLU A 540 -33.55 -33.07 -7.63
N LYS A 541 -32.74 -32.32 -6.87
CA LYS A 541 -32.90 -32.23 -5.42
C LYS A 541 -33.60 -30.95 -4.95
N GLU A 542 -34.18 -30.21 -5.90
CA GLU A 542 -34.89 -28.98 -5.53
C GLU A 542 -36.12 -29.41 -4.72
N LYS A 543 -36.36 -28.81 -3.55
CA LYS A 543 -37.50 -29.24 -2.74
C LYS A 543 -38.88 -28.82 -3.18
N ASP A 544 -39.01 -27.56 -3.61
CA ASP A 544 -40.31 -27.02 -3.97
C ASP A 544 -40.23 -26.32 -5.30
N ASN A 545 -40.81 -26.92 -6.33
CA ASN A 545 -40.79 -26.28 -7.64
C ASN A 545 -42.06 -26.61 -8.42
N LEU A 546 -42.15 -26.05 -9.59
CA LEU A 546 -43.32 -26.30 -10.44
C LEU A 546 -42.77 -26.72 -11.78
N VAL A 547 -43.08 -27.94 -12.22
CA VAL A 547 -42.59 -28.43 -13.49
C VAL A 547 -43.78 -28.83 -14.37
N LYS A 548 -43.88 -28.23 -15.56
CA LYS A 548 -44.96 -28.56 -16.50
C LYS A 548 -44.32 -28.53 -17.85
N LYS A 549 -43.72 -29.66 -18.20
CA LYS A 549 -43.03 -29.79 -19.46
C LYS A 549 -43.91 -29.59 -20.66
N ASP A 550 -45.18 -29.93 -20.54
CA ASP A 550 -46.09 -29.78 -21.66
C ASP A 550 -46.82 -28.46 -21.74
N PHE A 551 -46.48 -27.55 -20.83
CA PHE A 551 -47.11 -26.24 -20.89
C PHE A 551 -46.23 -25.29 -21.68
N ASP A 552 -46.81 -24.62 -22.69
CA ASP A 552 -46.07 -23.68 -23.51
C ASP A 552 -46.54 -22.24 -23.23
N PRO A 553 -45.71 -21.42 -22.52
CA PRO A 553 -46.07 -20.03 -22.18
C PRO A 553 -46.24 -19.10 -23.38
N LYS A 554 -45.77 -19.52 -24.55
CA LYS A 554 -45.86 -18.69 -25.75
C LYS A 554 -45.28 -17.29 -25.51
N LEU A 555 -44.09 -17.29 -24.91
CA LEU A 555 -43.40 -16.05 -24.62
C LEU A 555 -43.07 -15.27 -25.88
N ALA A 556 -43.32 -13.95 -25.87
CA ALA A 556 -42.94 -13.09 -26.99
C ALA A 556 -42.58 -11.73 -26.46
N ILE A 557 -41.55 -11.13 -27.03
CA ILE A 557 -41.16 -9.78 -26.66
C ILE A 557 -41.53 -9.01 -27.91
N ILE A 558 -42.37 -7.99 -27.73
CA ILE A 558 -42.88 -7.18 -28.84
C ILE A 558 -42.24 -5.79 -28.77
N ASP A 559 -41.36 -5.53 -29.71
CA ASP A 559 -40.63 -4.28 -29.75
C ASP A 559 -41.31 -3.33 -30.73
N GLU A 560 -42.01 -2.32 -30.20
CA GLU A 560 -42.68 -1.33 -31.05
C GLU A 560 -41.87 -0.02 -31.16
N GLY A 561 -40.57 -0.12 -30.93
CA GLY A 561 -39.68 1.04 -31.04
C GLY A 561 -39.41 1.71 -29.72
N ASP A 562 -40.23 2.71 -29.37
CA ASP A 562 -40.04 3.40 -28.12
C ASP A 562 -40.56 2.60 -26.92
N GLU A 563 -41.46 1.65 -27.17
CA GLU A 563 -41.98 0.83 -26.09
C GLU A 563 -41.78 -0.65 -26.43
N VAL A 564 -41.62 -1.48 -25.39
CA VAL A 564 -41.43 -2.90 -25.58
C VAL A 564 -42.40 -3.61 -24.61
N TYR A 565 -43.01 -4.69 -25.08
CA TYR A 565 -44.00 -5.43 -24.29
C TYR A 565 -43.63 -6.89 -24.19
N LEU A 566 -44.06 -7.48 -23.08
CA LEU A 566 -43.84 -8.88 -22.81
C LEU A 566 -45.21 -9.61 -22.85
N SER A 567 -45.34 -10.64 -23.67
CA SER A 567 -46.59 -11.41 -23.73
C SER A 567 -46.26 -12.80 -23.18
N LEU A 568 -47.07 -13.33 -22.26
CA LEU A 568 -46.76 -14.62 -21.66
C LEU A 568 -47.99 -15.30 -21.11
N GLN A 569 -48.16 -16.61 -21.33
CA GLN A 569 -49.30 -17.32 -20.74
C GLN A 569 -48.73 -18.11 -19.57
N LEU A 570 -49.46 -18.18 -18.45
CA LEU A 570 -48.99 -18.96 -17.31
C LEU A 570 -50.11 -19.93 -16.91
N PRO A 571 -49.76 -21.13 -16.44
CA PRO A 571 -50.77 -22.12 -16.05
C PRO A 571 -51.42 -21.83 -14.71
N ASP A 572 -52.59 -22.41 -14.47
CA ASP A 572 -53.26 -22.17 -13.20
C ASP A 572 -52.36 -22.51 -12.02
N GLU A 573 -51.53 -23.54 -12.17
CA GLU A 573 -50.66 -23.95 -11.07
C GLU A 573 -49.65 -22.87 -10.66
N PHE A 574 -49.45 -21.88 -11.52
CA PHE A 574 -48.53 -20.79 -11.20
C PHE A 574 -48.95 -20.10 -9.90
N GLU A 575 -50.26 -20.12 -9.62
CA GLU A 575 -50.74 -19.46 -8.42
C GLU A 575 -50.27 -20.14 -7.14
N ASN A 576 -50.02 -21.44 -7.22
CA ASN A 576 -49.62 -22.22 -6.04
C ASN A 576 -48.13 -22.20 -5.69
N ILE A 577 -47.28 -21.63 -6.54
CA ILE A 577 -45.86 -21.55 -6.19
C ILE A 577 -45.65 -20.10 -5.76
N VAL A 578 -45.20 -19.92 -4.51
CA VAL A 578 -45.04 -18.61 -3.92
C VAL A 578 -43.59 -18.26 -3.68
N GLY A 579 -43.18 -17.08 -4.13
CA GLY A 579 -41.80 -16.71 -3.92
C GLY A 579 -41.56 -15.98 -2.61
N ASP A 580 -40.39 -16.20 -2.04
CA ASP A 580 -39.97 -15.54 -0.79
C ASP A 580 -39.15 -14.33 -1.15
N ILE A 581 -39.10 -13.35 -0.24
CA ILE A 581 -38.30 -12.16 -0.46
C ILE A 581 -36.86 -12.53 -0.05
N HIS A 582 -35.93 -12.52 -0.98
CA HIS A 582 -34.55 -12.84 -0.63
C HIS A 582 -33.80 -11.62 -0.14
N SER A 583 -32.74 -11.87 0.62
CA SER A 583 -31.99 -10.78 1.22
C SER A 583 -30.63 -11.33 1.65
N THR A 584 -29.83 -10.47 2.25
CA THR A 584 -28.52 -10.88 2.75
C THR A 584 -28.74 -12.05 3.72
N LYS A 585 -29.81 -11.98 4.51
CA LYS A 585 -30.08 -13.06 5.47
C LYS A 585 -30.40 -14.40 4.82
N THR A 586 -31.13 -14.38 3.70
CA THR A 586 -31.53 -15.64 3.11
C THR A 586 -30.55 -16.29 2.16
N LEU A 587 -29.58 -15.53 1.65
CA LEU A 587 -28.60 -16.03 0.67
C LEU A 587 -27.30 -16.47 1.36
N GLU A 588 -27.00 -17.75 1.25
CA GLU A 588 -25.81 -18.30 1.90
C GLU A 588 -24.54 -17.65 1.32
N ARG A 589 -23.58 -17.37 2.17
CA ARG A 589 -22.31 -16.80 1.68
C ARG A 589 -21.64 -17.69 0.64
N VAL A 590 -20.83 -17.09 -0.22
CA VAL A 590 -20.12 -17.88 -1.19
C VAL A 590 -18.93 -18.52 -0.45
N ARG A 591 -18.51 -19.69 -0.94
CA ARG A 591 -17.50 -20.43 -0.21
C ARG A 591 -16.09 -19.87 -0.28
N ILE A 592 -15.52 -19.77 -1.46
CA ILE A 592 -14.15 -19.32 -1.55
C ILE A 592 -13.94 -17.88 -1.11
N VAL A 593 -14.77 -16.98 -1.62
CA VAL A 593 -14.56 -15.58 -1.23
C VAL A 593 -15.01 -15.32 0.19
N ASP A 594 -15.89 -16.19 0.73
CA ASP A 594 -16.35 -16.11 2.12
C ASP A 594 -16.98 -14.74 2.38
N ALA A 595 -17.89 -14.35 1.48
CA ALA A 595 -18.53 -13.04 1.59
C ALA A 595 -20.03 -13.18 1.33
N GLU A 596 -20.77 -12.20 1.84
CA GLU A 596 -22.22 -12.14 1.75
C GLU A 596 -22.69 -11.31 0.58
N TYR A 597 -23.98 -11.43 0.26
CA TYR A 597 -24.55 -10.62 -0.80
C TYR A 597 -25.11 -9.41 -0.07
N GLU A 598 -24.55 -8.23 -0.32
CA GLU A 598 -25.09 -7.05 0.35
C GLU A 598 -25.00 -5.83 -0.54
N SER A 599 -25.40 -4.66 -0.01
CA SER A 599 -25.31 -3.43 -0.79
C SER A 599 -23.89 -2.90 -0.83
N PRO A 600 -23.57 -2.07 -1.82
CA PRO A 600 -22.19 -1.54 -1.90
C PRO A 600 -21.75 -0.76 -0.64
N ASP A 601 -22.71 -0.27 0.13
CA ASP A 601 -22.37 0.45 1.36
C ASP A 601 -22.21 -0.48 2.56
N GLY A 602 -22.26 -1.79 2.31
CA GLY A 602 -22.06 -2.76 3.36
C GLY A 602 -23.29 -3.09 4.16
N LYS A 603 -24.42 -2.51 3.80
CA LYS A 603 -25.65 -2.76 4.53
C LYS A 603 -26.43 -3.92 3.91
N GLU A 604 -27.37 -4.47 4.68
CA GLU A 604 -28.16 -5.59 4.22
C GLU A 604 -28.97 -5.23 2.97
N LEU A 605 -29.01 -6.17 2.03
CA LEU A 605 -29.76 -5.95 0.81
C LEU A 605 -31.06 -6.74 0.91
N VAL A 606 -32.18 -6.14 0.50
CA VAL A 606 -33.47 -6.84 0.53
C VAL A 606 -34.03 -6.73 -0.88
N LEU A 607 -34.30 -7.88 -1.50
CA LEU A 607 -34.78 -7.91 -2.88
C LEU A 607 -36.30 -7.93 -2.92
N ASP A 608 -36.87 -6.83 -2.42
CA ASP A 608 -38.30 -6.69 -2.32
C ASP A 608 -38.97 -5.76 -3.34
N THR A 609 -38.27 -5.40 -4.40
CA THR A 609 -38.87 -4.57 -5.46
C THR A 609 -38.68 -5.29 -6.79
N ASP A 610 -39.73 -5.35 -7.59
CA ASP A 610 -39.63 -6.08 -8.85
C ASP A 610 -39.14 -5.28 -10.04
N TYR A 611 -39.17 -5.90 -11.20
CA TYR A 611 -38.70 -5.28 -12.46
C TYR A 611 -39.38 -3.93 -12.71
N LEU A 612 -40.62 -3.79 -12.28
CA LEU A 612 -41.37 -2.55 -12.50
C LEU A 612 -41.28 -1.60 -11.31
N ASP A 613 -40.34 -1.91 -10.42
CA ASP A 613 -40.10 -1.17 -9.19
C ASP A 613 -41.25 -1.21 -8.20
N ALA A 614 -42.07 -2.27 -8.26
CA ALA A 614 -43.19 -2.39 -7.29
C ALA A 614 -42.67 -3.08 -6.05
N LYS A 615 -43.03 -2.55 -4.88
CA LYS A 615 -42.61 -3.15 -3.62
C LYS A 615 -43.45 -4.41 -3.49
N LYS A 616 -42.84 -5.55 -3.20
CA LYS A 616 -43.68 -6.71 -3.05
C LYS A 616 -43.74 -7.25 -1.65
N PRO A 617 -44.87 -7.91 -1.32
CA PRO A 617 -45.13 -8.50 -0.03
C PRO A 617 -44.41 -9.85 0.12
N GLU A 618 -44.46 -10.36 1.34
CA GLU A 618 -43.86 -11.62 1.71
C GLU A 618 -44.20 -12.74 0.74
N ASN A 619 -45.47 -12.82 0.33
CA ASN A 619 -45.86 -13.88 -0.60
C ASN A 619 -46.21 -13.21 -1.92
N SER A 620 -45.48 -13.57 -2.97
CA SER A 620 -45.69 -12.94 -4.26
C SER A 620 -45.40 -13.95 -5.36
N SER A 621 -45.82 -13.62 -6.59
CA SER A 621 -45.55 -14.48 -7.74
C SER A 621 -44.04 -14.60 -7.90
N ILE A 622 -43.58 -15.72 -8.43
CA ILE A 622 -42.15 -15.85 -8.68
C ILE A 622 -41.95 -15.14 -10.00
N GLY A 623 -40.70 -15.04 -10.45
CA GLY A 623 -40.46 -14.34 -11.68
C GLY A 623 -40.09 -12.87 -11.42
N PRO A 624 -39.79 -12.13 -12.47
CA PRO A 624 -39.39 -10.73 -12.34
C PRO A 624 -40.45 -9.66 -12.13
N ILE A 625 -41.72 -9.99 -12.39
CA ILE A 625 -42.81 -9.00 -12.33
C ILE A 625 -43.98 -9.51 -11.49
N ALA A 626 -44.27 -8.82 -10.41
CA ALA A 626 -45.31 -9.24 -9.48
C ALA A 626 -46.69 -9.30 -10.16
N LEU A 627 -46.85 -8.51 -11.22
CA LEU A 627 -48.11 -8.50 -11.99
C LEU A 627 -48.37 -9.80 -12.74
N LEU A 628 -47.34 -10.61 -13.01
CA LEU A 628 -47.58 -11.85 -13.74
C LEU A 628 -48.39 -12.81 -12.90
N LYS A 629 -49.37 -13.45 -13.55
CA LYS A 629 -50.21 -14.41 -12.85
C LYS A 629 -50.80 -15.41 -13.84
N LYS A 630 -51.49 -16.41 -13.32
CA LYS A 630 -52.09 -17.42 -14.20
C LYS A 630 -52.89 -16.74 -15.31
N GLY A 631 -52.90 -17.35 -16.48
CA GLY A 631 -53.66 -16.85 -17.62
C GLY A 631 -52.82 -16.03 -18.57
N ASN A 632 -53.46 -15.10 -19.26
CA ASN A 632 -52.77 -14.25 -20.20
C ASN A 632 -52.11 -13.06 -19.50
N ASN A 633 -50.92 -12.66 -19.97
CA ASN A 633 -50.25 -11.52 -19.39
C ASN A 633 -49.66 -10.71 -20.55
N TYR A 634 -49.83 -9.39 -20.53
CA TYR A 634 -49.27 -8.52 -21.57
C TYR A 634 -48.84 -7.30 -20.77
N ILE A 635 -47.52 -7.14 -20.62
CA ILE A 635 -46.95 -6.12 -19.75
C ILE A 635 -46.00 -5.19 -20.46
N LYS A 636 -46.01 -3.90 -20.11
CA LYS A 636 -45.07 -3.01 -20.80
C LYS A 636 -43.73 -3.16 -20.04
N VAL A 637 -42.67 -3.51 -20.73
CA VAL A 637 -41.38 -3.68 -20.04
C VAL A 637 -40.35 -2.61 -20.40
N TRP A 638 -40.75 -1.69 -21.26
CA TRP A 638 -39.90 -0.53 -21.57
C TRP A 638 -40.81 0.57 -22.08
N MET B 1 18.54 -7.35 -31.47
CA MET B 1 18.74 -6.67 -32.78
C MET B 1 19.56 -5.38 -32.63
N GLU B 2 20.48 -5.13 -33.56
CA GLU B 2 21.26 -3.90 -33.55
C GLU B 2 20.75 -3.05 -34.72
N TYR B 3 20.05 -1.97 -34.41
CA TYR B 3 19.52 -1.08 -35.43
C TYR B 3 20.52 0.03 -35.71
N HIS B 4 20.55 0.49 -36.97
CA HIS B 4 21.46 1.57 -37.35
C HIS B 4 20.62 2.70 -37.93
N VAL B 5 21.02 3.92 -37.57
CA VAL B 5 20.38 5.14 -38.05
C VAL B 5 21.52 5.93 -38.72
N ALA B 6 21.33 6.41 -39.94
CA ALA B 6 22.40 7.16 -40.60
C ALA B 6 21.77 8.14 -41.59
N LYS B 7 22.51 9.20 -41.90
CA LYS B 7 21.98 10.23 -42.81
C LYS B 7 21.82 9.75 -44.24
N THR B 8 22.38 8.57 -44.54
CA THR B 8 22.22 7.94 -45.88
C THR B 8 21.05 6.96 -45.84
N GLY B 9 20.37 6.88 -44.68
CA GLY B 9 19.30 5.92 -44.52
C GLY B 9 17.91 6.28 -45.01
N SER B 10 16.95 5.41 -44.70
CA SER B 10 15.55 5.60 -45.04
C SER B 10 14.69 4.97 -43.96
N ASP B 11 13.61 5.62 -43.55
CA ASP B 11 12.77 5.03 -42.53
C ASP B 11 11.90 3.91 -43.07
N GLU B 12 12.05 3.64 -44.37
CA GLU B 12 11.35 2.55 -45.06
C GLU B 12 12.32 1.37 -45.11
N GLY B 13 13.56 1.58 -44.73
CA GLY B 13 14.56 0.52 -44.75
C GLY B 13 14.37 -0.48 -43.63
N LYS B 14 15.25 -1.48 -43.57
CA LYS B 14 15.18 -2.50 -42.53
C LYS B 14 15.82 -2.03 -41.21
N GLY B 15 16.69 -1.04 -41.30
CA GLY B 15 17.35 -0.55 -40.09
C GLY B 15 18.63 -1.31 -39.77
N THR B 16 19.18 -2.04 -40.73
CA THR B 16 20.43 -2.76 -40.51
C THR B 16 21.59 -1.81 -40.86
N LEU B 17 22.81 -2.28 -40.62
CA LEU B 17 23.99 -1.51 -40.92
C LEU B 17 24.08 -1.16 -42.41
N LYS B 18 23.69 -2.10 -43.27
CA LYS B 18 23.74 -1.87 -44.73
C LYS B 18 22.55 -1.07 -45.23
N ASP B 19 21.41 -1.20 -44.54
CA ASP B 19 20.16 -0.55 -44.89
C ASP B 19 19.58 0.20 -43.67
N PRO B 20 20.31 1.22 -43.18
CA PRO B 20 19.88 1.98 -42.00
C PRO B 20 18.63 2.86 -42.11
N PHE B 21 18.05 3.16 -40.95
CA PHE B 21 16.90 4.05 -40.88
C PHE B 21 17.53 5.45 -41.03
N LEU B 22 16.68 6.45 -41.21
CA LEU B 22 17.10 7.82 -41.38
C LEU B 22 16.93 8.67 -40.12
N THR B 23 15.90 8.38 -39.32
CA THR B 23 15.66 9.17 -38.12
C THR B 23 15.79 8.30 -36.88
N ILE B 24 16.22 8.93 -35.80
CA ILE B 24 16.39 8.18 -34.56
C ILE B 24 15.03 7.76 -34.01
N ASN B 25 13.99 8.59 -34.20
CA ASN B 25 12.70 8.24 -33.66
C ASN B 25 12.10 7.02 -34.37
N LYS B 26 12.50 6.78 -35.62
CA LYS B 26 12.04 5.58 -36.31
C LYS B 26 12.59 4.37 -35.54
N ALA B 27 13.88 4.42 -35.22
CA ALA B 27 14.45 3.29 -34.47
C ALA B 27 13.76 3.17 -33.10
N ALA B 28 13.50 4.31 -32.47
CA ALA B 28 12.85 4.36 -31.16
C ALA B 28 11.42 3.79 -31.22
N SER B 29 10.82 3.77 -32.40
CA SER B 29 9.48 3.25 -32.49
C SER B 29 9.47 1.71 -32.67
N VAL B 30 10.61 1.09 -32.97
CA VAL B 30 10.61 -0.36 -33.16
C VAL B 30 11.51 -1.17 -32.22
N ALA B 31 12.48 -0.52 -31.60
CA ALA B 31 13.40 -1.24 -30.73
C ALA B 31 12.70 -1.81 -29.52
N MET B 32 13.10 -3.02 -29.14
CA MET B 32 12.52 -3.66 -27.98
C MET B 32 13.61 -4.10 -26.99
N ALA B 33 13.20 -4.59 -25.82
CA ALA B 33 14.18 -4.94 -24.79
C ALA B 33 15.35 -5.77 -25.30
N GLY B 34 16.55 -5.30 -24.97
CA GLY B 34 17.78 -5.97 -25.40
C GLY B 34 18.37 -5.44 -26.69
N ASP B 35 17.63 -4.62 -27.42
CA ASP B 35 18.15 -4.06 -28.69
C ASP B 35 19.10 -2.89 -28.46
N THR B 36 19.85 -2.53 -29.50
CA THR B 36 20.80 -1.41 -29.48
C THR B 36 20.46 -0.58 -30.71
N ILE B 37 20.56 0.74 -30.59
CA ILE B 37 20.33 1.63 -31.74
C ILE B 37 21.65 2.37 -31.89
N ILE B 38 22.29 2.26 -33.04
CA ILE B 38 23.57 2.91 -33.23
C ILE B 38 23.34 4.05 -34.21
N VAL B 39 23.65 5.27 -33.80
CA VAL B 39 23.40 6.42 -34.66
C VAL B 39 24.72 6.93 -35.24
N HIS B 40 24.76 7.05 -36.57
CA HIS B 40 25.95 7.52 -37.25
C HIS B 40 26.01 9.03 -37.40
N GLU B 41 27.19 9.54 -37.73
CA GLU B 41 27.47 10.96 -37.84
C GLU B 41 26.39 11.82 -38.46
N GLY B 42 26.09 12.93 -37.80
CA GLY B 42 25.07 13.83 -38.31
C GLY B 42 24.33 14.64 -37.27
N VAL B 43 23.52 15.58 -37.75
CA VAL B 43 22.73 16.43 -36.86
C VAL B 43 21.29 15.99 -37.08
N TYR B 44 20.69 15.50 -36.00
CA TYR B 44 19.33 15.01 -36.03
C TYR B 44 18.40 15.98 -35.32
N ARG B 45 17.57 16.67 -36.10
CA ARG B 45 16.66 17.65 -35.55
C ARG B 45 15.31 17.00 -35.31
N GLU B 46 15.18 16.39 -34.13
CA GLU B 46 13.98 15.67 -33.78
C GLU B 46 13.96 15.44 -32.27
N TRP B 47 12.77 15.11 -31.76
CA TRP B 47 12.58 14.77 -30.35
C TRP B 47 12.38 13.26 -30.39
N VAL B 48 13.33 12.51 -29.80
CA VAL B 48 13.32 11.05 -29.79
C VAL B 48 12.43 10.62 -28.64
N LYS B 49 11.48 9.75 -28.95
CA LYS B 49 10.46 9.29 -28.00
C LYS B 49 10.50 7.76 -27.87
N PRO B 50 11.34 7.22 -26.97
CA PRO B 50 11.42 5.77 -26.80
C PRO B 50 10.02 5.15 -26.58
N LYS B 51 9.66 4.20 -27.43
CA LYS B 51 8.32 3.63 -27.37
C LYS B 51 8.17 2.44 -26.46
N TYR B 52 9.16 1.53 -26.51
CA TYR B 52 9.11 0.32 -25.70
C TYR B 52 10.17 0.40 -24.62
N LYS B 53 9.89 -0.28 -23.52
CA LYS B 53 10.79 -0.27 -22.37
C LYS B 53 11.81 -1.41 -22.34
N GLY B 54 12.94 -1.15 -21.69
CA GLY B 54 13.90 -2.19 -21.39
C GLY B 54 13.24 -2.94 -20.23
N LEU B 55 13.67 -4.18 -19.98
CA LEU B 55 13.04 -5.02 -18.96
C LEU B 55 13.92 -5.37 -17.77
N SER B 56 15.21 -5.06 -17.86
CA SER B 56 16.13 -5.28 -16.73
C SER B 56 17.43 -4.59 -17.13
N ASP B 57 18.40 -4.59 -16.22
CA ASP B 57 19.68 -3.97 -16.56
C ASP B 57 20.35 -4.74 -17.69
N LYS B 58 20.14 -6.05 -17.71
CA LYS B 58 20.70 -6.89 -18.76
C LYS B 58 19.94 -6.69 -20.09
N ARG B 59 18.61 -6.58 -20.02
CA ARG B 59 17.78 -6.42 -21.22
C ARG B 59 17.31 -4.97 -21.39
N ARG B 60 18.29 -4.08 -21.50
CA ARG B 60 18.07 -2.64 -21.69
C ARG B 60 17.87 -2.36 -23.15
N ILE B 61 17.52 -1.11 -23.45
CA ILE B 61 17.47 -0.68 -24.85
C ILE B 61 18.50 0.44 -24.83
N THR B 62 19.52 0.29 -25.67
CA THR B 62 20.65 1.20 -25.67
C THR B 62 20.73 2.06 -26.92
N TYR B 63 20.79 3.38 -26.73
CA TYR B 63 20.87 4.31 -27.88
C TYR B 63 22.26 4.88 -27.78
N LYS B 64 23.05 4.74 -28.82
CA LYS B 64 24.40 5.29 -28.71
C LYS B 64 24.94 5.81 -30.01
N ALA B 65 25.86 6.75 -29.92
CA ALA B 65 26.52 7.29 -31.10
C ALA B 65 27.53 6.23 -31.59
N ALA B 66 27.67 6.10 -32.91
CA ALA B 66 28.64 5.19 -33.48
C ALA B 66 30.02 5.60 -32.99
N GLU B 67 30.86 4.62 -32.74
CA GLU B 67 32.19 4.89 -32.22
C GLU B 67 32.98 5.91 -33.02
N GLY B 68 33.47 6.93 -32.34
CA GLY B 68 34.27 7.97 -32.97
C GLY B 68 33.49 8.93 -33.86
N GLU B 69 32.15 8.82 -33.89
CA GLU B 69 31.38 9.71 -34.76
C GLU B 69 30.66 10.80 -33.98
N LYS B 70 30.55 11.98 -34.58
CA LYS B 70 29.89 13.10 -33.93
C LYS B 70 28.40 13.10 -34.27
N VAL B 71 27.57 12.87 -33.26
CA VAL B 71 26.13 12.79 -33.46
C VAL B 71 25.47 13.83 -32.55
N VAL B 72 24.65 14.69 -33.14
CA VAL B 72 24.01 15.76 -32.44
C VAL B 72 22.50 15.65 -32.56
N ILE B 73 21.79 15.78 -31.43
CA ILE B 73 20.34 15.80 -31.46
C ILE B 73 19.98 17.22 -31.04
N LYS B 74 19.19 17.94 -31.83
CA LYS B 74 18.83 19.33 -31.52
C LYS B 74 17.33 19.57 -31.57
N GLY B 75 16.83 20.46 -30.72
CA GLY B 75 15.43 20.77 -30.72
C GLY B 75 15.15 22.00 -31.56
N SER B 76 16.21 22.57 -32.12
CA SER B 76 16.11 23.80 -32.92
C SER B 76 16.02 23.51 -34.41
N GLU B 77 15.87 24.57 -35.20
CA GLU B 77 15.90 24.48 -36.68
C GLU B 77 16.69 25.71 -37.10
N ARG B 78 17.43 25.61 -38.21
CA ARG B 78 18.18 26.74 -38.74
C ARG B 78 17.18 27.54 -39.56
N ILE B 79 17.23 28.87 -39.45
CA ILE B 79 16.29 29.73 -40.17
C ILE B 79 17.10 30.56 -41.16
N GLN B 80 16.74 30.54 -42.44
CA GLN B 80 17.48 31.31 -43.45
C GLN B 80 16.51 32.12 -44.29
N SER B 81 15.40 32.52 -43.69
CA SER B 81 14.40 33.30 -44.38
C SER B 81 14.23 34.67 -43.70
N TRP B 82 15.31 35.16 -43.07
CA TRP B 82 15.23 36.44 -42.37
C TRP B 82 15.25 37.62 -43.36
N GLN B 83 14.55 38.69 -43.02
CA GLN B 83 14.54 39.90 -43.84
C GLN B 83 14.88 41.05 -42.91
N ARG B 84 15.76 41.93 -43.38
CA ARG B 84 16.20 43.06 -42.58
C ARG B 84 15.03 44.01 -42.41
N VAL B 85 14.79 44.47 -41.18
CA VAL B 85 13.71 45.42 -40.93
C VAL B 85 14.26 46.83 -41.01
N GLU B 86 15.24 47.10 -40.15
CA GLU B 86 15.88 48.41 -40.09
C GLU B 86 17.09 48.27 -39.20
N GLY B 87 18.18 48.95 -39.56
CA GLY B 87 19.37 48.83 -38.74
C GLY B 87 19.87 47.40 -38.71
N ASN B 88 20.12 46.88 -37.50
CA ASN B 88 20.63 45.51 -37.38
C ASN B 88 19.55 44.52 -36.97
N VAL B 89 18.29 44.95 -37.08
CA VAL B 89 17.16 44.10 -36.70
C VAL B 89 16.58 43.41 -37.92
N TRP B 90 16.43 42.09 -37.81
CA TRP B 90 15.90 41.25 -38.87
C TRP B 90 14.68 40.49 -38.38
N ARG B 91 13.87 40.01 -39.33
CA ARG B 91 12.61 39.35 -39.01
C ARG B 91 12.37 38.08 -39.81
N CYS B 92 11.77 37.07 -39.19
CA CYS B 92 11.37 35.89 -39.96
C CYS B 92 9.94 35.58 -39.50
N GLN B 93 9.20 34.86 -40.32
CA GLN B 93 7.81 34.54 -39.98
C GLN B 93 7.59 33.09 -40.37
N LEU B 94 6.92 32.36 -39.49
CA LEU B 94 6.67 30.94 -39.71
C LEU B 94 5.22 30.64 -39.44
N PRO B 95 4.70 29.60 -40.08
CA PRO B 95 3.30 29.22 -39.87
C PRO B 95 3.21 28.60 -38.45
N ASN B 96 2.13 28.84 -37.73
CA ASN B 96 2.02 28.24 -36.40
C ASN B 96 2.13 26.73 -36.47
N SER B 97 1.75 26.16 -37.61
CA SER B 97 1.83 24.72 -37.80
C SER B 97 3.27 24.20 -37.71
N PHE B 98 4.23 25.07 -37.93
CA PHE B 98 5.64 24.72 -37.83
C PHE B 98 5.98 24.19 -36.42
N PHE B 99 5.24 24.67 -35.43
CA PHE B 99 5.47 24.29 -34.03
C PHE B 99 4.50 23.26 -33.49
N GLY B 100 3.40 23.03 -34.20
CA GLY B 100 2.43 22.06 -33.73
C GLY B 100 1.79 22.47 -32.41
N GLU B 101 1.54 21.48 -31.55
CA GLU B 101 0.88 21.80 -30.28
C GLU B 101 1.73 22.62 -29.28
N PHE B 102 3.03 22.61 -29.42
CA PHE B 102 3.91 23.34 -28.49
C PHE B 102 4.72 24.43 -29.19
N ASN B 103 4.36 25.68 -28.96
CA ASN B 103 5.04 26.79 -29.63
C ASN B 103 5.83 27.57 -28.57
N PRO B 104 7.18 27.50 -28.63
CA PRO B 104 8.00 28.20 -27.63
C PRO B 104 7.81 29.70 -27.55
N TYR B 105 7.30 30.28 -28.62
CA TYR B 105 7.12 31.73 -28.64
C TYR B 105 5.82 32.16 -28.02
N LYS B 106 4.97 31.19 -27.73
CA LYS B 106 3.70 31.42 -27.06
C LYS B 106 3.79 30.96 -25.59
N GLU B 107 4.47 29.84 -25.38
CA GLU B 107 4.63 29.27 -24.03
C GLU B 107 5.51 30.16 -23.16
N GLU B 108 5.03 30.47 -21.96
CA GLU B 108 5.78 31.32 -21.03
C GLU B 108 6.57 30.52 -19.99
N VAL B 109 7.59 31.16 -19.43
CA VAL B 109 8.32 30.60 -18.29
C VAL B 109 7.24 30.89 -17.26
N PHE B 110 6.73 29.86 -16.62
CA PHE B 110 5.59 30.02 -15.73
C PHE B 110 5.49 28.99 -14.62
N GLY B 111 4.95 29.38 -13.48
CA GLY B 111 4.69 28.36 -12.47
C GLY B 111 5.06 28.66 -11.05
N ASP B 112 4.83 27.67 -10.21
CA ASP B 112 5.14 27.82 -8.80
C ASP B 112 6.62 28.21 -8.59
N TRP B 113 6.80 29.15 -7.67
CA TRP B 113 8.08 29.71 -7.24
C TRP B 113 8.85 30.47 -8.26
N LEU B 114 8.21 30.86 -9.35
CA LEU B 114 8.88 31.73 -10.34
C LEU B 114 8.69 33.10 -9.66
N LEU B 115 9.79 33.82 -9.42
CA LEU B 115 9.68 35.10 -8.70
C LEU B 115 9.63 36.33 -9.62
N THR B 116 10.24 36.21 -10.80
CA THR B 116 10.26 37.33 -11.76
C THR B 116 8.97 37.29 -12.60
N VAL B 117 7.86 37.70 -12.00
CA VAL B 117 6.58 37.67 -12.70
C VAL B 117 6.19 38.98 -13.39
N ASN B 118 7.01 40.03 -13.22
CA ASN B 118 6.72 41.30 -13.87
C ASN B 118 7.14 41.30 -15.31
N GLU B 119 8.29 40.72 -15.58
CA GLU B 119 8.79 40.67 -16.94
C GLU B 119 8.62 39.24 -17.44
N LYS B 120 7.59 39.04 -18.27
CA LYS B 120 7.30 37.74 -18.86
C LYS B 120 8.40 37.32 -19.80
N LYS B 121 8.73 36.03 -19.75
CA LYS B 121 9.72 35.47 -20.67
C LYS B 121 9.05 34.24 -21.29
N HIS B 122 9.54 33.85 -22.47
CA HIS B 122 8.99 32.70 -23.20
C HIS B 122 10.05 31.63 -23.37
N LEU B 123 9.65 30.47 -23.87
CA LEU B 123 10.57 29.35 -23.96
C LEU B 123 11.40 29.30 -25.23
N GLY B 124 11.14 30.27 -26.11
CA GLY B 124 11.90 30.33 -27.34
C GLY B 124 13.31 30.83 -27.09
N ASP B 125 14.11 30.82 -28.15
CA ASP B 125 15.49 31.31 -28.05
C ASP B 125 16.01 31.47 -29.49
N VAL B 126 17.01 32.34 -29.64
CA VAL B 126 17.65 32.56 -30.94
C VAL B 126 19.14 32.39 -30.71
N TYR B 127 19.83 31.80 -31.69
CA TYR B 127 21.26 31.53 -31.56
C TYR B 127 21.96 32.02 -32.81
N LEU B 128 23.14 32.61 -32.62
CA LEU B 128 23.96 33.08 -33.74
C LEU B 128 25.25 32.28 -33.59
N ASN B 129 25.49 31.37 -34.53
CA ASN B 129 26.66 30.50 -34.52
C ASN B 129 26.81 29.84 -33.15
N GLY B 130 25.70 29.37 -32.60
CA GLY B 130 25.76 28.68 -31.31
C GLY B 130 25.52 29.52 -30.06
N MET B 131 25.59 30.84 -30.20
CA MET B 131 25.41 31.71 -29.04
C MET B 131 23.98 32.17 -28.85
N SER B 132 23.38 31.86 -27.69
CA SER B 132 22.00 32.25 -27.43
C SER B 132 21.86 33.75 -27.17
N PHE B 133 20.65 34.24 -27.37
CA PHE B 133 20.30 35.65 -27.23
C PHE B 133 19.53 35.94 -25.94
N TYR B 134 19.27 37.23 -25.68
CA TYR B 134 18.46 37.67 -24.56
C TYR B 134 17.13 38.11 -25.11
N GLU B 135 16.03 37.68 -24.49
CA GLU B 135 14.71 38.10 -24.94
C GLU B 135 14.45 39.53 -24.47
N VAL B 136 13.73 40.32 -25.27
CA VAL B 136 13.32 41.66 -24.81
C VAL B 136 11.79 41.70 -24.86
N THR B 137 11.21 42.57 -24.04
CA THR B 137 9.77 42.67 -23.88
C THR B 137 8.96 43.35 -24.98
N ASN B 138 9.51 44.42 -25.53
CA ASN B 138 8.79 45.14 -26.57
C ASN B 138 9.59 45.27 -27.84
N TYR B 139 8.87 45.41 -28.96
CA TYR B 139 9.49 45.57 -30.25
C TYR B 139 10.56 46.69 -30.25
N GLU B 140 10.26 47.81 -29.57
CA GLU B 140 11.20 48.94 -29.54
C GLU B 140 12.54 48.61 -28.88
N ASP B 141 12.52 47.62 -27.98
CA ASP B 141 13.73 47.21 -27.26
C ASP B 141 14.77 46.50 -28.14
N LEU B 142 14.40 46.18 -29.36
CA LEU B 142 15.29 45.47 -30.27
C LEU B 142 16.36 46.29 -30.93
N PHE B 143 16.05 47.56 -31.14
CA PHE B 143 16.95 48.39 -31.95
C PHE B 143 18.24 48.96 -31.42
N ASN B 144 18.26 49.32 -30.14
CA ASN B 144 19.47 49.88 -29.57
C ASN B 144 19.73 49.18 -28.23
N PRO B 145 19.91 47.85 -28.24
CA PRO B 145 20.15 47.15 -26.96
C PRO B 145 21.39 47.65 -26.25
N GLN B 146 21.32 47.73 -24.92
CA GLN B 146 22.46 48.19 -24.15
C GLN B 146 23.39 47.08 -23.68
N LEU B 147 24.69 47.27 -23.87
CA LEU B 147 25.68 46.31 -23.41
C LEU B 147 25.67 46.36 -21.88
N ARG B 148 25.61 45.19 -21.25
CA ARG B 148 25.61 45.11 -19.79
C ARG B 148 26.83 44.31 -19.37
N THR B 149 27.52 44.75 -18.31
CA THR B 149 28.74 44.09 -17.90
C THR B 149 28.70 43.52 -16.48
N GLU B 150 27.66 43.87 -15.73
CA GLU B 150 27.51 43.34 -14.39
C GLU B 150 26.02 43.09 -14.16
N VAL B 151 25.69 42.24 -13.20
CA VAL B 151 24.30 41.89 -12.96
C VAL B 151 24.16 41.57 -11.48
N LEU B 152 22.95 41.77 -10.94
CA LEU B 152 22.72 41.48 -9.53
C LEU B 152 22.39 39.98 -9.34
N ASP B 153 23.16 39.30 -8.48
CA ASP B 153 22.85 37.88 -8.18
C ASP B 153 21.68 37.98 -7.22
N HIS B 154 20.53 37.45 -7.61
CA HIS B 154 19.33 37.60 -6.80
C HIS B 154 19.43 37.14 -5.34
N TRP B 155 19.92 35.94 -5.11
CA TRP B 155 19.94 35.47 -3.73
C TRP B 155 20.90 36.25 -2.85
N THR B 156 22.14 36.41 -3.31
CA THR B 156 23.13 37.07 -2.48
C THR B 156 23.02 38.61 -2.51
N GLN B 157 22.32 39.12 -3.51
CA GLN B 157 22.17 40.57 -3.67
C GLN B 157 23.52 41.23 -3.85
N LYS B 158 24.41 40.54 -4.53
CA LYS B 158 25.72 41.08 -4.82
C LYS B 158 25.77 41.37 -6.31
N ILE B 159 26.41 42.47 -6.69
CA ILE B 159 26.54 42.79 -8.11
C ILE B 159 27.76 42.02 -8.55
N VAL B 160 27.64 41.25 -9.62
CA VAL B 160 28.76 40.47 -10.09
C VAL B 160 28.95 40.67 -11.58
N PRO B 161 30.13 40.35 -12.10
CA PRO B 161 30.37 40.52 -13.54
C PRO B 161 29.53 39.59 -14.38
N ILE B 162 29.23 40.01 -15.59
CA ILE B 162 28.51 39.16 -16.53
C ILE B 162 29.65 38.52 -17.31
N LYS B 163 29.69 37.19 -17.26
CA LYS B 163 30.73 36.41 -17.92
C LYS B 163 30.88 36.78 -19.40
N ASN B 164 29.79 36.68 -20.15
CA ASN B 164 29.82 36.99 -21.59
C ASN B 164 29.07 38.30 -21.78
N ALA B 165 29.78 39.43 -21.65
CA ALA B 165 29.09 40.71 -21.77
C ALA B 165 28.62 41.02 -23.18
N GLU B 166 29.40 40.63 -24.18
CA GLU B 166 29.04 40.91 -25.58
C GLU B 166 27.67 40.31 -25.94
N GLN B 167 27.37 39.17 -25.35
CA GLN B 167 26.12 38.48 -25.61
C GLN B 167 24.92 39.32 -25.24
N THR B 168 25.08 40.24 -24.28
CA THR B 168 23.96 41.04 -23.85
C THR B 168 23.40 41.98 -24.94
N LYS B 169 24.18 42.23 -25.98
CA LYS B 169 23.70 43.09 -27.07
C LYS B 169 22.87 42.32 -28.11
N TYR B 170 22.77 41.00 -27.97
CA TYR B 170 22.03 40.19 -28.93
C TYR B 170 20.69 39.85 -28.33
N VAL B 171 19.65 40.45 -28.89
CA VAL B 171 18.29 40.32 -28.36
C VAL B 171 17.25 39.87 -29.35
N TRP B 172 16.19 39.28 -28.85
CA TRP B 172 15.10 38.79 -29.70
C TRP B 172 13.76 39.11 -29.11
N TYR B 173 12.75 39.14 -29.97
CA TYR B 173 11.40 39.46 -29.56
C TYR B 173 10.46 38.70 -30.52
N ALA B 174 9.36 38.16 -30.03
CA ALA B 174 8.46 37.45 -30.94
C ALA B 174 7.01 37.69 -30.64
N GLU B 175 6.18 37.43 -31.65
CA GLU B 175 4.73 37.56 -31.49
C GLU B 175 4.10 36.35 -32.14
N VAL B 176 3.01 35.87 -31.55
CA VAL B 176 2.30 34.74 -32.12
C VAL B 176 0.83 35.14 -32.20
N ASP B 177 0.23 35.08 -33.40
CA ASP B 177 -1.18 35.37 -33.46
C ASP B 177 -1.90 34.08 -33.84
N ARG B 178 -3.13 34.18 -34.32
CA ARG B 178 -3.85 32.94 -34.62
C ARG B 178 -3.29 32.15 -35.78
N GLU B 179 -2.44 32.77 -36.59
CA GLU B 179 -1.95 32.06 -37.78
C GLU B 179 -0.42 31.92 -37.91
N LYS B 180 0.29 32.98 -37.52
CA LYS B 180 1.73 33.04 -37.68
C LYS B 180 2.52 33.38 -36.44
N THR B 181 3.76 32.94 -36.47
CA THR B 181 4.75 33.23 -35.43
C THR B 181 5.81 34.11 -36.10
N THR B 182 6.00 35.31 -35.56
CA THR B 182 6.94 36.28 -36.13
C THR B 182 8.05 36.55 -35.10
N ILE B 183 9.29 36.35 -35.53
CA ILE B 183 10.44 36.51 -34.63
C ILE B 183 11.37 37.57 -35.17
N TYR B 184 11.75 38.51 -34.30
CA TYR B 184 12.67 39.60 -34.61
C TYR B 184 13.91 39.44 -33.76
N ALA B 185 15.07 39.80 -34.29
CA ALA B 185 16.29 39.71 -33.51
C ALA B 185 17.30 40.71 -34.02
N ASN B 186 18.15 41.20 -33.11
CA ASN B 186 19.21 42.14 -33.49
C ASN B 186 20.51 41.34 -33.65
N PHE B 187 21.04 41.25 -34.87
CA PHE B 187 22.25 40.49 -35.13
C PHE B 187 23.53 41.32 -35.14
N GLN B 188 23.41 42.55 -34.67
CA GLN B 188 24.52 43.49 -34.52
C GLN B 188 25.46 43.61 -35.71
N GLY B 189 24.91 43.53 -36.91
CA GLY B 189 25.74 43.70 -38.08
C GLY B 189 25.96 42.45 -38.92
N ALA B 190 25.71 41.28 -38.34
CA ALA B 190 25.87 40.04 -39.08
C ALA B 190 24.64 39.78 -39.95
N ASP B 191 24.81 39.01 -41.03
CA ASP B 191 23.69 38.66 -41.91
C ASP B 191 23.23 37.29 -41.39
N PRO B 192 22.03 37.22 -40.78
CA PRO B 192 21.56 35.94 -40.23
C PRO B 192 21.30 34.82 -41.21
N ASN B 193 21.17 35.13 -42.50
CA ASN B 193 20.97 34.06 -43.46
C ASN B 193 22.30 33.47 -43.88
N GLU B 194 23.36 34.27 -43.77
CA GLU B 194 24.70 33.82 -44.14
C GLU B 194 25.33 33.08 -42.95
N GLU B 195 25.19 33.64 -41.75
CA GLU B 195 25.72 33.02 -40.54
C GLU B 195 24.80 31.84 -40.23
N PHE B 196 25.14 31.06 -39.19
CA PHE B 196 24.32 29.89 -38.87
C PHE B 196 23.41 30.29 -37.71
N VAL B 197 22.16 30.59 -38.03
CA VAL B 197 21.19 31.04 -37.04
C VAL B 197 20.10 30.02 -36.83
N GLU B 198 19.87 29.69 -35.56
CA GLU B 198 18.88 28.70 -35.20
C GLU B 198 17.89 29.29 -34.20
N ILE B 199 16.71 28.68 -34.10
CA ILE B 199 15.74 29.12 -33.10
C ILE B 199 15.21 27.87 -32.39
N ASN B 200 14.81 28.03 -31.13
CA ASN B 200 14.20 26.89 -30.43
C ASN B 200 12.92 26.52 -31.14
N VAL B 201 12.61 25.22 -31.21
CA VAL B 201 11.37 24.79 -31.82
C VAL B 201 10.67 23.75 -30.95
N ARG B 202 11.39 22.67 -30.63
CA ARG B 202 10.82 21.59 -29.85
C ARG B 202 11.10 21.65 -28.34
N ARG B 203 10.19 21.06 -27.55
CA ARG B 203 10.36 21.12 -26.09
C ARG B 203 11.54 20.27 -25.58
N SER B 204 11.64 19.05 -26.09
CA SER B 204 12.68 18.13 -25.64
C SER B 204 13.42 17.49 -26.80
N CYS B 205 14.52 16.80 -26.47
CA CYS B 205 15.34 16.09 -27.45
C CYS B 205 15.25 14.57 -27.29
N PHE B 206 15.13 14.09 -26.05
CA PHE B 206 15.14 12.63 -25.82
C PHE B 206 14.34 12.40 -24.54
N TYR B 207 13.06 12.07 -24.70
CA TYR B 207 12.20 12.02 -23.54
C TYR B 207 10.95 11.25 -23.93
N PRO B 208 10.62 10.16 -23.21
CA PRO B 208 9.43 9.37 -23.55
C PRO B 208 8.16 10.15 -23.38
N VAL B 209 7.14 9.84 -24.17
CA VAL B 209 5.85 10.52 -23.97
C VAL B 209 4.88 9.69 -23.13
N GLU B 210 5.33 8.53 -22.66
CA GLU B 210 4.54 7.70 -21.75
C GLU B 210 5.46 7.52 -20.54
N THR B 211 4.90 7.29 -19.36
CA THR B 211 5.76 7.00 -18.21
C THR B 211 6.13 5.50 -18.22
N GLY B 212 7.01 5.08 -17.31
CA GLY B 212 7.33 3.66 -17.23
C GLY B 212 8.21 3.06 -18.32
N ILE B 213 8.81 3.90 -19.16
CA ILE B 213 9.69 3.38 -20.19
C ILE B 213 11.06 3.19 -19.55
N ASP B 214 11.17 2.09 -18.79
CA ASP B 214 12.40 1.80 -18.03
C ASP B 214 13.63 1.35 -18.85
N TYR B 215 14.75 1.29 -18.12
CA TYR B 215 15.97 0.69 -18.60
C TYR B 215 16.47 1.08 -19.98
N ILE B 216 16.62 2.37 -20.18
CA ILE B 216 17.12 2.89 -21.46
C ILE B 216 18.51 3.46 -21.15
N THR B 217 19.46 3.23 -22.03
CA THR B 217 20.80 3.82 -21.89
C THR B 217 20.94 4.79 -23.06
N VAL B 218 21.46 5.99 -22.82
CA VAL B 218 21.65 7.00 -23.88
C VAL B 218 23.09 7.43 -23.73
N LYS B 219 23.91 7.19 -24.75
CA LYS B 219 25.31 7.46 -24.62
C LYS B 219 26.00 8.06 -25.82
N GLY B 220 26.89 9.03 -25.56
CA GLY B 220 27.74 9.55 -26.62
C GLY B 220 27.27 10.62 -27.54
N PHE B 221 26.13 11.23 -27.21
CA PHE B 221 25.56 12.27 -28.03
C PHE B 221 25.84 13.67 -27.55
N GLU B 222 25.76 14.61 -28.49
CA GLU B 222 25.74 16.00 -28.08
C GLU B 222 24.22 16.31 -28.24
N MET B 223 23.60 16.98 -27.28
CA MET B 223 22.18 17.33 -27.40
C MET B 223 22.00 18.80 -27.01
N ALA B 224 21.16 19.52 -27.75
CA ALA B 224 21.07 20.94 -27.49
C ALA B 224 19.82 21.61 -28.01
N HIS B 225 19.58 22.81 -27.48
CA HIS B 225 18.48 23.72 -27.86
C HIS B 225 17.10 23.11 -27.61
N ALA B 226 16.66 23.11 -26.36
CA ALA B 226 15.39 22.53 -26.01
C ALA B 226 14.62 23.61 -25.28
N ALA B 227 13.38 23.78 -25.69
CA ALA B 227 12.50 24.80 -25.11
C ALA B 227 11.82 24.23 -23.88
N THR B 228 12.62 23.90 -22.85
CA THR B 228 12.02 23.27 -21.64
C THR B 228 11.37 24.29 -20.73
N PRO B 229 10.24 23.91 -20.10
CA PRO B 229 9.47 24.78 -19.22
C PRO B 229 9.97 24.84 -17.77
N TRP B 230 9.54 25.85 -17.04
CA TRP B 230 9.90 26.05 -15.62
C TRP B 230 9.44 24.74 -14.94
N ALA B 231 10.33 24.18 -14.11
CA ALA B 231 10.05 22.85 -13.56
C ALA B 231 10.13 22.74 -12.04
N PRO B 232 9.10 23.25 -11.34
CA PRO B 232 9.04 23.20 -9.86
C PRO B 232 8.64 21.78 -9.43
N PRO B 233 8.78 21.48 -8.13
CA PRO B 233 8.45 20.14 -7.62
C PRO B 233 7.00 19.81 -7.64
N THR B 234 6.18 20.86 -7.79
CA THR B 234 4.72 20.77 -7.78
C THR B 234 4.08 20.72 -9.20
N ALA B 235 4.89 20.52 -10.22
CA ALA B 235 4.36 20.43 -11.57
C ALA B 235 5.01 19.27 -12.30
N ASP B 236 4.58 19.04 -13.52
CA ASP B 236 5.25 18.07 -14.40
C ASP B 236 6.66 18.70 -14.53
N GLN B 237 7.69 17.87 -14.67
CA GLN B 237 9.07 18.37 -14.80
C GLN B 237 9.81 17.83 -16.03
N PRO B 238 9.37 18.22 -17.21
CA PRO B 238 10.02 17.77 -18.44
C PRO B 238 11.40 18.40 -18.54
N GLY B 239 12.30 17.77 -19.27
CA GLY B 239 13.62 18.33 -19.47
C GLY B 239 14.01 18.12 -20.92
N LEU B 240 15.25 18.45 -21.26
CA LEU B 240 15.75 18.24 -22.60
C LEU B 240 15.88 16.71 -22.81
N ILE B 241 16.31 16.02 -21.74
CA ILE B 241 16.41 14.56 -21.76
C ILE B 241 16.01 14.04 -20.38
N GLY B 242 15.32 12.91 -20.32
CA GLY B 242 14.95 12.41 -19.01
C GLY B 242 14.16 11.13 -19.11
N PRO B 243 14.05 10.34 -18.02
CA PRO B 243 13.31 9.08 -18.02
C PRO B 243 11.80 9.13 -17.92
N ASN B 244 11.25 10.30 -17.63
CA ASN B 244 9.82 10.48 -17.48
C ASN B 244 9.16 9.43 -16.61
N TRP B 245 9.55 9.42 -15.33
CA TRP B 245 8.88 8.60 -14.30
C TRP B 245 9.02 7.13 -14.61
N SER B 246 10.25 6.65 -14.49
CA SER B 246 10.53 5.27 -14.79
C SER B 246 11.77 4.89 -13.99
N LYS B 247 12.36 3.73 -14.30
CA LYS B 247 13.50 3.25 -13.52
C LYS B 247 14.65 2.75 -14.37
N GLY B 248 15.88 2.92 -13.86
CA GLY B 248 17.02 2.29 -14.46
C GLY B 248 17.66 2.87 -15.70
N TRP B 249 17.51 4.16 -15.92
CA TRP B 249 18.17 4.73 -17.12
C TRP B 249 19.64 4.95 -16.83
N ILE B 250 20.43 4.99 -17.89
CA ILE B 250 21.84 5.35 -17.74
C ILE B 250 22.04 6.43 -18.83
N ILE B 251 22.35 7.64 -18.40
CA ILE B 251 22.57 8.76 -19.32
C ILE B 251 24.07 9.07 -19.14
N GLU B 252 24.88 8.77 -20.17
CA GLU B 252 26.32 8.91 -19.98
C GLU B 252 27.07 9.38 -21.21
N ASP B 253 28.23 9.99 -20.98
CA ASP B 253 29.10 10.43 -22.06
C ASP B 253 28.45 11.38 -23.06
N ASN B 254 27.54 12.22 -22.60
CA ASN B 254 26.87 13.16 -23.49
C ASN B 254 27.34 14.58 -23.20
N ILE B 255 27.19 15.44 -24.20
CA ILE B 255 27.46 16.88 -24.05
C ILE B 255 26.09 17.50 -24.24
N ILE B 256 25.58 18.16 -23.20
CA ILE B 256 24.22 18.69 -23.21
C ILE B 256 24.23 20.18 -22.90
N HIS B 257 23.56 20.95 -23.75
CA HIS B 257 23.57 22.38 -23.47
C HIS B 257 22.38 23.13 -24.06
N ASP B 258 22.20 24.35 -23.60
CA ASP B 258 21.13 25.21 -24.08
C ASP B 258 19.71 24.69 -23.92
N ALA B 259 19.43 24.20 -22.71
CA ALA B 259 18.06 23.82 -22.37
C ALA B 259 17.54 25.14 -21.76
N LYS B 260 16.34 25.57 -22.16
CA LYS B 260 15.78 26.83 -21.65
C LYS B 260 15.77 26.85 -20.14
N CYS B 261 15.17 25.81 -19.56
CA CYS B 261 15.12 25.69 -18.13
C CYS B 261 16.01 24.50 -17.69
N SER B 262 15.44 23.31 -17.50
CA SER B 262 16.30 22.22 -17.01
C SER B 262 16.73 21.29 -18.13
N ALA B 263 17.97 20.80 -18.05
CA ALA B 263 18.50 19.93 -19.08
C ALA B 263 18.11 18.48 -18.81
N ILE B 264 18.75 17.83 -17.83
CA ILE B 264 18.38 16.45 -17.54
C ILE B 264 17.37 16.46 -16.41
N SER B 265 16.21 15.84 -16.63
CA SER B 265 15.22 15.76 -15.56
C SER B 265 15.01 14.33 -15.09
N ILE B 266 15.10 14.11 -13.77
CA ILE B 266 14.74 12.80 -13.22
C ILE B 266 13.66 13.19 -12.20
N GLY B 267 12.71 14.00 -12.69
CA GLY B 267 11.64 14.50 -11.84
C GLY B 267 10.32 13.79 -11.94
N LYS B 268 9.24 14.51 -11.62
CA LYS B 268 7.94 13.88 -11.61
C LYS B 268 7.09 14.24 -12.83
N GLU B 269 5.90 13.64 -12.90
CA GLU B 269 5.00 13.88 -14.03
C GLU B 269 3.77 14.61 -13.54
N ALA B 270 2.90 15.02 -14.47
CA ALA B 270 1.78 15.88 -14.09
C ALA B 270 0.66 15.35 -13.19
N THR B 271 0.36 14.05 -13.24
CA THR B 271 -0.80 13.59 -12.50
C THR B 271 -0.74 13.71 -11.01
N THR B 272 0.47 13.81 -10.47
CA THR B 272 0.58 13.91 -9.02
C THR B 272 0.54 15.37 -8.53
N GLY B 273 0.39 16.33 -9.45
CA GLY B 273 0.30 17.72 -9.08
C GLY B 273 0.81 18.60 -10.22
N ASN B 274 0.10 19.68 -10.56
CA ASN B 274 0.59 20.48 -11.69
C ASN B 274 0.32 21.98 -11.48
N ASN B 275 1.24 22.63 -10.75
CA ASN B 275 1.15 24.07 -10.46
C ASN B 275 -0.20 24.47 -9.83
N TYR B 276 -0.71 23.64 -8.92
CA TYR B 276 -1.99 23.97 -8.35
C TYR B 276 -1.95 25.31 -7.60
N ARG B 277 -0.84 25.63 -6.94
CA ARG B 277 -0.83 26.90 -6.23
C ARG B 277 -1.01 28.04 -7.26
N SER B 278 -0.28 27.97 -8.36
CA SER B 278 -0.36 29.08 -9.34
C SER B 278 -1.67 29.17 -10.09
N ILE B 279 -2.30 28.02 -10.29
CA ILE B 279 -3.54 27.97 -11.04
C ILE B 279 -4.79 28.11 -10.19
N ARG B 280 -4.85 27.41 -9.06
CA ARG B 280 -6.04 27.45 -8.20
C ARG B 280 -5.98 28.55 -7.16
N LYS B 281 -4.76 28.84 -6.70
CA LYS B 281 -4.51 29.93 -5.76
C LYS B 281 -5.12 29.84 -4.38
N ASP B 282 -5.57 28.65 -3.98
CA ASP B 282 -6.21 28.48 -2.70
C ASP B 282 -5.30 28.04 -1.57
N LYS B 283 -4.18 27.42 -1.93
CA LYS B 283 -3.21 26.90 -0.97
C LYS B 283 -1.81 27.15 -1.53
N PRO B 284 -0.80 27.30 -0.67
CA PRO B 284 0.57 27.54 -1.18
C PRO B 284 1.22 26.29 -1.78
N GLY B 285 2.29 26.51 -2.55
CA GLY B 285 3.03 25.39 -3.15
C GLY B 285 3.56 24.51 -2.04
N TYR B 286 3.85 25.09 -0.87
CA TYR B 286 4.32 24.28 0.28
C TYR B 286 3.31 23.15 0.58
N GLN B 287 2.03 23.52 0.66
CA GLN B 287 0.99 22.57 0.97
C GLN B 287 0.80 21.59 -0.18
N TYR B 288 0.86 22.10 -1.41
CA TYR B 288 0.69 21.20 -2.54
C TYR B 288 1.91 20.28 -2.75
N GLN B 289 3.08 20.70 -2.31
CA GLN B 289 4.22 19.81 -2.48
C GLN B 289 4.11 18.61 -1.55
N LEU B 290 3.75 18.83 -0.29
CA LEU B 290 3.69 17.67 0.61
C LEU B 290 2.58 16.72 0.15
N GLU B 291 1.52 17.26 -0.45
CA GLU B 291 0.46 16.41 -0.97
C GLU B 291 0.97 15.58 -2.17
N ALA B 292 1.77 16.18 -3.03
CA ALA B 292 2.27 15.46 -4.21
C ALA B 292 3.06 14.20 -3.79
N VAL B 293 3.79 14.27 -2.68
CA VAL B 293 4.53 13.10 -2.18
C VAL B 293 3.55 11.96 -1.92
N PHE B 294 2.45 12.23 -1.21
CA PHE B 294 1.48 11.16 -0.97
C PHE B 294 0.77 10.75 -2.26
N ASN B 295 0.48 11.70 -3.16
CA ASN B 295 -0.16 11.32 -4.44
C ASN B 295 0.76 10.33 -5.19
N ALA B 296 2.07 10.60 -5.17
CA ALA B 296 3.02 9.74 -5.88
C ALA B 296 3.11 8.37 -5.24
N LYS B 297 3.10 8.33 -3.91
CA LYS B 297 3.14 7.05 -3.23
C LYS B 297 1.96 6.17 -3.69
N ARG B 298 0.78 6.78 -3.84
CA ARG B 298 -0.37 6.00 -4.29
C ARG B 298 -0.25 5.54 -5.73
N ASN B 299 0.53 6.28 -6.53
CA ASN B 299 0.82 6.00 -7.94
C ASN B 299 2.09 5.02 -7.96
N GLY B 300 2.43 4.43 -6.83
CA GLY B 300 3.53 3.47 -6.84
C GLY B 300 4.99 3.95 -6.79
N TRP B 301 5.19 5.21 -6.41
CA TRP B 301 6.53 5.77 -6.27
C TRP B 301 7.21 4.92 -5.21
N SER B 302 8.19 4.13 -5.64
CA SER B 302 8.88 3.20 -4.74
C SER B 302 10.13 2.74 -5.44
N LYS B 303 11.04 2.13 -4.67
CA LYS B 303 12.27 1.63 -5.29
C LYS B 303 11.98 0.64 -6.40
N GLU B 304 10.89 -0.14 -6.27
CA GLU B 304 10.57 -1.15 -7.30
C GLU B 304 10.17 -0.56 -8.64
N LYS B 305 9.72 0.69 -8.66
CA LYS B 305 9.21 1.25 -9.91
C LYS B 305 9.86 2.51 -10.43
N ILE B 306 10.44 3.29 -9.53
CA ILE B 306 10.94 4.61 -9.92
C ILE B 306 12.35 4.89 -9.46
N GLY B 307 13.15 5.48 -10.32
CA GLY B 307 14.47 5.88 -9.89
C GLY B 307 15.61 4.98 -10.27
N SER B 308 16.63 4.93 -9.40
CA SER B 308 17.82 4.12 -9.65
C SER B 308 18.43 4.43 -11.03
N HIS B 309 18.46 5.71 -11.38
CA HIS B 309 19.04 6.15 -12.66
C HIS B 309 20.51 6.47 -12.40
N ILE B 310 21.31 6.47 -13.46
CA ILE B 310 22.72 6.80 -13.34
C ILE B 310 22.99 7.91 -14.34
N ILE B 311 23.54 9.04 -13.86
CA ILE B 311 23.86 10.15 -14.77
C ILE B 311 25.37 10.29 -14.59
N ARG B 312 26.13 9.91 -15.61
CA ARG B 312 27.56 9.95 -15.47
C ARG B 312 28.37 10.39 -16.67
N ASN B 313 29.50 11.03 -16.39
CA ASN B 313 30.43 11.42 -17.43
C ASN B 313 29.83 12.30 -18.50
N ASN B 314 28.95 13.20 -18.10
CA ASN B 314 28.35 14.14 -19.07
C ASN B 314 28.92 15.53 -18.80
N THR B 315 28.84 16.40 -19.80
CA THR B 315 29.23 17.80 -19.63
C THR B 315 27.89 18.51 -19.91
N ILE B 316 27.42 19.36 -19.00
CA ILE B 316 26.11 20.02 -19.14
C ILE B 316 26.28 21.49 -18.80
N TYR B 317 25.89 22.37 -19.73
CA TYR B 317 26.12 23.80 -19.47
C TYR B 317 25.15 24.68 -20.25
N ASP B 318 25.16 25.96 -19.89
CA ASP B 318 24.31 26.96 -20.53
C ASP B 318 22.83 26.62 -20.51
N CYS B 319 22.31 26.36 -19.31
CA CYS B 319 20.88 26.07 -19.12
C CYS B 319 20.35 27.15 -18.21
N GLY B 320 19.06 27.47 -18.33
CA GLY B 320 18.51 28.55 -17.55
C GLY B 320 18.00 28.22 -16.16
N GLN B 321 17.69 26.95 -15.91
CA GLN B 321 17.17 26.58 -14.59
C GLN B 321 18.13 25.58 -13.90
N ASN B 322 18.45 24.46 -14.55
CA ASN B 322 19.36 23.47 -13.95
C ASN B 322 20.04 22.59 -14.99
N ALA B 323 21.18 22.01 -14.62
CA ALA B 323 21.80 20.97 -15.47
C ALA B 323 21.02 19.68 -15.15
N ILE B 324 20.72 19.46 -13.86
CA ILE B 324 19.95 18.27 -13.47
C ILE B 324 18.88 18.71 -12.49
N VAL B 325 17.65 18.24 -12.67
CA VAL B 325 16.54 18.63 -11.82
C VAL B 325 15.66 17.42 -11.51
N GLY B 326 14.89 17.50 -10.43
CA GLY B 326 13.90 16.45 -10.23
C GLY B 326 13.37 16.23 -8.85
N HIS B 327 12.04 16.17 -8.71
CA HIS B 327 11.38 15.84 -7.45
C HIS B 327 10.83 14.41 -7.59
N LEU B 328 11.12 13.56 -6.59
CA LEU B 328 10.66 12.16 -6.53
C LEU B 328 11.24 11.16 -7.54
N GLY B 329 11.31 11.55 -8.81
CA GLY B 329 11.77 10.61 -9.83
C GLY B 329 13.21 10.18 -9.80
N GLY B 330 13.98 10.80 -8.90
CA GLY B 330 15.41 10.50 -8.81
C GLY B 330 15.84 9.65 -7.64
N VAL B 331 14.89 9.17 -6.86
CA VAL B 331 15.27 8.35 -5.72
C VAL B 331 16.22 7.20 -6.12
N PHE B 332 17.20 6.97 -5.24
CA PHE B 332 18.18 5.91 -5.37
C PHE B 332 19.12 6.06 -6.55
N SER B 333 19.16 7.24 -7.17
CA SER B 333 20.04 7.43 -8.33
C SER B 333 21.48 7.76 -7.96
N GLU B 334 22.35 7.74 -8.97
CA GLU B 334 23.76 8.04 -8.78
C GLU B 334 24.13 9.06 -9.86
N ILE B 335 24.81 10.13 -9.47
CA ILE B 335 25.17 11.22 -10.38
C ILE B 335 26.67 11.44 -10.18
N TYR B 336 27.48 11.05 -11.15
CA TYR B 336 28.91 11.20 -10.94
C TYR B 336 29.77 11.47 -12.16
N ASN B 337 30.91 12.06 -11.91
CA ASN B 337 31.87 12.37 -12.98
C ASN B 337 31.27 13.31 -14.04
N ASN B 338 30.37 14.21 -13.62
CA ASN B 338 29.80 15.16 -14.58
C ASN B 338 30.50 16.50 -14.44
N HIS B 339 30.53 17.26 -15.53
CA HIS B 339 31.12 18.60 -15.50
C HIS B 339 29.93 19.52 -15.80
N ILE B 340 29.55 20.30 -14.81
CA ILE B 340 28.40 21.18 -14.90
C ILE B 340 28.83 22.61 -14.71
N TYR B 341 28.48 23.48 -15.65
CA TYR B 341 28.89 24.88 -15.50
C TYR B 341 27.96 25.84 -16.25
N ASN B 342 28.08 27.13 -15.97
CA ASN B 342 27.27 28.16 -16.62
C ASN B 342 25.78 27.87 -16.52
N ILE B 343 25.30 27.63 -15.30
CA ILE B 343 23.89 27.37 -15.14
C ILE B 343 23.20 28.59 -14.55
N ALA B 344 22.26 29.15 -15.31
CA ALA B 344 21.43 30.29 -14.94
C ALA B 344 22.19 31.60 -14.83
N LEU B 345 23.22 31.77 -15.62
CA LEU B 345 23.98 33.00 -15.53
C LEU B 345 23.32 34.18 -16.24
N LYS B 346 22.52 33.92 -17.28
CA LYS B 346 21.87 35.03 -18.01
C LYS B 346 20.85 35.76 -17.15
N ARG B 347 20.26 35.03 -16.21
CA ARG B 347 19.27 35.59 -15.30
C ARG B 347 18.13 36.28 -16.01
N GLU B 348 17.64 35.65 -17.07
CA GLU B 348 16.50 36.24 -17.77
C GLU B 348 15.26 36.06 -16.90
N PHE B 349 15.28 35.05 -16.03
CA PHE B 349 14.15 34.82 -15.11
C PHE B 349 14.77 34.22 -13.87
N TYR B 350 14.08 34.28 -12.75
CA TYR B 350 14.63 33.77 -11.50
C TYR B 350 13.52 33.26 -10.61
N GLY B 351 13.86 32.28 -9.77
CA GLY B 351 12.85 31.72 -8.87
C GLY B 351 13.52 30.65 -8.04
N HIS B 352 12.76 30.04 -7.12
CA HIS B 352 13.34 29.09 -6.21
C HIS B 352 13.51 27.65 -6.70
N GLU B 353 13.94 27.49 -7.94
CA GLU B 353 14.16 26.16 -8.49
C GLU B 353 15.48 26.12 -9.22
N ILE B 354 16.26 27.21 -9.16
CA ILE B 354 17.52 27.28 -9.89
C ILE B 354 18.76 26.76 -9.16
N ALA B 355 19.54 25.91 -9.84
CA ALA B 355 20.82 25.36 -9.30
C ALA B 355 21.44 24.42 -10.34
N GLY B 356 22.76 24.24 -10.29
CA GLY B 356 23.41 23.31 -11.20
C GLY B 356 22.71 21.96 -11.09
N ILE B 357 22.62 21.46 -9.86
CA ILE B 357 21.88 20.22 -9.64
C ILE B 357 20.84 20.54 -8.58
N LYS B 358 19.57 20.27 -8.88
CA LYS B 358 18.57 20.45 -7.84
C LYS B 358 17.72 19.18 -7.76
N LEU B 359 17.58 18.63 -6.55
CA LEU B 359 16.76 17.42 -6.38
C LEU B 359 15.91 17.53 -5.13
N HIS B 360 14.62 17.22 -5.26
CA HIS B 360 13.73 17.16 -4.11
C HIS B 360 13.52 15.66 -3.86
N ALA B 361 13.57 15.26 -2.58
CA ALA B 361 13.42 13.86 -2.19
C ALA B 361 14.52 13.02 -2.83
N ALA B 362 15.78 13.44 -2.65
CA ALA B 362 16.93 12.72 -3.20
C ALA B 362 17.26 11.54 -2.28
N ILE B 363 16.30 10.66 -2.08
CA ILE B 363 16.52 9.55 -1.15
C ILE B 363 17.64 8.61 -1.58
N ASP B 364 18.62 8.42 -0.70
CA ASP B 364 19.79 7.55 -0.96
C ASP B 364 20.52 7.92 -2.27
N VAL B 365 20.37 9.15 -2.74
CA VAL B 365 21.05 9.51 -3.99
C VAL B 365 22.54 9.75 -3.69
N GLN B 366 23.41 9.27 -4.58
CA GLN B 366 24.88 9.43 -4.43
C GLN B 366 25.30 10.49 -5.46
N ILE B 367 25.88 11.61 -5.03
CA ILE B 367 26.31 12.70 -5.96
C ILE B 367 27.81 12.82 -5.67
N HIS B 368 28.64 12.35 -6.58
CA HIS B 368 30.06 12.33 -6.30
C HIS B 368 30.96 12.58 -7.51
N HIS B 369 32.18 13.08 -7.26
CA HIS B 369 33.12 13.32 -8.34
C HIS B 369 32.61 14.21 -9.43
N ASN B 370 31.81 15.21 -9.10
CA ASN B 370 31.35 16.15 -10.11
C ASN B 370 32.13 17.47 -9.99
N ARG B 371 32.26 18.18 -11.11
CA ARG B 371 32.96 19.48 -11.18
C ARG B 371 31.85 20.48 -11.48
N ILE B 372 31.56 21.37 -10.53
CA ILE B 372 30.44 22.29 -10.66
C ILE B 372 30.90 23.70 -10.41
N HIS B 373 30.86 24.52 -11.46
CA HIS B 373 31.38 25.88 -11.31
C HIS B 373 30.62 26.87 -12.17
N ASP B 374 30.78 28.16 -11.88
CA ASP B 374 30.06 29.18 -12.62
C ASP B 374 28.54 28.97 -12.65
N CYS B 375 27.98 28.70 -11.47
CA CYS B 375 26.54 28.57 -11.33
C CYS B 375 26.13 29.58 -10.27
N SER B 376 24.89 30.04 -10.28
CA SER B 376 24.46 30.94 -9.23
C SER B 376 24.30 30.10 -7.92
N LEU B 377 24.03 28.80 -8.06
CA LEU B 377 23.97 27.89 -6.87
C LEU B 377 24.41 26.54 -7.41
N GLY B 378 25.38 25.89 -6.78
CA GLY B 378 25.89 24.64 -7.34
C GLY B 378 24.96 23.46 -7.18
N LEU B 379 24.50 23.25 -5.95
CA LEU B 379 23.66 22.09 -5.62
C LEU B 379 22.59 22.48 -4.61
N TRP B 380 21.38 22.04 -4.85
CA TRP B 380 20.27 22.32 -3.96
C TRP B 380 19.52 21.00 -3.70
N LEU B 381 19.58 20.50 -2.44
CA LEU B 381 18.84 19.30 -2.02
C LEU B 381 17.71 19.94 -1.24
N ASP B 382 16.47 19.67 -1.64
CA ASP B 382 15.33 20.40 -1.10
C ASP B 382 14.21 19.40 -0.77
N TRP B 383 14.02 19.17 0.53
CA TRP B 383 13.10 18.21 1.11
C TRP B 383 13.64 16.77 0.99
N GLU B 384 13.45 16.00 2.06
CA GLU B 384 13.74 14.58 2.00
C GLU B 384 15.10 14.14 1.48
N ALA B 385 16.12 14.88 1.88
CA ALA B 385 17.50 14.51 1.57
C ALA B 385 17.79 13.47 2.65
N GLN B 386 17.29 12.25 2.47
CA GLN B 386 17.49 11.21 3.49
C GLN B 386 18.34 10.15 2.85
N GLY B 387 19.52 9.96 3.43
CA GLY B 387 20.43 8.99 2.89
C GLY B 387 21.28 9.57 1.76
N THR B 388 21.01 10.80 1.37
CA THR B 388 21.78 11.43 0.28
C THR B 388 23.27 11.56 0.69
N ARG B 389 24.19 11.33 -0.25
CA ARG B 389 25.60 11.46 0.05
C ARG B 389 26.21 12.31 -1.05
N VAL B 390 26.80 13.45 -0.67
CA VAL B 390 27.44 14.39 -1.60
C VAL B 390 28.91 14.22 -1.22
N SER B 391 29.66 13.59 -2.11
CA SER B 391 31.03 13.22 -1.78
C SER B 391 32.04 13.48 -2.93
N LYS B 392 33.23 13.98 -2.57
CA LYS B 392 34.31 14.15 -3.53
C LYS B 392 33.98 15.00 -4.73
N ASN B 393 33.20 16.05 -4.50
CA ASN B 393 32.83 16.98 -5.58
C ASN B 393 33.74 18.25 -5.50
N LEU B 394 33.87 18.89 -6.65
CA LEU B 394 34.67 20.11 -6.79
C LEU B 394 33.74 21.27 -7.12
N PHE B 395 33.56 22.20 -6.17
CA PHE B 395 32.71 23.37 -6.34
C PHE B 395 33.58 24.62 -6.27
N TYR B 396 33.52 25.45 -7.31
CA TYR B 396 34.28 26.71 -7.30
C TYR B 396 33.61 27.74 -8.19
N ASN B 397 33.94 29.01 -7.98
CA ASN B 397 33.39 30.09 -8.78
C ASN B 397 31.85 30.08 -8.91
N ASN B 398 31.17 29.73 -7.83
CA ASN B 398 29.71 29.79 -7.83
C ASN B 398 29.32 30.92 -6.87
N ASN B 399 28.14 31.49 -7.05
CA ASN B 399 27.72 32.50 -6.10
C ASN B 399 27.47 31.80 -4.76
N ARG B 400 26.99 30.56 -4.81
CA ARG B 400 26.81 29.74 -3.58
C ARG B 400 27.11 28.31 -4.01
N ASP B 401 27.70 27.49 -3.13
CA ASP B 401 27.97 26.12 -3.56
C ASP B 401 26.83 25.13 -3.27
N VAL B 402 26.48 24.95 -2.00
CA VAL B 402 25.48 23.95 -1.60
C VAL B 402 24.36 24.45 -0.72
N PHE B 403 23.14 23.99 -0.95
CA PHE B 403 21.98 24.39 -0.14
C PHE B 403 21.22 23.10 0.22
N VAL B 404 21.06 22.78 1.52
CA VAL B 404 20.26 21.61 1.93
C VAL B 404 19.11 22.23 2.68
N GLU B 405 17.91 22.11 2.10
CA GLU B 405 16.73 22.75 2.64
C GLU B 405 15.68 21.79 3.17
N VAL B 406 15.12 22.16 4.32
CA VAL B 406 14.06 21.45 5.04
C VAL B 406 14.16 19.94 5.01
N SER B 407 15.38 19.47 5.29
CA SER B 407 15.61 18.02 5.36
C SER B 407 16.00 17.67 6.78
N HIS B 408 15.88 16.37 7.07
CA HIS B 408 16.12 15.82 8.42
C HIS B 408 17.22 14.80 8.45
N GLY B 409 17.76 14.49 7.28
CA GLY B 409 18.85 13.51 7.17
C GLY B 409 18.38 12.09 7.46
N PRO B 410 19.31 11.17 7.73
CA PRO B 410 20.78 11.42 7.78
C PRO B 410 21.34 11.71 6.39
N TYR B 411 21.99 12.84 6.21
CA TYR B 411 22.58 13.13 4.89
C TYR B 411 24.04 13.43 5.13
N LEU B 412 24.88 13.13 4.13
CA LEU B 412 26.31 13.24 4.30
C LEU B 412 26.93 14.09 3.22
N VAL B 413 27.85 14.97 3.64
CA VAL B 413 28.58 15.84 2.73
C VAL B 413 30.04 15.58 3.14
N ASP B 414 30.78 14.83 2.33
CA ASP B 414 32.14 14.44 2.73
C ASP B 414 33.16 14.55 1.62
N HIS B 415 34.39 14.90 2.02
CA HIS B 415 35.50 14.99 1.10
C HIS B 415 35.29 15.87 -0.10
N ASN B 416 34.56 16.97 0.10
CA ASN B 416 34.31 17.88 -1.02
C ASN B 416 35.20 19.13 -0.86
N ILE B 417 35.34 19.86 -1.96
CA ILE B 417 36.04 21.13 -1.98
C ILE B 417 34.89 22.13 -2.23
N LEU B 418 34.51 22.91 -1.22
CA LEU B 418 33.44 23.91 -1.37
C LEU B 418 34.23 25.21 -1.23
N SER B 419 34.67 25.70 -2.37
CA SER B 419 35.57 26.83 -2.35
C SER B 419 34.96 28.19 -2.60
N SER B 420 33.65 28.28 -2.84
CA SER B 420 33.07 29.58 -3.11
C SER B 420 32.89 30.40 -1.82
N GLU B 421 32.69 31.71 -1.95
CA GLU B 421 32.61 32.57 -0.77
C GLU B 421 31.40 32.39 0.11
N TYR B 422 30.34 31.83 -0.48
CA TYR B 422 29.12 31.55 0.28
C TYR B 422 29.07 30.04 -0.02
N ALA B 423 29.46 29.24 0.98
CA ALA B 423 29.60 27.80 0.76
C ALA B 423 28.36 26.97 0.98
N ILE B 424 27.68 27.26 2.08
CA ILE B 424 26.54 26.46 2.50
C ILE B 424 25.33 27.19 3.04
N ASP B 425 24.16 26.87 2.49
CA ASP B 425 22.90 27.33 3.07
C ASP B 425 22.43 26.03 3.75
N ASN B 426 22.27 26.07 5.08
CA ASN B 426 21.85 24.89 5.84
C ASN B 426 20.53 25.21 6.54
N MET B 427 19.42 24.77 5.96
CA MET B 427 18.10 25.01 6.55
C MET B 427 17.53 23.64 6.86
N SER B 428 18.40 22.80 7.43
CA SER B 428 18.05 21.41 7.71
C SER B 428 18.62 20.99 9.05
N GLN B 429 18.45 19.71 9.35
CA GLN B 429 19.03 19.09 10.54
C GLN B 429 19.39 17.68 10.10
N GLY B 430 20.22 17.00 10.89
CA GLY B 430 20.60 15.64 10.53
C GLY B 430 21.73 15.48 9.55
N GLY B 431 22.60 16.48 9.42
CA GLY B 431 23.67 16.34 8.45
C GLY B 431 25.00 15.93 9.05
N ALA B 432 25.91 15.43 8.23
CA ALA B 432 27.26 15.07 8.69
C ALA B 432 28.18 15.67 7.63
N TYR B 433 29.06 16.57 8.04
CA TYR B 433 29.98 17.26 7.11
C TYR B 433 31.32 16.73 7.56
N ILE B 434 31.90 15.88 6.71
CA ILE B 434 33.11 15.19 7.07
C ILE B 434 34.24 15.37 6.09
N ASN B 435 35.40 15.83 6.58
CA ASN B 435 36.59 15.92 5.74
C ASN B 435 36.45 16.83 4.51
N ASN B 436 35.71 17.92 4.63
CA ASN B 436 35.58 18.85 3.51
C ASN B 436 36.60 20.00 3.64
N LEU B 437 36.79 20.74 2.55
CA LEU B 437 37.56 21.98 2.59
C LEU B 437 36.38 22.98 2.37
N ILE B 438 36.14 23.90 3.32
CA ILE B 438 35.02 24.82 3.21
C ILE B 438 35.60 26.22 3.34
N ALA B 439 35.57 26.98 2.23
CA ALA B 439 36.18 28.31 2.21
C ALA B 439 35.17 29.46 2.09
N GLY B 440 33.95 29.24 2.57
CA GLY B 440 32.94 30.27 2.46
C GLY B 440 32.00 30.20 3.64
N LYS B 441 31.12 31.17 3.71
CA LYS B 441 30.22 31.17 4.81
C LYS B 441 29.11 30.12 4.79
N MET B 442 28.60 29.86 5.99
CA MET B 442 27.47 28.98 6.11
C MET B 442 26.36 29.82 6.73
N ASN B 443 25.18 29.79 6.09
CA ASN B 443 23.99 30.45 6.59
C ASN B 443 23.13 29.29 7.15
N GLN B 444 23.02 29.17 8.47
CA GLN B 444 22.24 28.09 9.09
C GLN B 444 21.02 28.68 9.78
N ARG B 445 19.83 28.16 9.44
CA ARG B 445 18.62 28.69 9.99
C ARG B 445 17.56 27.63 10.23
N LYS B 446 16.79 27.81 11.30
CA LYS B 446 15.70 26.88 11.64
C LYS B 446 14.56 27.16 10.63
N VAL B 447 13.63 26.21 10.50
CA VAL B 447 12.44 26.39 9.66
C VAL B 447 11.30 25.86 10.49
N LEU B 448 10.67 26.79 11.23
CA LEU B 448 9.61 26.39 12.13
C LEU B 448 8.20 26.47 11.57
N ASN B 449 8.03 26.91 10.34
CA ASN B 449 6.66 27.02 9.79
C ASN B 449 6.46 26.12 8.59
N ARG B 450 7.38 25.20 8.36
CA ARG B 450 7.21 24.23 7.27
C ARG B 450 7.65 22.86 7.81
N SER B 451 6.73 21.90 7.78
CA SER B 451 7.05 20.53 8.21
C SER B 451 7.15 19.70 6.93
N THR B 452 8.11 18.79 6.87
CA THR B 452 8.33 17.98 5.66
C THR B 452 8.59 16.53 6.04
N GLN B 453 8.27 15.64 5.12
CA GLN B 453 8.38 14.20 5.41
C GLN B 453 9.74 13.62 5.67
N TYR B 454 9.75 12.51 6.44
CA TYR B 454 10.96 11.69 6.56
C TYR B 454 10.43 10.27 6.31
N HIS B 455 11.35 9.33 6.09
CA HIS B 455 10.99 8.02 5.65
C HIS B 455 11.56 6.87 6.42
N LEU B 456 11.06 5.67 6.14
CA LEU B 456 11.75 4.51 6.70
C LEU B 456 13.08 4.47 5.91
N PRO B 457 14.15 3.91 6.49
CA PRO B 457 15.43 3.86 5.77
C PRO B 457 15.37 3.09 4.44
N HIS B 458 16.09 3.61 3.44
CA HIS B 458 16.21 2.96 2.14
C HIS B 458 14.89 2.66 1.50
N SER B 459 13.97 3.61 1.62
CA SER B 459 12.63 3.40 1.13
C SER B 459 11.89 4.71 0.90
N THR B 460 10.82 4.64 0.10
CA THR B 460 10.00 5.82 -0.09
C THR B 460 8.85 5.81 0.96
N GLU B 461 8.69 4.72 1.71
CA GLU B 461 7.63 4.67 2.74
C GLU B 461 7.81 5.87 3.68
N VAL B 462 6.72 6.56 3.95
CA VAL B 462 6.75 7.73 4.81
C VAL B 462 6.70 7.31 6.29
N ALA B 463 7.61 7.85 7.09
CA ALA B 463 7.64 7.52 8.50
C ALA B 463 7.04 8.61 9.37
N GLY B 464 7.04 9.85 8.87
CA GLY B 464 6.51 10.94 9.65
C GLY B 464 6.87 12.23 8.94
N PHE B 465 6.78 13.36 9.64
CA PHE B 465 7.17 14.66 9.05
C PHE B 465 7.59 15.53 10.23
N ALA B 466 8.45 16.51 9.97
CA ALA B 466 8.92 17.37 11.03
C ALA B 466 9.34 18.74 10.53
N PHE B 467 9.29 19.71 11.47
CA PHE B 467 9.84 21.06 11.25
C PHE B 467 11.34 20.89 11.46
N VAL B 468 12.12 21.91 11.06
CA VAL B 468 13.58 21.92 11.25
C VAL B 468 13.87 22.79 12.47
N TYR B 469 14.28 22.14 13.55
CA TYR B 469 14.59 22.82 14.79
C TYR B 469 16.01 23.33 14.80
N GLY B 470 16.84 22.87 13.85
CA GLY B 470 18.22 23.34 13.77
C GLY B 470 19.18 22.49 14.59
N GLY B 471 20.41 22.38 14.10
CA GLY B 471 21.37 21.56 14.84
C GLY B 471 21.24 20.09 14.44
N ASP B 472 21.63 19.21 15.35
CA ASP B 472 21.68 17.77 15.10
C ASP B 472 22.52 17.59 13.85
N ASP B 473 23.66 18.28 13.84
CA ASP B 473 24.61 18.18 12.74
C ASP B 473 25.97 17.69 13.28
N ARG B 474 26.71 16.99 12.42
CA ARG B 474 28.07 16.54 12.76
C ARG B 474 29.06 17.26 11.86
N PHE B 475 30.19 17.67 12.43
CA PHE B 475 31.26 18.30 11.65
C PHE B 475 32.57 17.75 12.17
N TYR B 476 33.27 16.97 11.35
CA TYR B 476 34.55 16.38 11.73
C TYR B 476 35.56 16.51 10.60
N ASN B 477 36.79 16.85 10.98
CA ASN B 477 37.89 16.87 10.02
C ASN B 477 37.77 17.83 8.86
N ASN B 478 37.06 18.93 9.06
CA ASN B 478 36.93 19.90 7.98
C ASN B 478 38.00 20.97 8.13
N ILE B 479 38.40 21.56 7.01
CA ILE B 479 39.34 22.70 7.04
C ILE B 479 38.45 23.88 6.64
N PHE B 480 38.28 24.84 7.56
CA PHE B 480 37.45 26.02 7.27
C PHE B 480 38.41 27.20 7.01
N ILE B 481 38.10 27.99 5.99
CA ILE B 481 38.95 29.15 5.67
C ILE B 481 38.06 30.38 5.50
N GLY B 482 38.26 31.37 6.38
CA GLY B 482 37.49 32.60 6.31
C GLY B 482 38.16 33.57 5.35
N LYS B 483 37.69 34.82 5.31
CA LYS B 483 38.25 35.81 4.37
C LYS B 483 37.81 37.18 4.87
N GLU B 484 38.67 38.19 4.72
CA GLU B 484 38.26 39.52 5.19
C GLU B 484 36.98 39.92 4.46
N GLY B 485 36.01 40.43 5.19
CA GLY B 485 34.76 40.84 4.58
C GLY B 485 33.72 39.73 4.50
N LEU B 486 34.09 38.55 4.97
CA LEU B 486 33.21 37.38 4.93
C LEU B 486 32.86 36.97 6.35
N GLU B 487 31.59 36.81 6.66
CA GLU B 487 31.24 36.44 8.02
C GLU B 487 30.62 35.03 8.09
N ASN B 488 30.51 34.50 9.30
CA ASN B 488 29.92 33.19 9.52
C ASN B 488 30.54 31.97 8.84
N VAL B 489 31.88 31.95 8.76
CA VAL B 489 32.58 30.81 8.22
C VAL B 489 32.98 29.98 9.47
N GLY B 490 32.68 28.68 9.44
CA GLY B 490 33.04 27.85 10.59
C GLY B 490 31.86 27.09 11.18
N THR B 491 31.88 26.94 12.51
CA THR B 491 30.85 26.20 13.24
C THR B 491 30.36 26.94 14.50
N SER B 492 30.68 28.23 14.62
CA SER B 492 30.24 29.00 15.78
C SER B 492 28.72 29.11 15.79
N HIS B 493 28.10 28.81 14.64
CA HIS B 493 26.67 28.88 14.50
C HIS B 493 25.95 28.07 15.53
N TYR B 494 26.58 26.98 15.96
CA TYR B 494 25.96 26.06 16.91
C TYR B 494 26.32 26.33 18.37
N ASN B 495 26.86 27.51 18.67
CA ASN B 495 27.26 27.78 20.05
C ASN B 495 26.29 27.48 21.18
N ASN B 496 24.98 27.60 20.96
CA ASN B 496 24.07 27.27 22.06
C ASN B 496 23.55 25.82 22.05
N CYS B 497 24.09 25.00 21.17
CA CYS B 497 23.62 23.62 21.08
C CYS B 497 24.18 22.72 22.17
N THR B 498 23.47 21.63 22.44
CA THR B 498 23.94 20.64 23.41
C THR B 498 25.06 19.85 22.70
N THR B 499 25.84 19.05 23.43
CA THR B 499 26.96 18.34 22.80
C THR B 499 26.84 16.84 22.66
N SER B 500 25.68 16.29 23.02
CA SER B 500 25.41 14.87 22.87
C SER B 500 23.91 14.68 23.00
N LEU B 501 23.42 13.57 22.47
CA LEU B 501 22.01 13.30 22.60
C LEU B 501 21.71 13.04 24.09
N GLU B 502 22.69 12.51 24.84
CA GLU B 502 22.47 12.26 26.28
C GLU B 502 22.21 13.59 27.01
N GLU B 503 23.01 14.60 26.66
CA GLU B 503 22.83 15.92 27.30
C GLU B 503 21.48 16.53 26.92
N TYR B 504 21.13 16.41 25.64
CA TYR B 504 19.85 16.94 25.17
C TYR B 504 18.69 16.27 25.95
N ILE B 505 18.73 14.95 26.05
CA ILE B 505 17.67 14.22 26.74
C ILE B 505 17.60 14.59 28.22
N GLU B 506 18.75 14.71 28.88
CA GLU B 506 18.75 15.07 30.29
C GLU B 506 18.14 16.47 30.51
N LYS B 507 18.51 17.42 29.64
CA LYS B 507 17.98 18.78 29.80
C LYS B 507 16.50 18.86 29.51
N VAL B 508 16.05 18.18 28.45
CA VAL B 508 14.64 18.20 28.14
C VAL B 508 13.82 17.61 29.25
N ASN B 509 14.35 16.56 29.86
CA ASN B 509 13.58 15.87 30.85
C ASN B 509 13.68 16.34 32.30
N GLU B 510 14.26 17.53 32.48
CA GLU B 510 14.40 18.12 33.81
C GLU B 510 13.02 18.47 34.39
N VAL B 511 12.13 18.92 33.51
CA VAL B 511 10.78 19.34 33.86
C VAL B 511 9.76 18.52 33.05
N PRO B 512 8.78 17.89 33.71
CA PRO B 512 7.80 17.09 32.95
C PRO B 512 7.03 17.91 31.91
N GLY B 513 6.65 17.25 30.82
CA GLY B 513 5.90 17.93 29.77
C GLY B 513 6.05 17.21 28.44
N ASP B 514 5.65 17.84 27.34
CA ASP B 514 5.81 17.18 26.06
C ASP B 514 6.54 18.09 25.08
N LEU B 515 5.96 18.32 23.91
CA LEU B 515 6.63 19.12 22.88
C LEU B 515 7.28 20.41 23.38
N GLY B 516 6.59 21.16 24.23
CA GLY B 516 7.14 22.43 24.71
C GLY B 516 8.50 22.28 25.41
N GLU B 517 8.68 21.19 26.15
CA GLU B 517 9.94 21.01 26.85
C GLU B 517 11.04 20.65 25.85
N PHE B 518 10.70 19.91 24.79
CA PHE B 518 11.70 19.57 23.80
C PHE B 518 12.09 20.83 23.04
N GLU B 519 11.10 21.66 22.73
CA GLU B 519 11.38 22.87 21.94
C GLU B 519 12.29 23.87 22.67
N ARG B 520 12.31 23.83 23.99
CA ARG B 520 13.14 24.80 24.71
C ARG B 520 14.61 24.44 24.80
N VAL B 521 15.00 23.25 24.31
CA VAL B 521 16.40 22.82 24.38
C VAL B 521 16.94 22.72 22.96
N GLU B 522 18.15 23.24 22.74
CA GLU B 522 18.73 23.17 21.40
C GLU B 522 19.25 21.74 21.16
N GLN B 523 19.06 21.27 19.93
CA GLN B 523 19.49 19.93 19.54
C GLN B 523 21.02 19.78 19.66
N PRO B 524 21.51 18.54 19.78
CA PRO B 524 22.95 18.34 19.90
C PRO B 524 23.74 18.50 18.62
N VAL B 525 25.01 18.85 18.76
CA VAL B 525 25.91 18.85 17.61
C VAL B 525 27.12 18.01 18.01
N TYR B 526 27.77 17.44 17.01
CA TYR B 526 28.88 16.50 17.20
C TYR B 526 30.00 17.09 16.36
N ILE B 527 30.86 17.87 17.00
CA ILE B 527 31.88 18.62 16.26
C ILE B 527 33.24 18.45 16.88
N ASN B 528 34.19 17.97 16.08
CA ASN B 528 35.56 17.81 16.57
C ASN B 528 36.56 17.67 15.45
N LYS B 529 37.81 17.95 15.79
CA LYS B 529 38.90 17.80 14.85
C LYS B 529 38.81 18.61 13.55
N ASN B 530 38.30 19.85 13.68
CA ASN B 530 38.27 20.75 12.51
C ASN B 530 39.38 21.83 12.67
N ALA B 531 39.78 22.42 11.55
CA ALA B 531 40.77 23.51 11.56
C ALA B 531 40.04 24.77 11.07
N TYR B 532 40.44 25.92 11.59
CA TYR B 532 39.80 27.20 11.28
C TYR B 532 40.89 28.24 11.00
N PHE B 533 40.98 28.67 9.75
CA PHE B 533 42.01 29.63 9.36
C PHE B 533 41.41 30.90 8.79
N ASN B 534 42.23 31.96 8.84
CA ASN B 534 41.86 33.23 8.22
C ASN B 534 40.54 33.83 8.63
N GLY B 535 40.14 33.67 9.88
CA GLY B 535 38.92 34.31 10.32
C GLY B 535 37.74 33.39 10.52
N ALA B 536 37.86 32.13 10.12
CA ALA B 536 36.78 31.16 10.37
C ALA B 536 36.71 31.00 11.90
N GLU B 537 35.52 30.76 12.45
CA GLU B 537 35.36 30.62 13.91
C GLU B 537 34.73 29.30 14.29
N PRO B 538 35.23 28.67 15.36
CA PRO B 538 34.71 27.38 15.85
C PRO B 538 33.59 27.41 16.84
N PHE B 539 32.91 26.27 16.93
CA PHE B 539 31.89 25.99 17.93
C PHE B 539 32.72 26.12 19.24
N GLU B 540 32.23 26.90 20.17
CA GLU B 540 32.97 27.17 21.41
C GLU B 540 33.21 25.93 22.25
N LYS B 541 32.36 24.93 22.11
CA LYS B 541 32.56 23.74 22.94
C LYS B 541 33.33 22.62 22.25
N GLU B 542 33.88 22.89 21.08
CA GLU B 542 34.63 21.86 20.35
C GLU B 542 35.87 21.48 21.17
N LYS B 543 36.09 20.19 21.38
CA LYS B 543 37.22 19.83 22.23
C LYS B 543 38.61 19.88 21.61
N ASP B 544 38.73 19.36 20.41
CA ASP B 544 40.04 19.28 19.78
C ASP B 544 40.02 19.95 18.42
N ASN B 545 40.56 21.17 18.31
CA ASN B 545 40.61 21.83 17.01
C ASN B 545 41.90 22.65 16.83
N LEU B 546 42.04 23.26 15.66
CA LEU B 546 43.22 24.08 15.35
C LEU B 546 42.66 25.41 14.89
N VAL B 547 42.94 26.48 15.62
CA VAL B 547 42.42 27.78 15.21
C VAL B 547 43.58 28.73 15.03
N LYS B 548 43.73 29.26 13.82
CA LYS B 548 44.80 30.22 13.51
C LYS B 548 44.18 31.30 12.65
N LYS B 549 43.63 32.31 13.32
CA LYS B 549 42.94 33.40 12.64
C LYS B 549 43.84 34.26 11.78
N ASP B 550 45.13 34.28 12.09
CA ASP B 550 46.02 35.12 11.31
C ASP B 550 46.73 34.34 10.26
N PHE B 551 46.37 33.07 10.10
CA PHE B 551 47.00 32.30 9.07
C PHE B 551 46.17 32.34 7.78
N ASP B 552 46.80 32.73 6.67
CA ASP B 552 46.12 32.87 5.37
C ASP B 552 46.56 31.79 4.40
N PRO B 553 45.68 30.78 4.15
CA PRO B 553 46.02 29.67 3.24
C PRO B 553 46.17 30.09 1.78
N LYS B 554 45.73 31.30 1.44
CA LYS B 554 45.87 31.79 0.06
C LYS B 554 45.32 30.75 -0.92
N LEU B 555 44.14 30.24 -0.60
CA LEU B 555 43.49 29.24 -1.44
C LEU B 555 43.20 29.74 -2.85
N ALA B 556 43.52 28.94 -3.85
CA ALA B 556 43.18 29.30 -5.22
C ALA B 556 42.80 28.04 -5.99
N ILE B 557 41.76 28.12 -6.81
CA ILE B 557 41.39 26.99 -7.67
C ILE B 557 41.80 27.52 -9.04
N ILE B 558 42.67 26.79 -9.74
CA ILE B 558 43.17 27.23 -11.04
C ILE B 558 42.59 26.35 -12.13
N ASP B 559 41.69 26.93 -12.91
CA ASP B 559 41.00 26.19 -13.97
C ASP B 559 41.74 26.40 -15.27
N GLU B 560 42.38 25.35 -15.79
CA GLU B 560 43.12 25.45 -17.05
C GLU B 560 42.32 24.78 -18.19
N GLY B 561 41.00 24.69 -18.01
CA GLY B 561 40.19 24.05 -19.03
C GLY B 561 39.92 22.59 -18.69
N ASP B 562 40.66 21.66 -19.30
CA ASP B 562 40.42 20.26 -19.02
C ASP B 562 40.94 19.83 -17.65
N GLU B 563 41.96 20.52 -17.13
CA GLU B 563 42.54 20.19 -15.84
C GLU B 563 42.29 21.32 -14.87
N VAL B 564 42.17 21.00 -13.58
CA VAL B 564 41.95 22.01 -12.58
C VAL B 564 42.92 21.70 -11.42
N TYR B 565 43.48 22.73 -10.84
CA TYR B 565 44.44 22.57 -9.74
C TYR B 565 44.03 23.32 -8.49
N LEU B 566 44.42 22.78 -7.34
CA LEU B 566 44.13 23.39 -6.04
C LEU B 566 45.47 23.91 -5.50
N SER B 567 45.53 25.19 -5.12
CA SER B 567 46.76 25.79 -4.56
C SER B 567 46.38 26.18 -3.14
N LEU B 568 47.15 25.70 -2.17
CA LEU B 568 46.79 25.98 -0.79
C LEU B 568 48.02 25.94 0.12
N GLN B 569 48.13 26.89 1.04
CA GLN B 569 49.23 26.89 2.01
C GLN B 569 48.65 26.40 3.34
N LEU B 570 49.37 25.54 4.07
CA LEU B 570 48.89 25.11 5.38
C LEU B 570 49.98 25.38 6.44
N PRO B 571 49.57 25.64 7.67
CA PRO B 571 50.52 25.92 8.77
C PRO B 571 51.25 24.69 9.28
N ASP B 572 52.36 24.89 9.97
CA ASP B 572 53.08 23.74 10.51
C ASP B 572 52.17 22.93 11.42
N GLU B 573 51.29 23.58 12.17
CA GLU B 573 50.46 22.81 13.10
C GLU B 573 49.45 21.92 12.42
N PHE B 574 49.32 22.04 11.10
CA PHE B 574 48.34 21.24 10.36
C PHE B 574 48.48 19.76 10.66
N GLU B 575 49.72 19.31 10.71
CA GLU B 575 50.02 17.91 10.93
C GLU B 575 49.72 17.40 12.34
N ASN B 576 49.37 18.30 13.25
CA ASN B 576 49.09 17.92 14.63
C ASN B 576 47.67 17.45 14.89
N ILE B 577 46.76 17.73 13.97
CA ILE B 577 45.40 17.30 14.16
C ILE B 577 45.25 16.03 13.34
N VAL B 578 44.90 14.96 14.03
CA VAL B 578 44.82 13.63 13.41
C VAL B 578 43.34 13.26 13.34
N GLY B 579 42.84 13.08 12.14
CA GLY B 579 41.42 12.77 11.96
C GLY B 579 41.15 11.30 12.08
N ASP B 580 39.93 10.97 12.48
CA ASP B 580 39.54 9.59 12.55
C ASP B 580 38.75 9.29 11.32
N ILE B 581 38.71 8.01 10.94
CA ILE B 581 37.92 7.57 9.79
C ILE B 581 36.50 7.42 10.33
N HIS B 582 35.56 8.13 9.74
CA HIS B 582 34.21 8.04 10.22
C HIS B 582 33.41 6.95 9.55
N SER B 583 32.35 6.52 10.22
CA SER B 583 31.60 5.39 9.74
C SER B 583 30.28 5.37 10.45
N THR B 584 29.50 4.36 10.12
CA THR B 584 28.21 4.19 10.76
C THR B 584 28.43 4.11 12.27
N LYS B 585 29.53 3.48 12.69
CA LYS B 585 29.78 3.33 14.13
C LYS B 585 30.16 4.65 14.84
N THR B 586 30.85 5.54 14.14
CA THR B 586 31.32 6.77 14.77
C THR B 586 30.34 7.94 14.72
N LEU B 587 29.42 7.89 13.77
CA LEU B 587 28.45 8.98 13.57
C LEU B 587 27.15 8.72 14.36
N GLU B 588 26.82 9.63 15.26
CA GLU B 588 25.63 9.42 16.12
C GLU B 588 24.37 9.49 15.26
N ARG B 589 23.40 8.64 15.54
CA ARG B 589 22.16 8.65 14.79
C ARG B 589 21.48 10.01 14.81
N VAL B 590 20.67 10.30 13.79
CA VAL B 590 19.96 11.59 13.82
C VAL B 590 18.78 11.44 14.79
N ARG B 591 18.37 12.53 15.41
CA ARG B 591 17.35 12.39 16.45
C ARG B 591 15.94 12.12 15.95
N ILE B 592 15.39 13.04 15.18
CA ILE B 592 14.02 12.86 14.73
C ILE B 592 13.79 11.64 13.86
N VAL B 593 14.60 11.50 12.81
CA VAL B 593 14.43 10.35 11.93
C VAL B 593 14.86 9.04 12.60
N ASP B 594 15.71 9.14 13.62
CA ASP B 594 16.17 7.96 14.39
C ASP B 594 16.80 6.90 13.48
N ALA B 595 17.67 7.35 12.58
CA ALA B 595 18.32 6.46 11.63
C ALA B 595 19.81 6.69 11.63
N GLU B 596 20.57 5.67 11.22
CA GLU B 596 22.03 5.74 11.16
C GLU B 596 22.51 6.20 9.77
N TYR B 597 23.80 6.53 9.68
CA TYR B 597 24.39 6.88 8.40
C TYR B 597 24.92 5.53 7.88
N GLU B 598 24.33 5.01 6.80
CA GLU B 598 24.68 3.68 6.23
C GLU B 598 24.78 3.76 4.73
N SER B 599 25.12 2.62 4.11
CA SER B 599 25.17 2.54 2.66
C SER B 599 23.76 2.27 2.16
N PRO B 600 23.48 2.54 0.88
CA PRO B 600 22.13 2.30 0.34
C PRO B 600 21.66 0.86 0.48
N ASP B 601 22.60 -0.08 0.57
CA ASP B 601 22.24 -1.48 0.71
C ASP B 601 22.01 -1.89 2.15
N GLY B 602 22.01 -0.92 3.06
CA GLY B 602 21.75 -1.20 4.46
C GLY B 602 22.97 -1.66 5.24
N LYS B 603 24.11 -1.76 4.58
CA LYS B 603 25.32 -2.20 5.26
C LYS B 603 26.07 -1.01 5.85
N GLU B 604 27.02 -1.32 6.72
CA GLU B 604 27.81 -0.30 7.37
C GLU B 604 28.55 0.54 6.35
N LEU B 605 28.64 1.84 6.59
CA LEU B 605 29.32 2.75 5.69
C LEU B 605 30.66 3.17 6.33
N VAL B 606 31.76 3.13 5.58
CA VAL B 606 33.05 3.57 6.16
C VAL B 606 33.62 4.61 5.18
N LEU B 607 33.93 5.80 5.68
CA LEU B 607 34.39 6.89 4.83
C LEU B 607 35.91 6.82 4.78
N ASP B 608 36.40 5.79 4.13
CA ASP B 608 37.84 5.57 4.10
C ASP B 608 38.53 5.79 2.78
N THR B 609 37.92 6.59 1.89
CA THR B 609 38.61 6.97 0.66
C THR B 609 38.45 8.48 0.53
N ASP B 610 39.52 9.14 0.08
CA ASP B 610 39.46 10.59 0.00
C ASP B 610 39.04 11.11 -1.38
N TYR B 611 39.08 12.42 -1.53
CA TYR B 611 38.69 13.08 -2.77
C TYR B 611 39.38 12.51 -4.02
N LEU B 612 40.64 12.08 -3.87
CA LEU B 612 41.41 11.52 -4.98
C LEU B 612 41.26 10.00 -5.05
N ASP B 613 40.32 9.46 -4.27
CA ASP B 613 40.06 8.02 -4.18
C ASP B 613 41.20 7.21 -3.55
N ALA B 614 42.04 7.88 -2.78
CA ALA B 614 43.15 7.17 -2.09
C ALA B 614 42.59 6.55 -0.82
N LYS B 615 43.00 5.33 -0.50
CA LYS B 615 42.55 4.71 0.74
C LYS B 615 43.12 5.54 1.88
N LYS B 616 42.31 5.81 2.89
CA LYS B 616 42.73 6.66 4.00
C LYS B 616 43.23 5.84 5.17
N PRO B 617 44.34 6.28 5.77
CA PRO B 617 44.90 5.57 6.94
C PRO B 617 44.11 5.87 8.16
N GLU B 618 44.22 4.99 9.14
CA GLU B 618 43.57 5.18 10.41
C GLU B 618 43.93 6.55 11.04
N ASN B 619 45.18 6.98 10.86
CA ASN B 619 45.71 8.23 11.42
C ASN B 619 45.98 9.18 10.27
N SER B 620 44.95 9.85 9.77
CA SER B 620 45.13 10.73 8.62
C SER B 620 45.10 12.22 8.95
N SER B 621 45.61 13.06 8.05
CA SER B 621 45.50 14.50 8.28
C SER B 621 44.04 14.83 7.85
N ILE B 622 43.58 16.03 8.17
CA ILE B 622 42.19 16.37 7.87
C ILE B 622 41.95 17.02 6.53
N GLY B 623 40.71 17.38 6.23
CA GLY B 623 40.50 17.96 4.92
C GLY B 623 40.15 16.84 3.94
N PRO B 624 39.88 17.18 2.69
CA PRO B 624 39.49 16.20 1.66
C PRO B 624 40.52 15.35 0.96
N ILE B 625 41.79 15.71 1.09
CA ILE B 625 42.85 15.02 0.39
C ILE B 625 43.92 14.66 1.41
N ALA B 626 44.19 13.37 1.54
CA ALA B 626 45.12 12.88 2.55
C ALA B 626 46.51 13.47 2.40
N LEU B 627 46.93 13.63 1.15
CA LEU B 627 48.25 14.15 0.88
C LEU B 627 48.49 15.64 1.15
N LEU B 628 47.46 16.37 1.59
CA LEU B 628 47.70 17.78 1.93
C LEU B 628 48.72 17.77 3.05
N LYS B 629 49.59 18.77 3.12
CA LYS B 629 50.59 18.81 4.17
C LYS B 629 50.94 20.25 4.53
N LYS B 630 51.71 20.42 5.61
CA LYS B 630 52.14 21.76 5.99
C LYS B 630 52.92 22.35 4.81
N GLY B 631 52.86 23.66 4.67
CA GLY B 631 53.58 24.32 3.59
C GLY B 631 52.75 24.50 2.34
N ASN B 632 53.44 24.51 1.19
CA ASN B 632 52.78 24.69 -0.10
C ASN B 632 52.13 23.39 -0.60
N ASN B 633 50.96 23.53 -1.23
CA ASN B 633 50.25 22.38 -1.81
C ASN B 633 49.75 22.83 -3.18
N TYR B 634 50.06 22.06 -4.21
CA TYR B 634 49.58 22.35 -5.56
C TYR B 634 49.16 20.98 -6.03
N ILE B 635 47.85 20.72 -6.03
CA ILE B 635 47.31 19.41 -6.35
C ILE B 635 46.35 19.41 -7.52
N LYS B 636 46.53 18.46 -8.44
CA LYS B 636 45.61 18.37 -9.56
C LYS B 636 44.29 17.81 -8.98
N VAL B 637 43.17 18.54 -9.13
CA VAL B 637 41.89 18.04 -8.60
C VAL B 637 40.86 17.67 -9.67
N TRP B 638 41.23 17.83 -10.94
CA TRP B 638 40.35 17.41 -12.03
C TRP B 638 41.26 17.17 -13.24
N MET C 1 -24.71 -22.55 16.40
CA MET C 1 -24.84 -23.16 17.76
C MET C 1 -25.16 -22.07 18.78
N GLU C 2 -26.09 -22.36 19.70
CA GLU C 2 -26.44 -21.41 20.74
C GLU C 2 -25.92 -22.02 22.04
N TYR C 3 -24.86 -21.45 22.59
CA TYR C 3 -24.23 -21.93 23.83
C TYR C 3 -24.86 -21.23 25.01
N HIS C 4 -24.94 -21.94 26.14
CA HIS C 4 -25.48 -21.36 27.35
C HIS C 4 -24.45 -21.43 28.45
N VAL C 5 -24.39 -20.39 29.24
CA VAL C 5 -23.49 -20.31 30.39
C VAL C 5 -24.41 -20.01 31.59
N ALA C 6 -24.28 -20.78 32.66
CA ALA C 6 -25.15 -20.54 33.83
C ALA C 6 -24.42 -20.95 35.07
N LYS C 7 -24.78 -20.35 36.21
CA LYS C 7 -24.11 -20.69 37.46
C LYS C 7 -24.34 -22.14 37.93
N THR C 8 -25.26 -22.85 37.28
CA THR C 8 -25.51 -24.26 37.61
C THR C 8 -24.73 -25.14 36.64
N GLY C 9 -24.00 -24.50 35.74
CA GLY C 9 -23.26 -25.26 34.75
C GLY C 9 -21.92 -25.85 35.11
N SER C 10 -21.26 -26.35 34.08
CA SER C 10 -19.95 -26.98 34.21
C SER C 10 -19.19 -26.77 32.91
N ASP C 11 -17.91 -26.40 33.00
CA ASP C 11 -17.15 -26.19 31.78
C ASP C 11 -16.77 -27.50 31.12
N GLU C 12 -17.18 -28.61 31.74
CA GLU C 12 -16.94 -29.92 31.15
C GLU C 12 -18.21 -30.38 30.44
N GLY C 13 -19.25 -29.56 30.53
CA GLY C 13 -20.53 -29.86 29.91
C GLY C 13 -20.52 -29.56 28.42
N LYS C 14 -21.65 -29.77 27.76
CA LYS C 14 -21.78 -29.53 26.33
C LYS C 14 -22.01 -28.06 25.98
N GLY C 15 -22.49 -27.30 26.96
CA GLY C 15 -22.78 -25.88 26.72
C GLY C 15 -24.16 -25.66 26.15
N THR C 16 -25.05 -26.63 26.33
CA THR C 16 -26.41 -26.48 25.83
C THR C 16 -27.28 -25.89 26.91
N LEU C 17 -28.52 -25.56 26.56
CA LEU C 17 -29.44 -25.00 27.54
C LEU C 17 -29.59 -25.92 28.77
N LYS C 18 -29.68 -27.24 28.52
CA LYS C 18 -29.86 -28.21 29.60
C LYS C 18 -28.56 -28.59 30.28
N ASP C 19 -27.44 -28.37 29.59
CA ASP C 19 -26.12 -28.73 30.13
C ASP C 19 -25.17 -27.56 29.84
N PRO C 20 -25.44 -26.39 30.43
CA PRO C 20 -24.63 -25.20 30.22
C PRO C 20 -23.23 -25.21 30.79
N PHE C 21 -22.39 -24.33 30.23
CA PHE C 21 -21.04 -24.14 30.72
C PHE C 21 -21.21 -23.31 31.99
N LEU C 22 -20.12 -23.17 32.76
CA LEU C 22 -20.10 -22.41 33.99
C LEU C 22 -19.47 -21.02 33.83
N THR C 23 -18.45 -20.89 32.97
CA THR C 23 -17.80 -19.59 32.79
C THR C 23 -18.01 -19.06 31.39
N ILE C 24 -18.09 -17.74 31.27
CA ILE C 24 -18.30 -17.15 29.96
C ILE C 24 -17.06 -17.39 29.11
N ASN C 25 -15.86 -17.39 29.73
CA ASN C 25 -14.66 -17.57 28.91
C ASN C 25 -14.59 -18.96 28.28
N LYS C 26 -15.22 -19.96 28.92
CA LYS C 26 -15.25 -21.28 28.33
C LYS C 26 -16.03 -21.17 27.02
N ALA C 27 -17.19 -20.52 27.06
CA ALA C 27 -17.98 -20.38 25.82
C ALA C 27 -17.15 -19.57 24.79
N ALA C 28 -16.44 -18.54 25.27
CA ALA C 28 -15.62 -17.70 24.38
C ALA C 28 -14.50 -18.53 23.72
N SER C 29 -14.10 -19.62 24.37
CA SER C 29 -13.05 -20.45 23.83
C SER C 29 -13.53 -21.40 22.73
N VAL C 30 -14.83 -21.63 22.59
CA VAL C 30 -15.31 -22.54 21.56
C VAL C 30 -16.29 -21.98 20.54
N ALA C 31 -16.88 -20.81 20.81
CA ALA C 31 -17.85 -20.24 19.89
C ALA C 31 -17.18 -19.86 18.58
N MET C 32 -17.87 -20.07 17.46
CA MET C 32 -17.33 -19.68 16.16
C MET C 32 -18.32 -18.83 15.41
N ALA C 33 -17.91 -18.28 14.26
CA ALA C 33 -18.74 -17.38 13.49
C ALA C 33 -20.17 -17.87 13.33
N GLY C 34 -21.13 -17.03 13.70
CA GLY C 34 -22.53 -17.36 13.60
C GLY C 34 -23.14 -17.85 14.93
N ASP C 35 -22.32 -18.22 15.89
CA ASP C 35 -22.81 -18.72 17.19
C ASP C 35 -23.33 -17.62 18.11
N THR C 36 -24.10 -18.02 19.13
CA THR C 36 -24.60 -17.05 20.13
C THR C 36 -24.21 -17.65 21.48
N ILE C 37 -23.87 -16.80 22.45
CA ILE C 37 -23.53 -17.25 23.80
C ILE C 37 -24.56 -16.55 24.69
N ILE C 38 -25.41 -17.33 25.38
CA ILE C 38 -26.45 -16.74 26.22
C ILE C 38 -26.03 -16.97 27.65
N VAL C 39 -25.88 -15.89 28.42
CA VAL C 39 -25.43 -16.01 29.80
C VAL C 39 -26.59 -15.75 30.74
N HIS C 40 -26.77 -16.67 31.67
CA HIS C 40 -27.85 -16.60 32.65
C HIS C 40 -27.43 -15.88 33.92
N GLU C 41 -28.43 -15.49 34.71
CA GLU C 41 -28.24 -14.73 35.94
C GLU C 41 -27.07 -15.08 36.80
N GLY C 42 -26.32 -14.05 37.20
CA GLY C 42 -25.16 -14.27 38.06
C GLY C 42 -24.07 -13.23 37.92
N VAL C 43 -23.10 -13.31 38.80
CA VAL C 43 -21.95 -12.40 38.80
C VAL C 43 -20.78 -13.28 38.38
N TYR C 44 -20.20 -12.96 37.22
CA TYR C 44 -19.10 -13.71 36.65
C TYR C 44 -17.82 -12.88 36.81
N ARG C 45 -16.95 -13.31 37.71
CA ARG C 45 -15.70 -12.61 37.99
C ARG C 45 -14.60 -13.22 37.13
N GLU C 46 -14.47 -12.69 35.92
CA GLU C 46 -13.50 -13.22 34.99
C GLU C 46 -13.33 -12.22 33.86
N TRP C 47 -12.24 -12.37 33.11
CA TRP C 47 -11.95 -11.54 31.95
C TRP C 47 -12.27 -12.44 30.76
N VAL C 48 -13.30 -12.06 29.98
CA VAL C 48 -13.73 -12.87 28.84
C VAL C 48 -12.83 -12.50 27.66
N LYS C 49 -12.28 -13.51 27.00
CA LYS C 49 -11.34 -13.30 25.88
C LYS C 49 -11.84 -14.05 24.63
N PRO C 50 -12.65 -13.38 23.81
CA PRO C 50 -13.17 -14.02 22.58
C PRO C 50 -12.01 -14.60 21.81
N LYS C 51 -12.10 -15.90 21.49
CA LYS C 51 -11.02 -16.58 20.81
C LYS C 51 -11.08 -16.56 19.29
N TYR C 52 -12.28 -16.76 18.75
CA TYR C 52 -12.47 -16.81 17.30
C TYR C 52 -13.27 -15.61 16.87
N LYS C 53 -13.08 -15.23 15.62
CA LYS C 53 -13.73 -14.05 15.08
C LYS C 53 -15.05 -14.33 14.34
N GLY C 54 -15.90 -13.33 14.33
CA GLY C 54 -17.10 -13.36 13.51
C GLY C 54 -16.56 -13.09 12.11
N LEU C 55 -17.33 -13.42 11.08
CA LEU C 55 -16.83 -13.28 9.71
C LEU C 55 -17.56 -12.28 8.84
N SER C 56 -18.67 -11.75 9.34
CA SER C 56 -19.40 -10.69 8.62
C SER C 56 -20.45 -10.22 9.62
N ASP C 57 -21.18 -9.18 9.27
CA ASP C 57 -22.23 -8.70 10.16
C ASP C 57 -23.30 -9.78 10.30
N LYS C 58 -23.50 -10.58 9.24
CA LYS C 58 -24.48 -11.66 9.33
C LYS C 58 -23.98 -12.82 10.19
N ARG C 59 -22.69 -13.14 10.03
CA ARG C 59 -22.05 -14.24 10.77
C ARG C 59 -21.17 -13.75 11.91
N ARG C 60 -21.82 -13.04 12.84
CA ARG C 60 -21.15 -12.50 14.04
C ARG C 60 -21.15 -13.57 15.10
N ILE C 61 -20.53 -13.24 16.23
CA ILE C 61 -20.55 -14.12 17.40
C ILE C 61 -21.18 -13.17 18.41
N THR C 62 -22.34 -13.57 18.94
CA THR C 62 -23.09 -12.73 19.84
C THR C 62 -23.09 -13.22 21.28
N TYR C 63 -22.66 -12.36 22.20
CA TYR C 63 -22.62 -12.67 23.63
C TYR C 63 -23.74 -11.83 24.20
N LYS C 64 -24.69 -12.45 24.91
CA LYS C 64 -25.76 -11.66 25.45
C LYS C 64 -26.32 -12.22 26.74
N ALA C 65 -26.89 -11.35 27.55
CA ALA C 65 -27.51 -11.78 28.80
C ALA C 65 -28.84 -12.44 28.45
N ALA C 66 -29.21 -13.50 29.16
CA ALA C 66 -30.51 -14.16 28.94
C ALA C 66 -31.60 -13.12 29.16
N GLU C 67 -32.66 -13.18 28.35
CA GLU C 67 -33.74 -12.20 28.46
C GLU C 67 -34.27 -12.07 29.89
N GLY C 68 -34.32 -10.84 30.39
CA GLY C 68 -34.83 -10.59 31.73
C GLY C 68 -33.94 -11.02 32.88
N GLU C 69 -32.71 -11.42 32.59
CA GLU C 69 -31.83 -11.84 33.67
C GLU C 69 -30.71 -10.81 33.91
N LYS C 70 -30.31 -10.67 35.17
CA LYS C 70 -29.26 -9.72 35.54
C LYS C 70 -27.93 -10.44 35.51
N VAL C 71 -27.09 -10.08 34.55
CA VAL C 71 -25.78 -10.71 34.42
C VAL C 71 -24.69 -9.63 34.57
N VAL C 72 -23.74 -9.87 35.46
CA VAL C 72 -22.68 -8.93 35.77
C VAL C 72 -21.32 -9.59 35.53
N ILE C 73 -20.41 -8.88 34.85
CA ILE C 73 -19.05 -9.37 34.64
C ILE C 73 -18.21 -8.37 35.44
N LYS C 74 -17.40 -8.85 36.36
CA LYS C 74 -16.58 -7.96 37.18
C LYS C 74 -15.11 -8.37 37.16
N GLY C 75 -14.23 -7.36 37.25
CA GLY C 75 -12.81 -7.64 37.27
C GLY C 75 -12.30 -7.67 38.69
N SER C 76 -13.20 -7.49 39.66
CA SER C 76 -12.83 -7.51 41.08
C SER C 76 -13.08 -8.83 41.76
N GLU C 77 -12.70 -8.89 43.03
CA GLU C 77 -12.98 -10.05 43.87
C GLU C 77 -13.43 -9.48 45.20
N ARG C 78 -14.30 -10.21 45.91
CA ARG C 78 -14.74 -9.73 47.21
C ARG C 78 -13.68 -10.23 48.18
N ILE C 79 -13.30 -9.41 49.16
CA ILE C 79 -12.29 -9.78 50.12
C ILE C 79 -12.92 -9.85 51.53
N GLN C 80 -12.78 -11.01 52.18
CA GLN C 80 -13.34 -11.17 53.53
C GLN C 80 -12.31 -11.67 54.50
N SER C 81 -11.06 -11.25 54.28
CA SER C 81 -9.96 -11.66 55.16
C SER C 81 -9.30 -10.44 55.78
N TRP C 82 -10.05 -9.35 55.95
CA TRP C 82 -9.50 -8.14 56.53
C TRP C 82 -9.26 -8.28 58.02
N GLN C 83 -8.21 -7.64 58.52
CA GLN C 83 -7.94 -7.65 59.96
C GLN C 83 -7.77 -6.20 60.38
N ARG C 84 -8.38 -5.84 61.49
CA ARG C 84 -8.28 -4.46 61.95
C ARG C 84 -6.86 -4.19 62.45
N VAL C 85 -6.31 -3.05 62.02
CA VAL C 85 -4.95 -2.65 62.41
C VAL C 85 -5.06 -1.73 63.62
N GLU C 86 -5.83 -0.66 63.47
CA GLU C 86 -6.02 0.31 64.53
C GLU C 86 -7.02 1.35 64.05
N GLY C 87 -7.92 1.77 64.93
CA GLY C 87 -8.92 2.74 64.54
C GLY C 87 -9.82 2.13 63.48
N ASN C 88 -10.07 2.87 62.40
CA ASN C 88 -10.93 2.37 61.33
C ASN C 88 -10.12 1.81 60.15
N VAL C 89 -8.82 1.59 60.36
CA VAL C 89 -7.97 1.07 59.29
C VAL C 89 -7.83 -0.45 59.37
N TRP C 90 -8.14 -1.14 58.27
CA TRP C 90 -8.04 -2.60 58.19
C TRP C 90 -7.05 -3.01 57.13
N ARG C 91 -6.59 -4.25 57.20
CA ARG C 91 -5.57 -4.79 56.32
C ARG C 91 -5.87 -6.19 55.80
N CYS C 92 -5.55 -6.45 54.54
CA CYS C 92 -5.70 -7.82 54.02
C CYS C 92 -4.38 -8.10 53.28
N GLN C 93 -4.06 -9.37 53.07
CA GLN C 93 -2.81 -9.70 52.39
C GLN C 93 -3.08 -10.87 51.47
N LEU C 94 -2.55 -10.77 50.26
CA LEU C 94 -2.77 -11.76 49.24
C LEU C 94 -1.46 -12.19 48.62
N PRO C 95 -1.40 -13.43 48.12
CA PRO C 95 -0.18 -13.92 47.48
C PRO C 95 -0.10 -13.20 46.12
N ASN C 96 1.11 -12.84 45.69
CA ASN C 96 1.23 -12.17 44.38
C ASN C 96 0.62 -13.02 43.27
N SER C 97 0.65 -14.35 43.46
CA SER C 97 0.08 -15.28 42.50
C SER C 97 -1.41 -15.03 42.23
N PHE C 98 -2.09 -14.43 43.20
CA PHE C 98 -3.51 -14.10 43.08
C PHE C 98 -3.75 -13.18 41.87
N PHE C 99 -2.77 -12.35 41.54
CA PHE C 99 -2.89 -11.42 40.43
C PHE C 99 -2.26 -11.88 39.13
N GLY C 100 -1.44 -12.92 39.17
CA GLY C 100 -0.83 -13.40 37.94
C GLY C 100 0.16 -12.37 37.43
N GLU C 101 0.23 -12.18 36.11
CA GLU C 101 1.18 -11.23 35.55
C GLU C 101 0.81 -9.75 35.70
N PHE C 102 -0.46 -9.46 35.95
CA PHE C 102 -0.90 -8.08 36.07
C PHE C 102 -1.38 -7.78 37.48
N ASN C 103 -0.61 -7.03 38.24
CA ASN C 103 -1.01 -6.74 39.62
C ASN C 103 -1.32 -5.24 39.71
N PRO C 104 -2.60 -4.89 39.86
CA PRO C 104 -3.04 -3.49 39.96
C PRO C 104 -2.38 -2.65 41.04
N TYR C 105 -1.88 -3.32 42.07
CA TYR C 105 -1.26 -2.63 43.20
C TYR C 105 0.21 -2.30 42.97
N LYS C 106 0.76 -2.89 41.92
CA LYS C 106 2.15 -2.67 41.50
C LYS C 106 2.13 -1.78 40.26
N GLU C 107 1.17 -2.02 39.36
CA GLU C 107 1.03 -1.23 38.12
C GLU C 107 0.61 0.21 38.42
N GLU C 108 1.34 1.16 37.82
CA GLU C 108 1.05 2.58 38.02
C GLU C 108 0.23 3.20 36.91
N VAL C 109 -0.39 4.35 37.22
CA VAL C 109 -1.06 5.15 36.20
C VAL C 109 0.23 5.77 35.65
N PHE C 110 0.49 5.55 34.36
CA PHE C 110 1.76 5.96 33.78
C PHE C 110 1.66 6.23 32.27
N GLY C 111 2.47 7.15 31.77
CA GLY C 111 2.49 7.31 30.33
C GLY C 111 2.47 8.69 29.76
N ASP C 112 2.53 8.73 28.44
CA ASP C 112 2.53 10.01 27.75
C ASP C 112 1.32 10.86 28.15
N TRP C 113 1.61 12.14 28.34
CA TRP C 113 0.64 13.17 28.72
C TRP C 113 -0.01 13.05 30.09
N LEU C 114 0.53 12.16 30.92
CA LEU C 114 0.03 12.10 32.32
C LEU C 114 0.73 13.31 32.96
N LEU C 115 -0.02 14.24 33.55
CA LEU C 115 0.58 15.46 34.09
C LEU C 115 0.85 15.40 35.59
N THR C 116 0.07 14.61 36.31
CA THR C 116 0.23 14.51 37.76
C THR C 116 1.28 13.47 38.11
N VAL C 117 2.53 13.78 37.83
CA VAL C 117 3.61 12.83 38.07
C VAL C 117 4.32 12.90 39.40
N ASN C 118 3.93 13.81 40.28
CA ASN C 118 4.58 13.88 41.58
C ASN C 118 3.89 12.96 42.57
N GLU C 119 2.59 12.74 42.35
CA GLU C 119 1.78 11.90 43.22
C GLU C 119 1.45 10.61 42.47
N LYS C 120 2.26 9.56 42.66
CA LYS C 120 2.03 8.27 41.99
C LYS C 120 0.71 7.66 42.40
N LYS C 121 0.00 7.10 41.43
CA LYS C 121 -1.26 6.39 41.69
C LYS C 121 -1.12 5.05 41.01
N HIS C 122 -1.90 4.07 41.45
CA HIS C 122 -1.85 2.73 40.90
C HIS C 122 -3.21 2.34 40.34
N LEU C 123 -3.29 1.19 39.70
CA LEU C 123 -4.51 0.79 39.03
C LEU C 123 -5.48 0.04 39.93
N GLY C 124 -5.07 -0.23 41.17
CA GLY C 124 -5.95 -0.93 42.08
C GLY C 124 -7.10 -0.03 42.54
N ASP C 125 -8.01 -0.58 43.34
CA ASP C 125 -9.12 0.19 43.88
C ASP C 125 -9.75 -0.67 44.96
N VAL C 126 -10.47 -0.01 45.86
CA VAL C 126 -11.17 -0.73 46.94
C VAL C 126 -12.58 -0.18 46.89
N TYR C 127 -13.57 -1.05 47.06
CA TYR C 127 -14.97 -0.63 47.03
C TYR C 127 -15.69 -1.10 48.31
N LEU C 128 -16.56 -0.24 48.84
CA LEU C 128 -17.37 -0.59 50.01
C LEU C 128 -18.83 -0.52 49.52
N ASN C 129 -19.47 -1.67 49.45
CA ASN C 129 -20.84 -1.77 48.94
C ASN C 129 -20.97 -1.00 47.65
N GLY C 130 -19.99 -1.18 46.76
CA GLY C 130 -20.02 -0.55 45.45
C GLY C 130 -19.37 0.82 45.31
N MET C 131 -19.01 1.47 46.42
CA MET C 131 -18.42 2.80 46.32
C MET C 131 -16.90 2.74 46.36
N SER C 132 -16.26 3.26 45.32
CA SER C 132 -14.79 3.23 45.26
C SER C 132 -14.14 4.20 46.24
N PHE C 133 -12.87 3.94 46.53
CA PHE C 133 -12.08 4.71 47.48
C PHE C 133 -11.07 5.64 46.79
N TYR C 134 -10.40 6.45 47.61
CA TYR C 134 -9.36 7.36 47.12
C TYR C 134 -8.04 6.77 47.59
N GLU C 135 -7.07 6.65 46.68
CA GLU C 135 -5.78 6.11 47.08
C GLU C 135 -4.99 7.19 47.83
N VAL C 136 -4.20 6.78 48.82
CA VAL C 136 -3.31 7.72 49.51
C VAL C 136 -1.90 7.20 49.37
N THR C 137 -0.96 8.13 49.43
CA THR C 137 0.47 7.87 49.22
C THR C 137 1.25 7.15 50.30
N ASN C 138 1.00 7.54 51.53
CA ASN C 138 1.71 6.96 52.65
C ASN C 138 0.81 6.25 53.64
N TYR C 139 1.39 5.22 54.27
CA TYR C 139 0.69 4.45 55.26
C TYR C 139 0.02 5.39 56.27
N GLU C 140 0.73 6.43 56.69
CA GLU C 140 0.21 7.37 57.68
C GLU C 140 -1.05 8.11 57.26
N ASP C 141 -1.21 8.31 55.96
CA ASP C 141 -2.35 9.04 55.43
C ASP C 141 -3.67 8.27 55.58
N LEU C 142 -3.59 7.00 55.95
CA LEU C 142 -4.76 6.15 56.11
C LEU C 142 -5.61 6.42 57.35
N PHE C 143 -4.96 6.78 58.44
CA PHE C 143 -5.66 6.90 59.70
C PHE C 143 -6.60 8.04 60.00
N ASN C 144 -6.24 9.24 59.63
CA ASN C 144 -7.11 10.38 59.89
C ASN C 144 -7.37 11.12 58.57
N PRO C 145 -7.96 10.43 57.57
CA PRO C 145 -8.22 11.09 56.29
C PRO C 145 -9.12 12.32 56.41
N GLN C 146 -8.85 13.33 55.58
CA GLN C 146 -9.61 14.58 55.62
C GLN C 146 -10.76 14.67 54.64
N LEU C 147 -11.95 14.96 55.17
CA LEU C 147 -13.12 15.10 54.33
C LEU C 147 -12.90 16.32 53.44
N ARG C 148 -13.14 16.18 52.14
CA ARG C 148 -12.97 17.30 51.21
C ARG C 148 -14.30 17.54 50.54
N THR C 149 -14.64 18.81 50.31
CA THR C 149 -15.93 19.16 49.73
C THR C 149 -15.80 19.93 48.43
N GLU C 150 -14.58 20.34 48.10
CA GLU C 150 -14.37 21.05 46.84
C GLU C 150 -13.05 20.57 46.26
N VAL C 151 -12.87 20.80 44.96
CA VAL C 151 -11.68 20.37 44.28
C VAL C 151 -11.42 21.30 43.10
N LEU C 152 -10.15 21.45 42.75
CA LEU C 152 -9.77 22.31 41.65
C LEU C 152 -9.89 21.56 40.32
N ASP C 153 -10.70 22.08 39.39
CA ASP C 153 -10.79 21.47 38.06
C ASP C 153 -9.49 21.90 37.36
N HIS C 154 -8.64 20.94 37.02
CA HIS C 154 -7.34 21.27 36.43
C HIS C 154 -7.34 22.18 35.22
N TRP C 155 -8.16 21.89 34.21
CA TRP C 155 -8.12 22.73 33.00
C TRP C 155 -8.62 24.15 33.22
N THR C 156 -9.81 24.27 33.81
CA THR C 156 -10.38 25.60 34.00
C THR C 156 -9.81 26.34 35.19
N GLN C 157 -9.10 25.63 36.06
CA GLN C 157 -8.53 26.24 37.24
C GLN C 157 -9.62 26.88 38.12
N LYS C 158 -10.81 26.27 38.11
CA LYS C 158 -11.90 26.76 38.94
C LYS C 158 -12.12 25.75 40.06
N ILE C 159 -12.42 26.25 41.26
CA ILE C 159 -12.69 25.40 42.41
C ILE C 159 -14.16 25.01 42.29
N VAL C 160 -14.45 23.71 42.31
CA VAL C 160 -15.82 23.25 42.17
C VAL C 160 -16.17 22.25 43.26
N PRO C 161 -17.47 22.06 43.51
CA PRO C 161 -17.89 21.11 44.54
C PRO C 161 -17.55 19.67 44.20
N ILE C 162 -17.33 18.88 45.24
CA ILE C 162 -17.09 17.46 45.04
C ILE C 162 -18.48 16.87 45.19
N LYS C 163 -18.93 16.18 44.15
CA LYS C 163 -20.27 15.59 44.11
C LYS C 163 -20.54 14.67 45.30
N ASN C 164 -19.63 13.74 45.54
CA ASN C 164 -19.78 12.79 46.63
C ASN C 164 -18.69 13.12 47.65
N ALA C 165 -18.96 14.07 48.55
CA ALA C 165 -17.93 14.46 49.53
C ALA C 165 -17.59 13.37 50.54
N GLU C 166 -18.59 12.64 50.99
CA GLU C 166 -18.37 11.60 51.98
C GLU C 166 -17.35 10.55 51.49
N GLN C 167 -17.37 10.28 50.19
CA GLN C 167 -16.44 9.30 49.61
C GLN C 167 -14.97 9.70 49.83
N THR C 168 -14.70 10.99 49.97
CA THR C 168 -13.31 11.42 50.15
C THR C 168 -12.64 10.95 51.43
N LYS C 169 -13.41 10.44 52.38
CA LYS C 169 -12.86 9.94 53.65
C LYS C 169 -12.49 8.45 53.60
N TYR C 170 -12.88 7.80 52.51
CA TYR C 170 -12.59 6.36 52.34
C TYR C 170 -11.34 6.26 51.48
N VAL C 171 -10.24 5.90 52.12
CA VAL C 171 -8.93 5.82 51.45
C VAL C 171 -8.27 4.45 51.54
N TRP C 172 -7.37 4.15 50.60
CA TRP C 172 -6.67 2.86 50.60
C TRP C 172 -5.21 3.12 50.26
N TYR C 173 -4.36 2.16 50.62
CA TYR C 173 -2.92 2.23 50.40
C TYR C 173 -2.44 0.78 50.29
N ALA C 174 -1.47 0.50 49.40
CA ALA C 174 -1.01 -0.86 49.28
C ALA C 174 0.48 -0.96 49.02
N GLU C 175 1.02 -2.15 49.28
CA GLU C 175 2.44 -2.41 49.07
C GLU C 175 2.54 -3.79 48.40
N VAL C 176 3.49 -3.92 47.48
CA VAL C 176 3.68 -5.20 46.82
C VAL C 176 5.17 -5.47 46.97
N ASP C 177 5.53 -6.62 47.54
CA ASP C 177 6.95 -6.91 47.63
C ASP C 177 7.16 -8.14 46.76
N ARG C 178 8.26 -8.85 46.97
CA ARG C 178 8.55 -10.02 46.14
C ARG C 178 7.56 -11.16 46.23
N GLU C 179 6.84 -11.24 47.33
CA GLU C 179 5.95 -12.37 47.57
C GLU C 179 4.45 -12.04 47.80
N LYS C 180 4.19 -10.95 48.49
CA LYS C 180 2.84 -10.59 48.88
C LYS C 180 2.38 -9.21 48.51
N THR C 181 1.07 -9.07 48.36
CA THR C 181 0.43 -7.81 48.11
C THR C 181 -0.38 -7.53 49.38
N THR C 182 -0.11 -6.40 50.02
CA THR C 182 -0.79 -6.02 51.26
C THR C 182 -1.61 -4.75 51.02
N ILE C 183 -2.91 -4.80 51.31
CA ILE C 183 -3.79 -3.67 51.09
C ILE C 183 -4.40 -3.19 52.40
N TYR C 184 -4.34 -1.89 52.63
CA TYR C 184 -4.89 -1.24 53.81
C TYR C 184 -5.96 -0.29 53.38
N ALA C 185 -7.02 -0.12 54.19
CA ALA C 185 -8.05 0.84 53.83
C ALA C 185 -8.75 1.33 55.09
N ASN C 186 -9.25 2.56 55.04
CA ASN C 186 -9.99 3.13 56.17
C ASN C 186 -11.48 2.94 55.85
N PHE C 187 -12.17 2.09 56.63
CA PHE C 187 -13.59 1.82 56.39
C PHE C 187 -14.57 2.65 57.23
N GLN C 188 -14.00 3.67 57.87
CA GLN C 188 -14.73 4.64 58.65
C GLN C 188 -15.76 4.06 59.62
N GLY C 189 -15.43 2.93 60.22
CA GLY C 189 -16.33 2.35 61.21
C GLY C 189 -17.05 1.10 60.77
N ALA C 190 -17.15 0.88 59.46
CA ALA C 190 -17.79 -0.33 58.98
C ALA C 190 -16.84 -1.50 59.15
N ASP C 191 -17.39 -2.72 59.15
CA ASP C 191 -16.61 -3.95 59.28
C ASP C 191 -16.52 -4.44 57.83
N PRO C 192 -15.34 -4.35 57.21
CA PRO C 192 -15.18 -4.78 55.81
C PRO C 192 -15.50 -6.25 55.51
N ASN C 193 -15.48 -7.11 56.52
CA ASN C 193 -15.79 -8.53 56.28
C ASN C 193 -17.30 -8.76 56.29
N GLU C 194 -18.03 -7.89 56.98
CA GLU C 194 -19.48 -8.02 57.08
C GLU C 194 -20.09 -7.31 55.89
N GLU C 195 -19.54 -6.14 55.57
CA GLU C 195 -20.04 -5.42 54.41
C GLU C 195 -19.50 -6.13 53.15
N PHE C 196 -19.93 -5.66 51.98
CA PHE C 196 -19.51 -6.28 50.72
C PHE C 196 -18.34 -5.44 50.20
N VAL C 197 -17.12 -5.88 50.50
CA VAL C 197 -15.94 -5.13 50.07
C VAL C 197 -15.20 -5.88 48.96
N GLU C 198 -14.92 -5.16 47.88
CA GLU C 198 -14.24 -5.72 46.72
C GLU C 198 -12.96 -4.94 46.42
N ILE C 199 -12.04 -5.59 45.70
CA ILE C 199 -10.82 -4.91 45.29
C ILE C 199 -10.62 -5.16 43.78
N ASN C 200 -10.01 -4.20 43.08
CA ASN C 200 -9.71 -4.46 41.66
C ASN C 200 -8.72 -5.62 41.59
N VAL C 201 -8.84 -6.45 40.56
CA VAL C 201 -7.91 -7.57 40.41
C VAL C 201 -7.45 -7.68 38.95
N ARG C 202 -8.41 -7.79 38.04
CA ARG C 202 -8.09 -7.97 36.61
C ARG C 202 -8.11 -6.69 35.82
N ARG C 203 -7.31 -6.65 34.76
CA ARG C 203 -7.24 -5.44 33.93
C ARG C 203 -8.51 -5.11 33.14
N SER C 204 -9.08 -6.13 32.52
CA SER C 204 -10.24 -5.95 31.67
C SER C 204 -11.34 -6.95 32.01
N CYS C 205 -12.52 -6.71 31.46
CA CYS C 205 -13.65 -7.62 31.65
C CYS C 205 -14.02 -8.39 30.36
N PHE C 206 -13.90 -7.75 29.20
CA PHE C 206 -14.32 -8.40 27.92
C PHE C 206 -13.43 -7.78 26.84
N TYR C 207 -12.35 -8.47 26.49
CA TYR C 207 -11.34 -7.85 25.60
C TYR C 207 -10.49 -8.97 25.03
N PRO C 208 -10.44 -9.10 23.69
CA PRO C 208 -9.63 -10.18 23.10
C PRO C 208 -8.16 -10.02 23.39
N VAL C 209 -7.44 -11.13 23.47
CA VAL C 209 -6.00 -11.01 23.69
C VAL C 209 -5.24 -11.06 22.38
N GLU C 210 -5.95 -11.20 21.26
CA GLU C 210 -5.32 -11.14 19.94
C GLU C 210 -6.06 -10.03 19.21
N THR C 211 -5.44 -9.44 18.19
CA THR C 211 -6.14 -8.45 17.40
C THR C 211 -6.94 -9.18 16.29
N GLY C 212 -7.77 -8.43 15.56
CA GLY C 212 -8.53 -9.01 14.46
C GLY C 212 -9.71 -9.92 14.79
N ILE C 213 -10.13 -9.91 16.05
CA ILE C 213 -11.29 -10.73 16.42
C ILE C 213 -12.53 -9.88 16.12
N ASP C 214 -12.87 -9.84 14.84
CA ASP C 214 -13.97 -9.04 14.33
C ASP C 214 -15.38 -9.52 14.67
N TYR C 215 -16.32 -8.63 14.38
CA TYR C 215 -17.73 -8.94 14.39
C TYR C 215 -18.25 -9.66 15.62
N ILE C 216 -18.05 -9.02 16.76
CA ILE C 216 -18.55 -9.57 18.02
C ILE C 216 -19.62 -8.60 18.49
N THR C 217 -20.75 -9.11 18.99
CA THR C 217 -21.78 -8.27 19.56
C THR C 217 -21.79 -8.62 21.05
N VAL C 218 -21.88 -7.63 21.93
CA VAL C 218 -21.87 -7.87 23.39
C VAL C 218 -23.07 -7.05 23.87
N LYS C 219 -24.08 -7.73 24.42
CA LYS C 219 -25.30 -7.06 24.75
C LYS C 219 -25.96 -7.42 26.07
N GLY C 220 -26.47 -6.42 26.80
CA GLY C 220 -27.26 -6.67 27.99
C GLY C 220 -26.62 -6.99 29.31
N PHE C 221 -25.32 -6.74 29.41
CA PHE C 221 -24.56 -7.02 30.62
C PHE C 221 -24.30 -5.80 31.46
N GLU C 222 -24.06 -6.01 32.74
CA GLU C 222 -23.54 -4.92 33.57
C GLU C 222 -22.03 -5.35 33.69
N MET C 223 -21.09 -4.42 33.54
CA MET C 223 -19.66 -4.80 33.65
C MET C 223 -19.00 -3.75 34.51
N ALA C 224 -18.11 -4.18 35.39
CA ALA C 224 -17.52 -3.23 36.30
C ALA C 224 -16.22 -3.69 36.96
N HIS C 225 -15.51 -2.71 37.54
CA HIS C 225 -14.29 -2.89 38.31
C HIS C 225 -13.13 -3.44 37.48
N ALA C 226 -12.58 -2.61 36.61
CA ALA C 226 -11.48 -3.07 35.76
C ALA C 226 -10.29 -2.15 36.02
N ALA C 227 -9.13 -2.75 36.26
CA ALA C 227 -7.91 -2.00 36.55
C ALA C 227 -7.26 -1.57 35.23
N THR C 228 -7.96 -0.73 34.46
CA THR C 228 -7.43 -0.30 33.14
C THR C 228 -6.35 0.77 33.28
N PRO C 229 -5.30 0.70 32.42
CA PRO C 229 -4.17 1.63 32.43
C PRO C 229 -4.40 2.93 31.69
N TRP C 230 -3.53 3.90 31.96
CA TRP C 230 -3.58 5.20 31.31
C TRP C 230 -3.47 4.89 29.82
N ALA C 231 -4.34 5.50 29.01
CA ALA C 231 -4.43 5.17 27.57
C ALA C 231 -4.26 6.31 26.57
N PRO C 232 -3.03 6.83 26.41
CA PRO C 232 -2.75 7.92 25.46
C PRO C 232 -2.74 7.36 24.03
N PRO C 233 -2.78 8.22 23.01
CA PRO C 233 -2.80 7.79 21.61
C PRO C 233 -1.53 7.14 21.14
N THR C 234 -0.48 7.28 21.94
CA THR C 234 0.84 6.78 21.62
C THR C 234 1.19 5.47 22.33
N ALA C 235 0.19 4.82 22.92
CA ALA C 235 0.44 3.58 23.63
C ALA C 235 -0.66 2.58 23.30
N ASP C 236 -0.51 1.37 23.80
CA ASP C 236 -1.55 0.37 23.69
C ASP C 236 -2.70 1.05 24.45
N GLN C 237 -3.94 0.80 24.04
CA GLN C 237 -5.08 1.44 24.72
C GLN C 237 -6.14 0.42 25.18
N PRO C 238 -5.78 -0.42 26.13
CA PRO C 238 -6.76 -1.40 26.59
C PRO C 238 -7.83 -0.70 27.39
N GLY C 239 -9.00 -1.30 27.45
CA GLY C 239 -10.07 -0.74 28.27
C GLY C 239 -10.76 -1.88 29.01
N LEU C 240 -11.85 -1.56 29.68
CA LEU C 240 -12.64 -2.57 30.37
C LEU C 240 -13.25 -3.53 29.32
N ILE C 241 -13.71 -2.96 28.20
CA ILE C 241 -14.25 -3.75 27.11
C ILE C 241 -13.82 -3.05 25.83
N GLY C 242 -13.50 -3.82 24.80
CA GLY C 242 -13.10 -3.18 23.56
C GLY C 242 -12.78 -4.23 22.50
N PRO C 243 -12.76 -3.85 21.23
CA PRO C 243 -12.49 -4.80 20.14
C PRO C 243 -11.04 -5.16 19.87
N ASN C 244 -10.12 -4.47 20.53
CA ASN C 244 -8.68 -4.70 20.36
C ASN C 244 -8.25 -4.78 18.90
N TRP C 245 -8.39 -3.67 18.17
CA TRP C 245 -7.89 -3.57 16.79
C TRP C 245 -8.56 -4.56 15.85
N SER C 246 -9.83 -4.32 15.58
CA SER C 246 -10.56 -5.22 14.72
C SER C 246 -11.73 -4.44 14.14
N LYS C 247 -12.68 -5.14 13.53
CA LYS C 247 -13.79 -4.44 12.86
C LYS C 247 -15.17 -4.98 13.20
N GLY C 248 -16.16 -4.07 13.18
CA GLY C 248 -17.55 -4.47 13.30
C GLY C 248 -18.16 -4.96 14.59
N TRP C 249 -17.64 -4.49 15.71
CA TRP C 249 -18.25 -4.91 16.99
C TRP C 249 -19.52 -4.09 17.20
N ILE C 250 -20.43 -4.65 18.00
CA ILE C 250 -21.62 -3.90 18.40
C ILE C 250 -21.62 -4.08 19.93
N ILE C 251 -21.48 -2.98 20.67
CA ILE C 251 -21.47 -3.04 22.13
C ILE C 251 -22.75 -2.26 22.50
N GLU C 252 -23.77 -2.98 22.98
CA GLU C 252 -25.06 -2.33 23.21
C GLU C 252 -25.82 -2.79 24.45
N ASP C 253 -26.66 -1.90 24.97
CA ASP C 253 -27.51 -2.22 26.12
C ASP C 253 -26.76 -2.68 27.36
N ASN C 254 -25.56 -2.16 27.57
CA ASN C 254 -24.79 -2.56 28.73
C ASN C 254 -24.74 -1.42 29.73
N ILE C 255 -24.48 -1.75 30.99
CA ILE C 255 -24.29 -0.76 32.05
C ILE C 255 -22.83 -1.01 32.45
N ILE C 256 -21.97 -0.02 32.23
CA ILE C 256 -20.52 -0.14 32.47
C ILE C 256 -19.99 0.89 33.43
N HIS C 257 -19.26 0.46 34.46
CA HIS C 257 -18.77 1.45 35.40
C HIS C 257 -17.52 1.03 36.14
N ASP C 258 -16.87 1.99 36.79
CA ASP C 258 -15.70 1.76 37.59
C ASP C 258 -14.53 1.13 36.85
N ALA C 259 -14.22 1.71 35.70
CA ALA C 259 -13.00 1.31 34.97
C ALA C 259 -12.00 2.36 35.53
N LYS C 260 -10.81 1.92 35.95
CA LYS C 260 -9.83 2.85 36.53
C LYS C 260 -9.55 4.05 35.61
N CYS C 261 -9.23 3.72 34.36
CA CYS C 261 -9.00 4.74 33.36
C CYS C 261 -10.13 4.74 32.33
N SER C 262 -9.95 4.05 31.20
CA SER C 262 -10.98 4.07 30.17
C SER C 262 -11.91 2.85 30.22
N ALA C 263 -13.21 3.05 29.98
CA ALA C 263 -14.18 1.94 29.99
C ALA C 263 -14.21 1.22 28.64
N ILE C 264 -14.84 1.83 27.64
CA ILE C 264 -14.88 1.18 26.33
C ILE C 264 -13.73 1.75 25.49
N SER C 265 -12.90 0.86 24.95
CA SER C 265 -11.82 1.36 24.11
C SER C 265 -11.98 0.86 22.69
N ILE C 266 -11.96 1.79 21.74
CA ILE C 266 -11.94 1.41 20.32
C ILE C 266 -10.62 2.04 19.83
N GLY C 267 -9.57 1.83 20.61
CA GLY C 267 -8.26 2.40 20.33
C GLY C 267 -7.28 1.52 19.59
N LYS C 268 -5.99 1.82 19.79
CA LYS C 268 -4.96 1.07 19.07
C LYS C 268 -4.26 0.05 19.97
N GLU C 269 -3.34 -0.71 19.37
CA GLU C 269 -2.59 -1.72 20.10
C GLU C 269 -1.11 -1.35 20.19
N ALA C 270 -0.33 -2.15 20.90
CA ALA C 270 1.06 -1.77 21.17
C ALA C 270 2.08 -1.71 20.06
N THR C 271 1.91 -2.52 19.02
CA THR C 271 2.98 -2.56 18.02
C THR C 271 3.19 -1.31 17.23
N THR C 272 2.18 -0.45 17.16
CA THR C 272 2.32 0.80 16.42
C THR C 272 2.87 1.95 17.23
N GLY C 273 3.17 1.71 18.52
CA GLY C 273 3.77 2.75 19.35
C GLY C 273 3.38 2.48 20.80
N ASN C 274 4.33 2.58 21.73
CA ASN C 274 3.97 2.29 23.13
C ASN C 274 4.73 3.20 24.13
N ASN C 275 4.20 4.41 24.32
CA ASN C 275 4.82 5.37 25.25
C ASN C 275 6.30 5.63 24.95
N TYR C 276 6.65 5.73 23.68
CA TYR C 276 8.05 5.94 23.37
C TYR C 276 8.58 7.27 23.97
N ARG C 277 7.76 8.31 23.99
CA ARG C 277 8.26 9.55 24.59
C ARG C 277 8.63 9.33 26.06
N SER C 278 7.75 8.67 26.80
CA SER C 278 8.04 8.49 28.23
C SER C 278 9.15 7.52 28.53
N ILE C 279 9.31 6.52 27.67
CA ILE C 279 10.34 5.51 27.86
C ILE C 279 11.71 5.85 27.26
N ARG C 280 11.72 6.31 26.01
CA ARG C 280 12.97 6.65 25.31
C ARG C 280 13.42 8.07 25.57
N LYS C 281 12.44 8.97 25.71
CA LYS C 281 12.67 10.38 26.04
C LYS C 281 13.44 11.21 25.05
N ASP C 282 13.55 10.74 23.81
CA ASP C 282 14.31 11.46 22.79
C ASP C 282 13.49 12.37 21.88
N LYS C 283 12.20 12.12 21.82
CA LYS C 283 11.27 12.88 20.95
C LYS C 283 9.97 12.98 21.72
N PRO C 284 9.21 14.07 21.49
CA PRO C 284 7.94 14.25 22.19
C PRO C 284 6.82 13.34 21.67
N GLY C 285 5.79 13.16 22.50
CA GLY C 285 4.65 12.35 22.13
C GLY C 285 4.05 12.89 20.83
N TYR C 286 4.19 14.19 20.61
CA TYR C 286 3.67 14.81 19.37
C TYR C 286 4.28 14.12 18.16
N GLN C 287 5.60 13.96 18.20
CA GLN C 287 6.34 13.37 17.08
C GLN C 287 6.02 11.88 16.98
N TYR C 288 5.93 11.21 18.13
CA TYR C 288 5.59 9.78 18.11
C TYR C 288 4.13 9.48 17.72
N GLN C 289 3.23 10.41 17.97
CA GLN C 289 1.84 10.18 17.56
C GLN C 289 1.71 10.25 16.04
N LEU C 290 2.35 11.24 15.40
CA LEU C 290 2.16 11.31 13.95
C LEU C 290 2.83 10.09 13.28
N GLU C 291 3.88 9.55 13.93
CA GLU C 291 4.53 8.35 13.38
C GLU C 291 3.62 7.12 13.52
N ALA C 292 2.91 7.03 14.66
CA ALA C 292 2.02 5.89 14.90
C ALA C 292 0.95 5.79 13.82
N VAL C 293 0.53 6.93 13.30
CA VAL C 293 -0.47 6.93 12.23
C VAL C 293 0.10 6.20 11.01
N PHE C 294 1.33 6.53 10.62
CA PHE C 294 1.94 5.82 9.49
C PHE C 294 2.25 4.39 9.84
N ASN C 295 2.67 4.12 11.08
CA ASN C 295 2.95 2.72 11.49
C ASN C 295 1.69 1.85 11.29
N ALA C 296 0.55 2.41 11.71
CA ALA C 296 -0.75 1.73 11.62
C ALA C 296 -1.16 1.50 10.16
N LYS C 297 -0.92 2.49 9.31
CA LYS C 297 -1.26 2.36 7.91
C LYS C 297 -0.48 1.15 7.33
N ARG C 298 0.77 0.96 7.75
CA ARG C 298 1.53 -0.16 7.22
C ARG C 298 1.03 -1.46 7.74
N ASN C 299 0.38 -1.41 8.90
CA ASN C 299 -0.21 -2.55 9.57
C ASN C 299 -1.70 -2.71 9.03
N GLY C 300 -2.05 -2.10 7.92
CA GLY C 300 -3.40 -2.28 7.38
C GLY C 300 -4.57 -1.50 7.97
N TRP C 301 -4.27 -0.49 8.77
CA TRP C 301 -5.30 0.40 9.32
C TRP C 301 -6.05 0.96 8.13
N SER C 302 -7.29 0.50 7.93
CA SER C 302 -8.09 0.92 6.79
C SER C 302 -9.53 0.57 7.08
N LYS C 303 -10.44 1.09 6.25
CA LYS C 303 -11.85 0.76 6.42
C LYS C 303 -12.07 -0.75 6.28
N GLU C 304 -11.30 -1.39 5.39
CA GLU C 304 -11.46 -2.82 5.19
C GLU C 304 -11.14 -3.68 6.41
N LYS C 305 -10.29 -3.18 7.29
CA LYS C 305 -9.85 -3.98 8.42
C LYS C 305 -10.14 -3.50 9.84
N ILE C 306 -10.30 -2.21 10.03
CA ILE C 306 -10.42 -1.67 11.37
C ILE C 306 -11.59 -0.71 11.55
N GLY C 307 -12.29 -0.80 12.67
CA GLY C 307 -13.34 0.19 12.89
C GLY C 307 -14.74 -0.24 12.58
N SER C 308 -15.58 0.74 12.20
CA SER C 308 -16.98 0.44 11.89
C SER C 308 -17.66 -0.27 13.06
N HIS C 309 -17.30 0.14 14.27
CA HIS C 309 -17.93 -0.42 15.47
C HIS C 309 -19.15 0.43 15.79
N ILE C 310 -20.07 -0.14 16.56
CA ILE C 310 -21.30 0.56 16.99
C ILE C 310 -21.36 0.44 18.51
N ILE C 311 -21.52 1.57 19.20
CA ILE C 311 -21.61 1.60 20.66
C ILE C 311 -22.94 2.33 20.86
N ARG C 312 -23.97 1.63 21.31
CA ARG C 312 -25.26 2.26 21.42
C ARG C 312 -26.06 1.77 22.62
N ASN C 313 -26.89 2.67 23.14
CA ASN C 313 -27.78 2.31 24.25
C ASN C 313 -27.12 1.81 25.50
N ASN C 314 -25.91 2.30 25.79
CA ASN C 314 -25.21 1.90 27.02
C ASN C 314 -25.26 3.04 28.07
N THR C 315 -25.04 2.70 29.32
CA THR C 315 -24.92 3.70 30.39
C THR C 315 -23.50 3.46 30.90
N ILE C 316 -22.66 4.51 30.90
CA ILE C 316 -21.26 4.35 31.30
C ILE C 316 -20.91 5.46 32.26
N TYR C 317 -20.39 5.12 33.43
CA TYR C 317 -20.10 6.15 34.43
C TYR C 317 -19.08 5.70 35.43
N ASP C 318 -18.62 6.66 36.23
CA ASP C 318 -17.64 6.41 37.26
C ASP C 318 -16.33 5.79 36.74
N CYS C 319 -15.73 6.45 35.76
CA CYS C 319 -14.44 6.00 35.21
C CYS C 319 -13.45 7.14 35.40
N GLY C 320 -12.17 6.80 35.54
CA GLY C 320 -11.18 7.83 35.80
C GLY C 320 -10.57 8.56 34.61
N GLN C 321 -10.64 7.96 33.43
CA GLN C 321 -10.08 8.62 32.22
C GLN C 321 -11.17 8.91 31.20
N ASN C 322 -11.91 7.89 30.76
CA ASN C 322 -12.98 8.09 29.77
C ASN C 322 -14.08 7.05 29.83
N ALA C 323 -15.27 7.39 29.31
CA ALA C 323 -16.33 6.37 29.13
C ALA C 323 -15.96 5.64 27.81
N ILE C 324 -15.50 6.40 26.80
CA ILE C 324 -15.11 5.81 25.51
C ILE C 324 -13.79 6.48 25.10
N VAL C 325 -12.80 5.69 24.68
CA VAL C 325 -11.51 6.26 24.29
C VAL C 325 -11.04 5.55 23.01
N GLY C 326 -10.10 6.16 22.29
CA GLY C 326 -9.52 5.43 21.17
C GLY C 326 -8.85 6.24 20.08
N HIS C 327 -7.62 5.87 19.74
CA HIS C 327 -6.88 6.49 18.63
C HIS C 327 -6.84 5.44 17.51
N LEU C 328 -7.22 5.85 16.29
CA LEU C 328 -7.21 4.99 15.08
C LEU C 328 -8.22 3.85 15.01
N GLY C 329 -8.37 3.10 16.10
CA GLY C 329 -9.26 1.96 16.12
C GLY C 329 -10.73 2.22 15.99
N GLY C 330 -11.12 3.50 16.02
CA GLY C 330 -12.55 3.85 15.97
C GLY C 330 -13.05 4.41 14.66
N VAL C 331 -12.20 4.45 13.65
CA VAL C 331 -12.63 4.99 12.40
C VAL C 331 -13.95 4.36 11.88
N PHE C 332 -14.79 5.24 11.34
CA PHE C 332 -16.07 4.89 10.72
C PHE C 332 -17.09 4.34 11.69
N SER C 333 -16.86 4.49 13.00
CA SER C 333 -17.78 3.96 14.01
C SER C 333 -18.96 4.88 14.27
N GLU C 334 -19.96 4.35 14.99
CA GLU C 334 -21.17 5.09 15.34
C GLU C 334 -21.36 4.93 16.84
N ILE C 335 -21.64 6.04 17.52
CA ILE C 335 -21.77 6.08 18.98
C ILE C 335 -23.07 6.87 19.22
N TYR C 336 -24.12 6.18 19.65
CA TYR C 336 -25.40 6.85 19.82
C TYR C 336 -26.29 6.29 20.94
N ASN C 337 -27.13 7.18 21.48
CA ASN C 337 -28.06 6.77 22.55
C ASN C 337 -27.42 6.25 23.82
N ASN C 338 -26.22 6.76 24.12
CA ASN C 338 -25.54 6.36 25.32
C ASN C 338 -25.73 7.44 26.38
N HIS C 339 -25.73 7.02 27.62
CA HIS C 339 -25.84 7.94 28.75
C HIS C 339 -24.46 7.86 29.44
N ILE C 340 -23.71 8.95 29.39
CA ILE C 340 -22.37 8.97 29.94
C ILE C 340 -22.25 10.03 31.03
N TYR C 341 -21.84 9.64 32.23
CA TYR C 341 -21.73 10.62 33.30
C TYR C 341 -20.70 10.29 34.37
N ASN C 342 -20.36 11.28 35.18
CA ASN C 342 -19.40 11.06 36.25
C ASN C 342 -18.07 10.54 35.74
N ILE C 343 -17.52 11.19 34.73
CA ILE C 343 -16.24 10.74 34.23
C ILE C 343 -15.13 11.65 34.71
N ALA C 344 -14.19 11.06 35.45
CA ALA C 344 -12.99 11.71 35.96
C ALA C 344 -13.25 12.77 37.01
N LEU C 345 -14.25 12.54 37.83
CA LEU C 345 -14.55 13.53 38.87
C LEU C 345 -13.68 13.42 40.11
N LYS C 346 -13.18 12.22 40.44
CA LYS C 346 -12.36 12.04 41.64
C LYS C 346 -11.02 12.80 41.51
N ARG C 347 -10.55 12.95 40.27
CA ARG C 347 -9.31 13.65 40.00
C ARG C 347 -8.12 13.12 40.79
N GLU C 348 -8.02 11.79 40.89
CA GLU C 348 -6.89 11.16 41.57
C GLU C 348 -5.63 11.37 40.73
N PHE C 349 -5.83 11.49 39.41
CA PHE C 349 -4.72 11.74 38.49
C PHE C 349 -5.32 12.57 37.36
N TYR C 350 -4.46 13.23 36.61
CA TYR C 350 -4.95 14.09 35.55
C TYR C 350 -3.91 14.15 34.45
N GLY C 351 -4.39 14.37 33.23
CA GLY C 351 -3.47 14.46 32.11
C GLY C 351 -4.28 14.75 30.88
N HIS C 352 -3.63 14.90 29.72
CA HIS C 352 -4.36 15.28 28.51
C HIS C 352 -5.04 14.18 27.71
N GLU C 353 -5.65 13.22 28.41
CA GLU C 353 -6.37 12.16 27.73
C GLU C 353 -7.76 11.98 28.34
N ILE C 354 -8.14 12.88 29.25
CA ILE C 354 -9.43 12.77 29.94
C ILE C 354 -10.64 13.46 29.30
N ALA C 355 -11.74 12.72 29.18
CA ALA C 355 -13.02 13.22 28.64
C ALA C 355 -14.06 12.10 28.62
N GLY C 356 -15.35 12.45 28.68
CA GLY C 356 -16.40 11.44 28.62
C GLY C 356 -16.15 10.54 27.40
N ILE C 357 -16.02 11.17 26.24
CA ILE C 357 -15.68 10.46 25.01
C ILE C 357 -14.43 11.16 24.44
N LYS C 358 -13.37 10.40 24.19
CA LYS C 358 -12.19 10.99 23.55
C LYS C 358 -11.80 10.08 22.39
N LEU C 359 -11.66 10.65 21.20
CA LEU C 359 -11.24 9.87 20.03
C LEU C 359 -10.23 10.65 19.25
N HIS C 360 -9.13 9.99 18.87
CA HIS C 360 -8.11 10.58 17.98
C HIS C 360 -8.35 9.87 16.66
N ALA C 361 -8.31 10.62 15.56
CA ALA C 361 -8.58 10.11 14.22
C ALA C 361 -9.99 9.50 14.11
N ALA C 362 -10.98 10.29 14.53
CA ALA C 362 -12.40 9.85 14.49
C ALA C 362 -12.94 10.04 13.07
N ILE C 363 -12.28 9.43 12.10
CA ILE C 363 -12.67 9.61 10.71
C ILE C 363 -14.08 9.11 10.41
N ASP C 364 -14.92 9.99 9.90
CA ASP C 364 -16.32 9.68 9.58
C ASP C 364 -17.10 9.11 10.76
N VAL C 365 -16.65 9.35 12.00
CA VAL C 365 -17.37 8.83 13.18
C VAL C 365 -18.64 9.66 13.41
N GLN C 366 -19.75 8.97 13.73
CA GLN C 366 -21.04 9.64 13.97
C GLN C 366 -21.30 9.53 15.46
N ILE C 367 -21.42 10.67 16.15
CA ILE C 367 -21.65 10.68 17.60
C ILE C 367 -22.95 11.42 17.75
N HIS C 368 -24.03 10.70 18.04
CA HIS C 368 -25.33 11.36 18.07
C HIS C 368 -26.30 10.82 19.13
N HIS C 369 -27.26 11.67 19.53
CA HIS C 369 -28.26 11.27 20.51
C HIS C 369 -27.70 10.73 21.81
N ASN C 370 -26.59 11.30 22.28
CA ASN C 370 -26.02 10.86 23.56
C ASN C 370 -26.32 11.92 24.62
N ARG C 371 -26.36 11.50 25.87
CA ARG C 371 -26.60 12.37 27.04
C ARG C 371 -25.30 12.32 27.83
N ILE C 372 -24.58 13.45 27.91
CA ILE C 372 -23.28 13.49 28.55
C ILE C 372 -23.22 14.62 29.57
N HIS C 373 -23.07 14.26 30.83
CA HIS C 373 -23.07 15.27 31.90
C HIS C 373 -22.20 14.87 33.06
N ASP C 374 -21.85 15.87 33.86
CA ASP C 374 -21.02 15.62 35.02
C ASP C 374 -19.67 14.98 34.68
N CYS C 375 -19.03 15.56 33.68
CA CYS C 375 -17.70 15.15 33.24
C CYS C 375 -16.82 16.38 33.31
N SER C 376 -15.52 16.21 33.51
CA SER C 376 -14.66 17.41 33.49
C SER C 376 -14.59 17.93 32.03
N LEU C 377 -14.79 17.03 31.06
CA LEU C 377 -14.84 17.41 29.64
C LEU C 377 -15.75 16.37 29.00
N GLY C 378 -16.79 16.81 28.28
CA GLY C 378 -17.68 15.82 27.70
C GLY C 378 -17.13 15.06 26.50
N LEU C 379 -16.58 15.79 25.54
CA LEU C 379 -16.11 15.18 24.30
C LEU C 379 -14.83 15.84 23.84
N TRP C 380 -13.88 15.01 23.43
CA TRP C 380 -12.62 15.54 22.94
C TRP C 380 -12.30 14.82 21.62
N LEU C 381 -12.27 15.55 20.50
CA LEU C 381 -11.90 14.97 19.19
C LEU C 381 -10.51 15.57 19.03
N ASP C 382 -9.49 14.70 18.89
CA ASP C 382 -8.10 15.13 18.94
C ASP C 382 -7.32 14.53 17.77
N TRP C 383 -6.97 15.37 16.79
CA TRP C 383 -6.35 14.97 15.53
C TRP C 383 -7.36 14.28 14.60
N GLU C 384 -7.23 14.62 13.32
CA GLU C 384 -7.96 13.91 12.29
C GLU C 384 -9.45 13.69 12.48
N ALA C 385 -10.11 14.75 12.96
CA ALA C 385 -11.58 14.72 13.08
C ALA C 385 -12.02 15.09 11.65
N GLN C 386 -11.93 14.14 10.73
CA GLN C 386 -12.30 14.44 9.35
C GLN C 386 -13.57 13.66 9.04
N GLY C 387 -14.64 14.38 8.75
CA GLY C 387 -15.91 13.74 8.44
C GLY C 387 -16.68 13.41 9.72
N THR C 388 -16.10 13.69 10.88
CA THR C 388 -16.77 13.39 12.13
C THR C 388 -18.05 14.25 12.22
N ARG C 389 -19.12 13.68 12.72
CA ARG C 389 -20.36 14.43 12.88
C ARG C 389 -20.85 14.25 14.32
N VAL C 390 -20.99 15.37 15.04
CA VAL C 390 -21.45 15.39 16.43
C VAL C 390 -22.85 16.02 16.29
N SER C 391 -23.87 15.21 16.45
CA SER C 391 -25.21 15.66 16.17
C SER C 391 -26.27 15.30 17.21
N LYS C 392 -27.13 16.26 17.53
CA LYS C 392 -28.24 15.98 18.42
C LYS C 392 -27.88 15.40 19.77
N ASN C 393 -26.78 15.84 20.35
CA ASN C 393 -26.41 15.37 21.68
C ASN C 393 -26.82 16.40 22.76
N LEU C 394 -26.90 15.93 24.00
CA LEU C 394 -27.26 16.73 25.15
C LEU C 394 -26.09 16.75 26.14
N PHE C 395 -25.46 17.93 26.26
CA PHE C 395 -24.34 18.17 27.15
C PHE C 395 -24.77 19.19 28.22
N TYR C 396 -24.57 18.85 29.48
CA TYR C 396 -24.88 19.78 30.57
C TYR C 396 -24.09 19.40 31.81
N ASN C 397 -23.95 20.36 32.72
CA ASN C 397 -23.25 20.12 33.96
C ASN C 397 -21.84 19.54 33.82
N ASN C 398 -21.15 19.98 32.78
CA ASN C 398 -19.75 19.54 32.57
C ASN C 398 -18.88 20.75 32.81
N ASN C 399 -17.63 20.54 33.22
CA ASN C 399 -16.74 21.69 33.35
C ASN C 399 -16.49 22.28 31.94
N ARG C 400 -16.46 21.41 30.92
CA ARG C 400 -16.36 21.89 29.52
C ARG C 400 -17.17 20.89 28.70
N ASP C 401 -17.83 21.33 27.62
CA ASP C 401 -18.57 20.35 26.82
C ASP C 401 -17.78 19.66 25.69
N VAL C 402 -17.27 20.45 24.74
CA VAL C 402 -16.57 19.91 23.57
C VAL C 402 -15.20 20.54 23.30
N PHE C 403 -14.24 19.72 22.85
CA PHE C 403 -12.91 20.17 22.51
C PHE C 403 -12.57 19.49 21.17
N VAL C 404 -12.29 20.28 20.13
CA VAL C 404 -11.84 19.72 18.83
C VAL C 404 -10.45 20.30 18.67
N GLU C 405 -9.46 19.42 18.75
CA GLU C 405 -8.07 19.83 18.73
C GLU C 405 -7.29 19.39 17.48
N VAL C 406 -6.47 20.31 16.96
CA VAL C 406 -5.59 20.14 15.80
C VAL C 406 -6.16 19.32 14.69
N SER C 407 -7.42 19.65 14.36
CA SER C 407 -8.07 19.03 13.21
C SER C 407 -8.31 20.04 12.09
N HIS C 408 -8.55 19.51 10.89
CA HIS C 408 -8.76 20.35 9.71
C HIS C 408 -10.12 20.17 9.08
N GLY C 409 -10.91 19.25 9.65
CA GLY C 409 -12.23 18.98 9.14
C GLY C 409 -12.21 18.28 7.79
N PRO C 410 -13.33 18.31 7.05
CA PRO C 410 -14.60 18.95 7.45
C PRO C 410 -15.28 18.21 8.59
N TYR C 411 -15.53 18.87 9.72
CA TYR C 411 -16.21 18.19 10.83
C TYR C 411 -17.47 19.03 11.13
N LEU C 412 -18.52 18.32 11.54
CA LEU C 412 -19.83 18.92 11.76
C LEU C 412 -20.35 18.73 13.19
N VAL C 413 -20.84 19.83 13.77
CA VAL C 413 -21.38 19.85 15.11
C VAL C 413 -22.76 20.48 14.89
N ASP C 414 -23.80 19.65 14.88
CA ASP C 414 -25.13 20.17 14.55
C ASP C 414 -26.24 19.73 15.46
N HIS C 415 -27.18 20.65 15.68
CA HIS C 415 -28.36 20.38 16.48
C HIS C 415 -28.09 19.86 17.88
N ASN C 416 -27.01 20.32 18.49
CA ASN C 416 -26.69 19.90 19.83
C ASN C 416 -27.12 20.97 20.85
N ILE C 417 -27.15 20.53 22.10
CA ILE C 417 -27.41 21.41 23.23
C ILE C 417 -26.08 21.38 23.97
N LEU C 418 -25.28 22.45 23.86
CA LEU C 418 -23.99 22.57 24.58
C LEU C 418 -24.31 23.59 25.65
N SER C 419 -24.75 23.13 26.80
CA SER C 419 -25.22 24.05 27.83
C SER C 419 -24.29 24.38 28.98
N SER C 420 -23.07 23.85 28.98
CA SER C 420 -22.16 24.17 30.08
C SER C 420 -21.54 25.56 29.88
N GLU C 421 -21.01 26.14 30.95
CA GLU C 421 -20.44 27.49 30.91
C GLU C 421 -19.22 27.66 30.03
N TYR C 422 -18.50 26.57 29.78
CA TYR C 422 -17.32 26.62 28.92
C TYR C 422 -17.77 25.57 27.91
N ALA C 423 -18.27 26.04 26.79
CA ALA C 423 -18.83 25.10 25.83
C ALA C 423 -17.90 24.47 24.83
N ILE C 424 -16.99 25.28 24.28
CA ILE C 424 -16.12 24.78 23.22
C ILE C 424 -14.66 25.20 23.32
N ASP C 425 -13.76 24.23 23.18
CA ASP C 425 -12.32 24.53 23.05
C ASP C 425 -12.15 24.20 21.56
N ASN C 426 -11.80 25.21 20.77
CA ASN C 426 -11.63 25.06 19.32
C ASN C 426 -10.20 25.35 18.92
N MET C 427 -9.39 24.30 18.75
CA MET C 427 -7.99 24.50 18.34
C MET C 427 -7.84 23.78 17.00
N SER C 428 -8.81 24.03 16.14
CA SER C 428 -8.88 23.40 14.82
C SER C 428 -9.34 24.40 13.78
N GLN C 429 -9.56 23.88 12.58
CA GLN C 429 -10.09 24.67 11.47
C GLN C 429 -10.95 23.68 10.67
N GLY C 430 -11.83 24.19 9.80
CA GLY C 430 -12.66 23.32 9.00
C GLY C 430 -13.93 22.83 9.67
N GLY C 431 -14.42 23.55 10.68
CA GLY C 431 -15.61 23.07 11.35
C GLY C 431 -16.89 23.73 10.82
N ALA C 432 -18.04 23.11 11.07
CA ALA C 432 -19.34 23.67 10.68
C ALA C 432 -20.21 23.46 11.93
N TYR C 433 -20.66 24.57 12.54
CA TYR C 433 -21.48 24.52 13.76
C TYR C 433 -22.86 25.00 13.27
N ILE C 434 -23.82 24.09 13.23
CA ILE C 434 -25.12 24.36 12.64
C ILE C 434 -26.26 24.04 13.57
N ASN C 435 -27.14 25.03 13.79
CA ASN C 435 -28.34 24.78 14.60
C ASN C 435 -28.14 24.25 16.01
N ASN C 436 -27.11 24.74 16.69
CA ASN C 436 -26.88 24.33 18.06
C ASN C 436 -27.42 25.38 19.05
N LEU C 437 -27.54 24.96 20.30
CA LEU C 437 -27.85 25.89 21.39
C LEU C 437 -26.49 25.88 22.11
N ILE C 438 -25.81 27.03 22.14
CA ILE C 438 -24.49 27.13 22.77
C ILE C 438 -24.56 28.15 23.91
N ALA C 439 -24.42 27.69 25.13
CA ALA C 439 -24.58 28.57 26.31
C ALA C 439 -23.34 28.71 27.18
N GLY C 440 -22.17 28.68 26.56
CA GLY C 440 -20.92 28.79 27.28
C GLY C 440 -19.88 29.36 26.36
N LYS C 441 -18.72 29.69 26.91
CA LYS C 441 -17.71 30.31 26.09
C LYS C 441 -16.98 29.38 25.16
N MET C 442 -16.34 29.98 24.17
CA MET C 442 -15.51 29.21 23.25
C MET C 442 -14.12 29.80 23.35
N ASN C 443 -13.15 28.93 23.53
CA ASN C 443 -11.76 29.32 23.54
C ASN C 443 -11.26 28.86 22.15
N GLN C 444 -10.97 29.79 21.25
CA GLN C 444 -10.49 29.43 19.91
C GLN C 444 -9.04 29.89 19.76
N ARG C 445 -8.17 28.95 19.38
CA ARG C 445 -6.75 29.26 19.26
C ARG C 445 -6.08 28.60 18.08
N LYS C 446 -5.13 29.30 17.47
CA LYS C 446 -4.35 28.72 16.36
C LYS C 446 -3.36 27.73 17.00
N VAL C 447 -2.83 26.79 16.22
CA VAL C 447 -1.79 25.87 16.71
C VAL C 447 -0.74 25.85 15.59
N LEU C 448 0.28 26.69 15.76
CA LEU C 448 1.25 26.82 14.68
C LEU C 448 2.50 25.96 14.81
N ASN C 449 2.62 25.22 15.91
CA ASN C 449 3.84 24.41 16.06
C ASN C 449 3.55 22.91 16.06
N ARG C 450 2.32 22.53 15.66
CA ARG C 450 1.99 21.11 15.54
C ARG C 450 1.24 20.92 14.22
N SER C 451 1.81 20.12 13.33
CA SER C 451 1.13 19.83 12.07
C SER C 451 0.57 18.41 12.22
N THR C 452 -0.62 18.15 11.67
CA THR C 452 -1.26 16.85 11.84
C THR C 452 -1.90 16.44 10.54
N GLN C 453 -2.04 15.14 10.35
CA GLN C 453 -2.54 14.64 9.09
C GLN C 453 -3.96 14.96 8.68
N TYR C 454 -4.18 14.99 7.36
CA TYR C 454 -5.55 15.03 6.85
C TYR C 454 -5.56 13.91 5.81
N HIS C 455 -6.75 13.53 5.37
CA HIS C 455 -6.89 12.33 4.55
C HIS C 455 -7.67 12.49 3.28
N LEU C 456 -7.66 11.45 2.45
CA LEU C 456 -8.54 11.46 1.29
C LEU C 456 -9.92 11.25 1.94
N PRO C 457 -11.01 11.74 1.30
CA PRO C 457 -12.35 11.56 1.90
C PRO C 457 -12.78 10.09 2.13
N HIS C 458 -13.44 9.85 3.27
CA HIS C 458 -13.98 8.52 3.60
C HIS C 458 -12.93 7.44 3.53
N SER C 459 -11.74 7.75 4.03
CA SER C 459 -10.65 6.80 3.93
C SER C 459 -9.59 7.08 4.98
N THR C 460 -8.75 6.08 5.25
CA THR C 460 -7.62 6.32 6.17
C THR C 460 -6.40 6.75 5.32
N GLU C 461 -6.50 6.71 3.99
CA GLU C 461 -5.34 7.13 3.17
C GLU C 461 -4.96 8.56 3.57
N VAL C 462 -3.67 8.81 3.72
CA VAL C 462 -3.20 10.14 4.13
C VAL C 462 -3.04 11.02 2.91
N ALA C 463 -3.56 12.23 2.99
CA ALA C 463 -3.46 13.15 1.84
C ALA C 463 -2.43 14.24 2.08
N GLY C 464 -2.16 14.53 3.34
CA GLY C 464 -1.19 15.58 3.66
C GLY C 464 -1.20 15.83 5.16
N PHE C 465 -0.67 16.97 5.58
CA PHE C 465 -0.70 17.33 6.99
C PHE C 465 -0.61 18.85 7.01
N ALA C 466 -1.09 19.42 8.10
CA ALA C 466 -1.07 20.86 8.17
C ALA C 466 -1.13 21.34 9.62
N PHE C 467 -0.67 22.59 9.83
CA PHE C 467 -0.83 23.22 11.15
C PHE C 467 -2.22 23.86 11.12
N VAL C 468 -2.63 24.37 12.27
CA VAL C 468 -3.93 25.02 12.39
C VAL C 468 -3.77 26.55 12.36
N TYR C 469 -4.19 27.16 11.25
CA TYR C 469 -4.06 28.62 11.08
C TYR C 469 -5.23 29.38 11.74
N GLY C 470 -6.30 28.65 12.09
CA GLY C 470 -7.46 29.27 12.73
C GLY C 470 -8.47 29.74 11.71
N GLY C 471 -9.74 29.69 12.08
CA GLY C 471 -10.76 30.11 11.14
C GLY C 471 -11.17 28.96 10.24
N ASP C 472 -11.69 29.32 9.06
CA ASP C 472 -12.24 28.39 8.10
C ASP C 472 -13.29 27.57 8.85
N ASP C 473 -14.15 28.28 9.60
CA ASP C 473 -15.24 27.64 10.35
C ASP C 473 -16.56 28.24 9.87
N ARG C 474 -17.65 27.47 9.98
CA ARG C 474 -18.99 27.96 9.59
C ARG C 474 -19.85 27.92 10.85
N PHE C 475 -20.68 28.95 11.04
CA PHE C 475 -21.60 29.00 12.16
C PHE C 475 -22.91 29.55 11.59
N TYR C 476 -23.93 28.69 11.53
CA TYR C 476 -25.26 29.10 11.01
C TYR C 476 -26.37 28.63 11.93
N ASN C 477 -27.39 29.48 12.15
CA ASN C 477 -28.54 29.04 12.93
C ASN C 477 -28.31 28.67 14.37
N ASN C 478 -27.26 29.17 15.00
CA ASN C 478 -27.03 28.83 16.38
C ASN C 478 -27.63 29.89 17.28
N ILE C 479 -28.01 29.46 18.48
CA ILE C 479 -28.49 30.36 19.52
C ILE C 479 -27.36 30.39 20.55
N PHE C 480 -26.73 31.56 20.71
CA PHE C 480 -25.66 31.73 21.71
C PHE C 480 -26.23 32.43 22.93
N ILE C 481 -25.85 31.98 24.11
CA ILE C 481 -26.31 32.58 25.36
C ILE C 481 -25.13 32.78 26.31
N GLY C 482 -24.83 34.03 26.62
CA GLY C 482 -23.75 34.33 27.54
C GLY C 482 -24.23 34.30 28.98
N LYS C 483 -23.43 34.83 29.88
CA LYS C 483 -23.78 34.82 31.29
C LYS C 483 -22.92 35.89 31.90
N GLU C 484 -23.38 36.51 32.98
CA GLU C 484 -22.56 37.54 33.62
C GLU C 484 -21.33 36.84 34.22
N GLY C 485 -20.16 37.43 34.04
CA GLY C 485 -18.95 36.82 34.58
C GLY C 485 -18.43 35.75 33.63
N LEU C 486 -18.84 35.84 32.37
CA LEU C 486 -18.46 34.89 31.36
C LEU C 486 -18.09 35.64 30.08
N GLU C 487 -16.85 35.45 29.62
CA GLU C 487 -16.39 36.12 28.42
C GLU C 487 -16.28 35.15 27.24
N ASN C 488 -16.09 35.72 26.06
CA ASN C 488 -15.91 34.96 24.83
C ASN C 488 -17.00 33.99 24.36
N VAL C 489 -18.26 34.35 24.62
CA VAL C 489 -19.37 33.55 24.15
C VAL C 489 -19.79 34.17 22.82
N GLY C 490 -19.96 33.34 21.79
CA GLY C 490 -20.39 33.85 20.51
C GLY C 490 -19.43 33.56 19.38
N THR C 491 -19.29 34.51 18.46
CA THR C 491 -18.43 34.36 17.31
C THR C 491 -17.55 35.58 17.06
N SER C 492 -17.39 36.47 18.05
CA SER C 492 -16.57 37.67 17.85
C SER C 492 -15.09 37.27 17.73
N HIS C 493 -14.81 36.01 18.05
CA HIS C 493 -13.43 35.49 17.98
C HIS C 493 -12.85 35.67 16.62
N TYR C 494 -13.72 35.65 15.61
CA TYR C 494 -13.28 35.73 14.23
C TYR C 494 -13.27 37.10 13.58
N ASN C 495 -13.36 38.16 14.37
CA ASN C 495 -13.40 39.49 13.77
C ASN C 495 -12.36 39.85 12.72
N ASN C 496 -11.14 39.34 12.83
CA ASN C 496 -10.13 39.65 11.83
C ASN C 496 -10.17 38.78 10.56
N CYS C 497 -11.07 37.80 10.52
CA CYS C 497 -11.13 36.89 9.37
C CYS C 497 -11.76 37.43 8.09
N THR C 498 -11.45 36.79 6.96
CA THR C 498 -12.06 37.16 5.68
C THR C 498 -13.46 36.53 5.72
N THR C 499 -14.32 36.84 4.75
CA THR C 499 -15.68 36.32 4.81
C THR C 499 -16.07 35.37 3.71
N SER C 500 -15.13 35.05 2.83
CA SER C 500 -15.41 34.08 1.77
C SER C 500 -14.08 33.57 1.26
N LEU C 501 -14.07 32.39 0.67
CA LEU C 501 -12.83 31.88 0.13
C LEU C 501 -12.40 32.81 -1.04
N GLU C 502 -13.36 33.41 -1.75
CA GLU C 502 -12.97 34.31 -2.83
C GLU C 502 -12.20 35.51 -2.26
N GLU C 503 -12.63 36.02 -1.10
CA GLU C 503 -11.95 37.18 -0.53
C GLU C 503 -10.53 36.81 -0.08
N TYR C 504 -10.40 35.65 0.53
CA TYR C 504 -9.11 35.16 1.00
C TYR C 504 -8.13 35.05 -0.18
N ILE C 505 -8.58 34.37 -1.23
CA ILE C 505 -7.75 34.18 -2.43
C ILE C 505 -7.34 35.50 -3.04
N GLU C 506 -8.27 36.45 -3.08
CA GLU C 506 -7.97 37.75 -3.64
C GLU C 506 -6.91 38.46 -2.82
N LYS C 507 -7.06 38.44 -1.49
CA LYS C 507 -6.09 39.13 -0.63
C LYS C 507 -4.72 38.49 -0.67
N VAL C 508 -4.70 37.15 -0.63
CA VAL C 508 -3.43 36.45 -0.67
C VAL C 508 -2.70 36.73 -1.97
N ASN C 509 -3.43 36.76 -3.06
CA ASN C 509 -2.76 36.92 -4.31
C ASN C 509 -2.47 38.35 -4.77
N GLU C 510 -2.63 39.31 -3.85
CA GLU C 510 -2.33 40.72 -4.14
C GLU C 510 -0.85 40.88 -4.52
N VAL C 511 0.04 40.19 -3.84
CA VAL C 511 1.48 40.27 -4.15
C VAL C 511 2.05 38.87 -4.39
N PRO C 512 2.87 38.71 -5.42
CA PRO C 512 3.47 37.40 -5.75
C PRO C 512 4.21 36.78 -4.56
N GLY C 513 4.13 35.45 -4.44
CA GLY C 513 4.83 34.79 -3.36
C GLY C 513 4.24 33.42 -3.09
N ASP C 514 4.69 32.78 -2.00
CA ASP C 514 4.14 31.48 -1.68
C ASP C 514 3.62 31.44 -0.25
N LEU C 515 4.07 30.48 0.55
CA LEU C 515 3.55 30.34 1.90
C LEU C 515 3.41 31.65 2.73
N GLY C 516 4.42 32.50 2.66
CA GLY C 516 4.39 33.75 3.42
C GLY C 516 3.18 34.61 3.10
N GLU C 517 2.81 34.67 1.81
CA GLU C 517 1.66 35.49 1.42
C GLU C 517 0.37 34.87 1.95
N PHE C 518 0.31 33.53 1.98
CA PHE C 518 -0.88 32.90 2.54
C PHE C 518 -0.96 33.11 4.04
N GLU C 519 0.17 33.01 4.74
CA GLU C 519 0.13 33.16 6.19
C GLU C 519 -0.26 34.57 6.62
N ARG C 520 -0.01 35.57 5.79
CA ARG C 520 -0.35 36.93 6.22
C ARG C 520 -1.86 37.24 6.18
N VAL C 521 -2.65 36.37 5.57
CA VAL C 521 -4.09 36.60 5.46
C VAL C 521 -4.87 35.64 6.35
N GLU C 522 -5.85 36.14 7.10
CA GLU C 522 -6.66 35.27 7.95
C GLU C 522 -7.66 34.47 7.10
N GLN C 523 -7.83 33.19 7.44
CA GLN C 523 -8.76 32.32 6.72
C GLN C 523 -10.20 32.85 6.81
N PRO C 524 -11.04 32.45 5.85
CA PRO C 524 -12.44 32.89 5.83
C PRO C 524 -13.31 32.23 6.88
N VAL C 525 -14.40 32.90 7.26
CA VAL C 525 -15.38 32.29 8.13
C VAL C 525 -16.72 32.53 7.44
N TYR C 526 -17.68 31.64 7.67
CA TYR C 526 -18.98 31.65 7.00
C TYR C 526 -19.97 31.65 8.13
N ILE C 527 -20.42 32.85 8.53
CA ILE C 527 -21.26 33.00 9.70
C ILE C 527 -22.50 33.82 9.39
N ASN C 528 -23.66 33.26 9.69
CA ASN C 528 -24.92 33.96 9.43
C ASN C 528 -26.11 33.31 10.12
N LYS C 529 -27.16 34.12 10.34
CA LYS C 529 -28.37 33.66 10.99
C LYS C 529 -28.23 33.10 12.40
N ASN C 530 -27.36 33.68 13.21
CA ASN C 530 -27.22 33.25 14.60
C ASN C 530 -27.86 34.31 15.50
N ALA C 531 -28.23 33.90 16.72
CA ALA C 531 -28.81 34.83 17.71
C ALA C 531 -27.83 34.89 18.88
N TYR C 532 -27.76 36.05 19.53
CA TYR C 532 -26.82 36.25 20.62
C TYR C 532 -27.55 36.93 21.75
N PHE C 533 -27.64 36.25 22.88
CA PHE C 533 -28.35 36.77 24.05
C PHE C 533 -27.50 36.78 25.30
N ASN C 534 -27.96 37.58 26.26
CA ASN C 534 -27.34 37.62 27.57
C ASN C 534 -25.84 37.82 27.64
N GLY C 535 -25.28 38.57 26.70
CA GLY C 535 -23.85 38.82 26.74
C GLY C 535 -23.02 38.20 25.62
N ALA C 536 -23.62 37.29 24.85
CA ALA C 536 -22.89 36.70 23.72
C ALA C 536 -22.64 37.82 22.69
N GLU C 537 -21.50 37.73 21.99
CA GLU C 537 -21.06 38.73 21.02
C GLU C 537 -20.87 38.09 19.65
N PRO C 538 -21.32 38.74 18.58
CA PRO C 538 -21.21 38.23 17.22
C PRO C 538 -19.99 38.67 16.45
N PHE C 539 -19.70 37.93 15.41
CA PHE C 539 -18.65 38.24 14.46
C PHE C 539 -19.14 39.60 13.93
N GLU C 540 -18.27 40.60 13.95
CA GLU C 540 -18.67 41.93 13.52
C GLU C 540 -19.16 42.01 12.08
N LYS C 541 -18.71 41.12 11.20
CA LYS C 541 -19.15 41.19 9.82
C LYS C 541 -20.33 40.27 9.44
N GLU C 542 -20.98 39.69 10.44
CA GLU C 542 -22.11 38.83 10.18
C GLU C 542 -23.21 39.69 9.57
N LYS C 543 -23.78 39.27 8.45
CA LYS C 543 -24.82 40.05 7.79
C LYS C 543 -26.19 40.01 8.46
N ASP C 544 -26.68 38.83 8.80
CA ASP C 544 -28.01 38.68 9.41
C ASP C 544 -28.04 37.98 10.73
N ASN C 545 -28.20 38.73 11.81
CA ASN C 545 -28.25 38.07 13.10
C ASN C 545 -29.22 38.77 14.02
N LEU C 546 -29.36 38.22 15.21
CA LEU C 546 -30.25 38.80 16.19
C LEU C 546 -29.45 38.96 17.45
N VAL C 547 -29.17 40.21 17.84
CA VAL C 547 -28.40 40.44 19.05
C VAL C 547 -29.18 41.20 20.11
N LYS C 548 -29.39 40.57 21.25
CA LYS C 548 -30.10 41.18 22.36
C LYS C 548 -29.31 40.88 23.61
N LYS C 549 -28.23 41.64 23.78
CA LYS C 549 -27.30 41.50 24.89
C LYS C 549 -28.00 41.56 26.22
N ASP C 550 -29.09 42.30 26.28
CA ASP C 550 -29.72 42.40 27.57
C ASP C 550 -30.79 41.35 27.83
N PHE C 551 -31.16 40.58 26.81
CA PHE C 551 -32.16 39.55 27.00
C PHE C 551 -31.60 38.31 27.68
N ASP C 552 -32.24 37.89 28.76
CA ASP C 552 -31.81 36.73 29.51
C ASP C 552 -32.77 35.56 29.26
N PRO C 553 -32.29 34.50 28.55
CA PRO C 553 -33.14 33.34 28.27
C PRO C 553 -33.50 32.49 29.48
N LYS C 554 -32.80 32.69 30.60
CA LYS C 554 -33.05 31.90 31.79
C LYS C 554 -33.02 30.40 31.47
N LEU C 555 -32.02 30.02 30.69
CA LEU C 555 -31.81 28.63 30.32
C LEU C 555 -31.63 27.71 31.53
N ALA C 556 -32.34 26.58 31.54
CA ALA C 556 -32.20 25.60 32.61
C ALA C 556 -32.35 24.20 32.05
N ILE C 557 -31.51 23.28 32.52
CA ILE C 557 -31.61 21.87 32.11
C ILE C 557 -32.07 21.21 33.40
N ILE C 558 -33.23 20.58 33.36
CA ILE C 558 -33.79 19.95 34.55
C ILE C 558 -33.65 18.44 34.43
N ASP C 559 -32.76 17.87 35.24
CA ASP C 559 -32.49 16.44 35.19
C ASP C 559 -33.31 15.76 36.26
N GLU C 560 -34.32 15.00 35.85
CA GLU C 560 -35.18 14.30 36.80
C GLU C 560 -34.87 12.80 36.86
N GLY C 561 -33.64 12.42 36.47
CA GLY C 561 -33.27 11.02 36.49
C GLY C 561 -33.38 10.45 35.10
N ASP C 562 -34.43 9.66 34.85
CA ASP C 562 -34.60 9.09 33.53
C ASP C 562 -35.00 10.10 32.49
N GLU C 563 -35.63 11.18 32.91
CA GLU C 563 -36.03 12.22 31.97
C GLU C 563 -35.29 13.53 32.20
N VAL C 564 -35.16 14.32 31.15
CA VAL C 564 -34.49 15.60 31.23
C VAL C 564 -35.27 16.61 30.41
N TYR C 565 -35.46 17.79 30.98
CA TYR C 565 -36.18 18.88 30.37
C TYR C 565 -35.34 20.11 30.18
N LEU C 566 -35.69 20.85 29.13
CA LEU C 566 -35.06 22.10 28.79
C LEU C 566 -36.08 23.21 29.00
N SER C 567 -35.72 24.20 29.82
CA SER C 567 -36.58 25.38 30.07
C SER C 567 -35.86 26.57 29.48
N LEU C 568 -36.56 27.33 28.64
CA LEU C 568 -35.94 28.45 27.98
C LEU C 568 -36.92 29.55 27.57
N GLN C 569 -36.54 30.81 27.80
CA GLN C 569 -37.35 31.94 27.36
C GLN C 569 -36.72 32.53 26.10
N LEU C 570 -37.53 32.92 25.12
CA LEU C 570 -37.01 33.54 23.90
C LEU C 570 -37.76 34.85 23.64
N PRO C 571 -37.09 35.84 23.05
CA PRO C 571 -37.70 37.15 22.76
C PRO C 571 -38.62 37.12 21.54
N ASP C 572 -39.56 38.06 21.49
CA ASP C 572 -40.46 38.09 20.36
C ASP C 572 -39.70 38.20 19.07
N GLU C 573 -38.54 38.84 19.10
CA GLU C 573 -37.81 38.99 17.86
C GLU C 573 -37.28 37.66 17.32
N PHE C 574 -37.40 36.62 18.15
CA PHE C 574 -36.94 35.29 17.76
C PHE C 574 -37.71 34.85 16.51
N GLU C 575 -38.98 35.25 16.42
CA GLU C 575 -39.78 34.86 15.26
C GLU C 575 -39.30 35.48 13.98
N ASN C 576 -38.51 36.55 14.06
CA ASN C 576 -38.04 37.25 12.88
C ASN C 576 -36.72 36.78 12.26
N ILE C 577 -36.02 35.88 12.93
CA ILE C 577 -34.79 35.35 12.36
C ILE C 577 -35.14 33.92 11.95
N VAL C 578 -35.00 33.62 10.66
CA VAL C 578 -35.37 32.32 10.13
C VAL C 578 -34.12 31.59 9.64
N GLY C 579 -34.02 30.32 10.01
CA GLY C 579 -32.88 29.51 9.61
C GLY C 579 -33.09 28.78 8.30
N ASP C 580 -32.02 28.60 7.54
CA ASP C 580 -32.08 27.86 6.29
C ASP C 580 -31.67 26.43 6.56
N ILE C 581 -32.09 25.53 5.69
CA ILE C 581 -31.72 24.11 5.80
C ILE C 581 -30.32 24.04 5.19
N HIS C 582 -29.31 23.65 5.96
CA HIS C 582 -27.96 23.56 5.40
C HIS C 582 -27.71 22.17 4.86
N SER C 583 -26.77 22.08 3.92
CA SER C 583 -26.50 20.81 3.27
C SER C 583 -25.12 20.85 2.63
N THR C 584 -24.77 19.79 1.92
CA THR C 584 -23.49 19.77 1.23
C THR C 584 -23.40 20.95 0.27
N LYS C 585 -24.53 21.27 -0.37
CA LYS C 585 -24.59 22.38 -1.31
C LYS C 585 -24.38 23.76 -0.66
N THR C 586 -24.89 23.96 0.54
CA THR C 586 -24.82 25.27 1.19
C THR C 586 -23.55 25.53 2.00
N LEU C 587 -22.85 24.46 2.39
CA LEU C 587 -21.64 24.61 3.20
C LEU C 587 -20.39 24.66 2.32
N GLU C 588 -19.64 25.75 2.41
CA GLU C 588 -18.44 25.94 1.60
C GLU C 588 -17.39 24.88 1.98
N ARG C 589 -16.70 24.33 0.98
CA ARG C 589 -15.68 23.32 1.25
C ARG C 589 -14.59 23.89 2.18
N VAL C 590 -13.91 23.02 2.93
CA VAL C 590 -12.83 23.49 3.80
C VAL C 590 -11.65 23.74 2.88
N ARG C 591 -10.80 24.69 3.25
CA ARG C 591 -9.71 25.09 2.37
C ARG C 591 -8.55 24.12 2.25
N ILE C 592 -7.89 23.82 3.35
CA ILE C 592 -6.75 22.94 3.25
C ILE C 592 -7.06 21.52 2.81
N VAL C 593 -8.07 20.90 3.42
CA VAL C 593 -8.40 19.52 3.04
C VAL C 593 -9.10 19.48 1.68
N ASP C 594 -9.70 20.61 1.28
CA ASP C 594 -10.37 20.71 -0.02
C ASP C 594 -11.48 19.65 -0.17
N ALA C 595 -12.31 19.55 0.85
CA ALA C 595 -13.37 18.56 0.86
C ALA C 595 -14.69 19.16 1.31
N GLU C 596 -15.77 18.52 0.88
CA GLU C 596 -17.13 18.96 1.21
C GLU C 596 -17.63 18.26 2.47
N TYR C 597 -18.76 18.74 2.98
CA TYR C 597 -19.41 18.15 4.15
C TYR C 597 -20.46 17.21 3.55
N GLU C 598 -20.34 15.90 3.78
CA GLU C 598 -21.32 14.97 3.22
C GLU C 598 -21.46 13.76 4.11
N SER C 599 -22.30 12.81 3.70
CA SER C 599 -22.51 11.56 4.45
C SER C 599 -21.32 10.62 4.26
N PRO C 600 -21.14 9.67 5.19
CA PRO C 600 -20.03 8.71 5.12
C PRO C 600 -20.05 7.89 3.84
N ASP C 601 -21.22 7.70 3.24
CA ASP C 601 -21.32 6.94 2.00
C ASP C 601 -21.07 7.81 0.78
N GLY C 602 -20.66 9.06 0.99
CA GLY C 602 -20.35 9.91 -0.13
C GLY C 602 -21.54 10.64 -0.72
N LYS C 603 -22.72 10.43 -0.16
CA LYS C 603 -23.89 11.09 -0.70
C LYS C 603 -24.13 12.44 -0.06
N GLU C 604 -24.88 13.30 -0.73
CA GLU C 604 -25.17 14.61 -0.18
C GLU C 604 -25.86 14.50 1.18
N LEU C 605 -25.48 15.39 2.08
CA LEU C 605 -26.06 15.43 3.42
C LEU C 605 -26.99 16.64 3.50
N VAL C 606 -28.20 16.44 4.04
CA VAL C 606 -29.16 17.55 4.20
C VAL C 606 -29.53 17.62 5.67
N LEU C 607 -29.24 18.75 6.32
CA LEU C 607 -29.49 18.87 7.74
C LEU C 607 -30.92 19.37 8.01
N ASP C 608 -31.88 18.53 7.63
CA ASP C 608 -33.30 18.89 7.78
C ASP C 608 -34.06 18.20 8.88
N THR C 609 -33.38 17.65 9.88
CA THR C 609 -34.08 17.03 11.01
C THR C 609 -33.43 17.59 12.27
N ASP C 610 -34.26 17.97 13.23
CA ASP C 610 -33.73 18.59 14.43
C ASP C 610 -33.36 17.63 15.54
N TYR C 611 -33.04 18.19 16.70
CA TYR C 611 -32.65 17.41 17.87
C TYR C 611 -33.69 16.38 18.25
N LEU C 612 -34.97 16.68 18.01
CA LEU C 612 -36.03 15.73 18.38
C LEU C 612 -36.40 14.84 17.18
N ASP C 613 -35.56 14.89 16.15
CA ASP C 613 -35.74 14.13 14.92
C ASP C 613 -36.96 14.55 14.09
N ALA C 614 -37.41 15.79 14.27
CA ALA C 614 -38.55 16.28 13.51
C ALA C 614 -38.02 16.82 12.19
N LYS C 615 -38.70 16.52 11.11
CA LYS C 615 -38.31 17.00 9.79
C LYS C 615 -38.70 18.47 9.79
N LYS C 616 -37.84 19.37 9.30
CA LYS C 616 -38.23 20.76 9.30
C LYS C 616 -38.26 21.36 7.90
N PRO C 617 -39.09 22.42 7.72
CA PRO C 617 -39.26 23.14 6.46
C PRO C 617 -38.12 24.09 6.15
N GLU C 618 -38.11 24.59 4.92
CA GLU C 618 -37.06 25.52 4.50
C GLU C 618 -36.99 26.74 5.40
N ASN C 619 -38.11 27.16 5.95
CA ASN C 619 -38.10 28.32 6.84
C ASN C 619 -38.44 27.80 8.22
N SER C 620 -37.49 27.88 9.13
CA SER C 620 -37.74 27.34 10.45
C SER C 620 -37.00 28.12 11.53
N SER C 621 -37.35 27.85 12.78
CA SER C 621 -36.69 28.50 13.90
C SER C 621 -35.23 28.09 13.89
N ILE C 622 -34.35 29.00 14.33
CA ILE C 622 -32.93 28.66 14.41
C ILE C 622 -32.77 27.85 15.71
N GLY C 623 -31.58 27.33 15.99
CA GLY C 623 -31.45 26.55 17.20
C GLY C 623 -31.62 25.07 16.90
N PRO C 624 -31.52 24.23 17.93
CA PRO C 624 -31.61 22.77 17.79
C PRO C 624 -32.98 22.10 17.73
N ILE C 625 -34.01 22.84 18.13
CA ILE C 625 -35.37 22.28 18.22
C ILE C 625 -36.35 23.19 17.49
N ALA C 626 -37.00 22.67 16.45
CA ALA C 626 -37.91 23.47 15.65
C ALA C 626 -39.11 24.00 16.47
N LEU C 627 -39.44 23.29 17.53
CA LEU C 627 -40.56 23.68 18.39
C LEU C 627 -40.30 24.95 19.20
N LEU C 628 -39.03 25.33 19.38
CA LEU C 628 -38.74 26.53 20.16
C LEU C 628 -39.33 27.74 19.45
N LYS C 629 -39.91 28.63 20.25
CA LYS C 629 -40.52 29.84 19.72
C LYS C 629 -40.48 30.93 20.78
N LYS C 630 -40.82 32.14 20.34
CA LYS C 630 -40.83 33.27 21.26
C LYS C 630 -41.67 32.90 22.48
N GLY C 631 -41.27 33.41 23.64
CA GLY C 631 -42.00 33.12 24.84
C GLY C 631 -41.34 32.05 25.67
N ASN C 632 -42.16 31.38 26.47
CA ASN C 632 -41.71 30.32 27.35
C ASN C 632 -41.62 29.02 26.55
N ASN C 633 -40.71 28.13 26.96
CA ASN C 633 -40.51 26.83 26.31
C ASN C 633 -40.11 25.83 27.39
N TYR C 634 -40.75 24.67 27.38
CA TYR C 634 -40.42 23.64 28.34
C TYR C 634 -40.54 22.37 27.52
N ILE C 635 -39.39 21.83 27.16
CA ILE C 635 -39.29 20.66 26.29
C ILE C 635 -38.58 19.47 26.90
N LYS C 636 -39.16 18.28 26.73
CA LYS C 636 -38.50 17.07 27.21
C LYS C 636 -37.34 16.83 26.21
N VAL C 637 -36.10 16.78 26.70
CA VAL C 637 -34.99 16.55 25.78
C VAL C 637 -34.32 15.18 25.94
N TRP C 638 -34.82 14.37 26.87
CA TRP C 638 -34.31 13.00 27.06
C TRP C 638 -35.43 12.19 27.73
N MET D 1 24.40 0.03 28.36
CA MET D 1 24.51 -0.68 29.69
C MET D 1 24.81 -2.16 29.44
N GLU D 2 25.75 -2.71 30.19
CA GLU D 2 26.10 -4.11 30.09
C GLU D 2 25.53 -4.78 31.33
N TYR D 3 24.46 -5.55 31.16
CA TYR D 3 23.80 -6.24 32.28
C TYR D 3 24.41 -7.64 32.43
N HIS D 4 24.47 -8.12 33.67
CA HIS D 4 25.01 -9.43 33.95
C HIS D 4 24.00 -10.27 34.70
N VAL D 5 23.97 -11.56 34.35
CA VAL D 5 23.07 -12.52 34.96
C VAL D 5 23.96 -13.68 35.41
N ALA D 6 23.73 -14.15 36.64
CA ALA D 6 24.57 -15.23 37.15
C ALA D 6 23.82 -15.97 38.24
N LYS D 7 24.18 -17.23 38.43
CA LYS D 7 23.51 -18.06 39.42
C LYS D 7 23.75 -17.56 40.86
N THR D 8 24.67 -16.63 41.03
CA THR D 8 24.97 -16.03 42.33
C THR D 8 24.26 -14.68 42.46
N GLY D 9 23.45 -14.34 41.47
CA GLY D 9 22.79 -13.03 41.50
C GLY D 9 21.44 -12.92 42.18
N SER D 10 20.79 -11.79 41.93
CA SER D 10 19.48 -11.52 42.50
C SER D 10 18.70 -10.62 41.56
N ASP D 11 17.43 -10.92 41.32
CA ASP D 11 16.65 -10.06 40.45
C ASP D 11 16.27 -8.75 41.13
N GLU D 12 16.66 -8.61 42.40
CA GLU D 12 16.41 -7.37 43.13
C GLU D 12 17.70 -6.56 43.08
N GLY D 13 18.76 -7.15 42.51
CA GLY D 13 20.03 -6.43 42.40
C GLY D 13 20.05 -5.42 41.25
N LYS D 14 21.21 -4.78 41.04
CA LYS D 14 21.35 -3.78 40.00
C LYS D 14 21.57 -4.37 38.60
N GLY D 15 22.06 -5.60 38.52
CA GLY D 15 22.32 -6.21 37.23
C GLY D 15 23.69 -5.88 36.69
N THR D 16 24.60 -5.47 37.58
CA THR D 16 25.97 -5.16 37.19
C THR D 16 26.83 -6.41 37.36
N LEU D 17 28.07 -6.34 36.89
CA LEU D 17 28.98 -7.48 37.02
C LEU D 17 29.10 -7.88 38.48
N LYS D 18 29.23 -6.88 39.34
CA LYS D 18 29.39 -7.12 40.79
C LYS D 18 28.11 -7.47 41.52
N ASP D 19 26.98 -7.04 40.97
CA ASP D 19 25.67 -7.27 41.57
C ASP D 19 24.72 -7.71 40.46
N PRO D 20 24.99 -8.90 39.86
CA PRO D 20 24.17 -9.43 38.76
C PRO D 20 22.76 -9.87 39.09
N PHE D 21 21.91 -9.97 38.05
CA PHE D 21 20.56 -10.47 38.20
C PHE D 21 20.72 -11.99 38.32
N LEU D 22 19.63 -12.67 38.63
CA LEU D 22 19.62 -14.12 38.78
C LEU D 22 18.97 -14.80 37.55
N THR D 23 17.96 -14.16 36.96
CA THR D 23 17.32 -14.77 35.78
C THR D 23 17.55 -13.98 34.50
N ILE D 24 17.62 -14.70 33.39
CA ILE D 24 17.82 -14.02 32.12
C ILE D 24 16.59 -13.19 31.78
N ASN D 25 15.39 -13.67 32.11
CA ASN D 25 14.21 -12.88 31.76
C ASN D 25 14.17 -11.55 32.48
N LYS D 26 14.82 -11.45 33.65
CA LYS D 26 14.84 -10.18 34.37
C LYS D 26 15.63 -9.20 33.52
N ALA D 27 16.78 -9.63 33.00
CA ALA D 27 17.57 -8.75 32.15
C ALA D 27 16.74 -8.37 30.89
N ALA D 28 16.03 -9.35 30.35
CA ALA D 28 15.23 -9.11 29.14
C ALA D 28 14.10 -8.14 29.40
N SER D 29 13.71 -7.99 30.67
CA SER D 29 12.60 -7.06 30.97
C SER D 29 13.07 -5.61 31.10
N VAL D 30 14.38 -5.39 31.23
CA VAL D 30 14.90 -4.03 31.35
C VAL D 30 15.89 -3.55 30.29
N ALA D 31 16.48 -4.45 29.52
CA ALA D 31 17.46 -4.03 28.51
C ALA D 31 16.80 -3.23 27.40
N MET D 32 17.52 -2.21 26.92
CA MET D 32 17.00 -1.38 25.85
C MET D 32 18.01 -1.28 24.75
N ALA D 33 17.61 -0.69 23.63
CA ALA D 33 18.48 -0.58 22.48
C ALA D 33 19.91 -0.14 22.79
N GLY D 34 20.86 -0.95 22.36
CA GLY D 34 22.27 -0.68 22.57
C GLY D 34 22.87 -1.45 23.74
N ASP D 35 22.04 -2.05 24.58
CA ASP D 35 22.51 -2.78 25.78
C ASP D 35 22.95 -4.21 25.44
N THR D 36 23.73 -4.79 26.37
CA THR D 36 24.21 -6.16 26.21
C THR D 36 23.82 -6.90 27.51
N ILE D 37 23.50 -8.18 27.38
CA ILE D 37 23.15 -9.00 28.53
C ILE D 37 24.16 -10.13 28.49
N ILE D 38 25.00 -10.22 29.52
CA ILE D 38 26.02 -11.26 29.59
C ILE D 38 25.56 -12.27 30.62
N VAL D 39 25.44 -13.52 30.20
CA VAL D 39 24.95 -14.56 31.11
C VAL D 39 26.10 -15.51 31.49
N HIS D 40 26.28 -15.71 32.80
CA HIS D 40 27.36 -16.53 33.29
C HIS D 40 26.93 -17.98 33.48
N GLU D 41 27.93 -18.85 33.57
CA GLU D 41 27.75 -20.30 33.68
C GLU D 41 26.56 -20.79 34.48
N GLY D 42 25.80 -21.71 33.90
CA GLY D 42 24.67 -22.26 34.61
C GLY D 42 23.59 -22.75 33.67
N VAL D 43 22.57 -23.41 34.24
CA VAL D 43 21.43 -23.89 33.48
C VAL D 43 20.25 -23.04 33.90
N TYR D 44 19.68 -22.31 32.95
CA TYR D 44 18.58 -21.41 33.22
C TYR D 44 17.30 -22.01 32.66
N ARG D 45 16.42 -22.45 33.55
CA ARG D 45 15.17 -23.07 33.14
C ARG D 45 14.08 -22.02 33.10
N GLU D 46 14.01 -21.32 31.95
CA GLU D 46 13.03 -20.27 31.81
C GLU D 46 12.85 -19.99 30.31
N TRP D 47 11.78 -19.30 29.98
CA TRP D 47 11.48 -18.86 28.62
C TRP D 47 11.82 -17.38 28.64
N VAL D 48 12.88 -16.99 27.93
CA VAL D 48 13.32 -15.60 27.87
C VAL D 48 12.45 -14.87 26.86
N LYS D 49 11.91 -13.71 27.28
CA LYS D 49 11.00 -12.93 26.42
C LYS D 49 11.48 -11.50 26.28
N PRO D 50 12.31 -11.21 25.27
CA PRO D 50 12.83 -9.86 25.05
C PRO D 50 11.67 -8.86 25.02
N LYS D 51 11.71 -7.87 25.92
CA LYS D 51 10.63 -6.91 26.02
C LYS D 51 10.76 -5.68 25.12
N TYR D 52 11.95 -5.12 25.03
CA TYR D 52 12.19 -3.95 24.19
C TYR D 52 13.00 -4.31 22.96
N LYS D 53 12.82 -3.54 21.89
CA LYS D 53 13.50 -3.83 20.62
C LYS D 53 14.79 -3.06 20.42
N GLY D 54 15.68 -3.66 19.61
CA GLY D 54 16.85 -2.95 19.15
C GLY D 54 16.30 -2.01 18.08
N LEU D 55 17.04 -0.96 17.74
CA LEU D 55 16.57 0.07 16.79
C LEU D 55 17.31 0.13 15.48
N SER D 56 18.42 -0.58 15.39
CA SER D 56 19.22 -0.66 14.17
C SER D 56 20.27 -1.72 14.39
N ASP D 57 20.99 -2.07 13.34
CA ASP D 57 22.04 -3.06 13.50
C ASP D 57 23.09 -2.53 14.49
N LYS D 58 23.30 -1.22 14.46
CA LYS D 58 24.28 -0.64 15.38
C LYS D 58 23.71 -0.59 16.79
N ARG D 59 22.41 -0.30 16.92
CA ARG D 59 21.78 -0.21 18.24
C ARG D 59 20.92 -1.44 18.56
N ARG D 60 21.57 -2.60 18.60
CA ARG D 60 20.91 -3.89 18.87
C ARG D 60 20.87 -4.12 20.35
N ILE D 61 20.17 -5.20 20.72
CA ILE D 61 20.21 -5.64 22.12
C ILE D 61 20.84 -7.03 21.97
N THR D 62 21.99 -7.24 22.61
CA THR D 62 22.74 -8.47 22.49
C THR D 62 22.68 -9.32 23.75
N TYR D 63 22.30 -10.59 23.59
CA TYR D 63 22.25 -11.55 24.70
C TYR D 63 23.37 -12.54 24.38
N LYS D 64 24.31 -12.71 25.29
CA LYS D 64 25.38 -13.64 25.02
C LYS D 64 25.91 -14.35 26.25
N ALA D 65 26.45 -15.54 26.05
CA ALA D 65 27.05 -16.26 27.17
C ALA D 65 28.38 -15.59 27.48
N ALA D 66 28.74 -15.55 28.77
CA ALA D 66 30.03 -15.01 29.19
C ALA D 66 31.13 -15.81 28.48
N GLU D 67 32.19 -15.15 28.06
CA GLU D 67 33.28 -15.83 27.35
C GLU D 67 33.76 -17.09 28.05
N GLY D 68 33.83 -18.18 27.30
CA GLY D 68 34.30 -19.44 27.84
C GLY D 68 33.42 -20.13 28.87
N GLU D 69 32.21 -19.64 29.10
CA GLU D 69 31.35 -20.25 30.10
C GLU D 69 30.23 -21.05 29.46
N LYS D 70 29.82 -22.15 30.09
CA LYS D 70 28.77 -22.99 29.54
C LYS D 70 27.43 -22.52 30.07
N VAL D 71 26.59 -21.97 29.18
CA VAL D 71 25.31 -21.44 29.58
C VAL D 71 24.22 -22.14 28.80
N VAL D 72 23.28 -22.73 29.53
CA VAL D 72 22.21 -23.49 28.93
C VAL D 72 20.85 -22.91 29.26
N ILE D 73 19.96 -22.78 28.27
CA ILE D 73 18.61 -22.34 28.54
C ILE D 73 17.75 -23.57 28.18
N LYS D 74 16.93 -24.02 29.13
CA LYS D 74 16.09 -25.19 28.91
C LYS D 74 14.61 -24.92 29.15
N GLY D 75 13.76 -25.61 28.38
CA GLY D 75 12.32 -25.45 28.55
C GLY D 75 11.80 -26.54 29.48
N SER D 76 12.71 -27.38 29.94
CA SER D 76 12.35 -28.52 30.79
C SER D 76 12.58 -28.31 32.28
N GLU D 77 12.20 -29.30 33.07
CA GLU D 77 12.48 -29.32 34.53
C GLU D 77 12.93 -30.73 34.85
N ARG D 78 13.84 -30.86 35.83
CA ARG D 78 14.29 -32.16 36.26
C ARG D 78 13.20 -32.65 37.22
N ILE D 79 12.83 -33.92 37.12
CA ILE D 79 11.79 -34.46 38.01
C ILE D 79 12.45 -35.53 38.87
N GLN D 80 12.32 -35.39 40.19
CA GLN D 80 12.89 -36.36 41.12
C GLN D 80 11.83 -36.84 42.13
N SER D 81 10.58 -36.84 41.69
CA SER D 81 9.46 -37.28 42.52
C SER D 81 8.77 -38.50 41.90
N TRP D 82 9.54 -39.29 41.14
CA TRP D 82 8.99 -40.47 40.50
C TRP D 82 8.73 -41.58 41.54
N GLN D 83 7.67 -42.36 41.31
CA GLN D 83 7.32 -43.51 42.16
C GLN D 83 7.16 -44.70 41.22
N ARG D 84 7.81 -45.80 41.56
CA ARG D 84 7.75 -46.99 40.72
C ARG D 84 6.35 -47.61 40.78
N VAL D 85 5.80 -47.96 39.63
CA VAL D 85 4.47 -48.54 39.59
C VAL D 85 4.60 -50.04 39.56
N GLU D 86 5.28 -50.54 38.55
CA GLU D 86 5.46 -51.97 38.37
C GLU D 86 6.52 -52.18 37.30
N GLY D 87 7.31 -53.24 37.47
CA GLY D 87 8.37 -53.52 36.51
C GLY D 87 9.27 -52.31 36.42
N ASN D 88 9.53 -51.84 35.19
CA ASN D 88 10.39 -50.65 35.02
C ASN D 88 9.61 -49.38 34.74
N VAL D 89 8.33 -49.38 35.05
CA VAL D 89 7.49 -48.21 34.81
C VAL D 89 7.32 -47.39 36.09
N TRP D 90 7.62 -46.11 35.98
CA TRP D 90 7.51 -45.18 37.12
C TRP D 90 6.53 -44.06 36.77
N ARG D 91 6.08 -43.35 37.78
CA ARG D 91 5.09 -42.31 37.62
C ARG D 91 5.38 -41.04 38.42
N CYS D 92 5.08 -39.87 37.85
CA CYS D 92 5.19 -38.65 38.63
C CYS D 92 3.83 -37.94 38.44
N GLN D 93 3.47 -37.06 39.37
CA GLN D 93 2.21 -36.31 39.31
C GLN D 93 2.50 -34.87 39.66
N LEU D 94 2.00 -33.95 38.84
CA LEU D 94 2.24 -32.55 39.03
C LEU D 94 0.95 -31.79 38.99
N PRO D 95 0.80 -30.78 39.87
CA PRO D 95 -0.46 -30.04 39.80
C PRO D 95 -0.50 -29.28 38.48
N ASN D 96 -1.67 -29.08 37.90
CA ASN D 96 -1.69 -28.42 36.60
C ASN D 96 -1.09 -27.01 36.65
N SER D 97 -1.02 -26.39 37.84
CA SER D 97 -0.42 -25.06 37.95
C SER D 97 1.09 -25.11 37.60
N PHE D 98 1.70 -26.28 37.71
CA PHE D 98 3.12 -26.43 37.37
C PHE D 98 3.33 -25.97 35.92
N PHE D 99 2.32 -26.17 35.07
CA PHE D 99 2.40 -25.81 33.64
C PHE D 99 1.76 -24.50 33.24
N GLY D 100 0.83 -24.00 34.05
CA GLY D 100 0.20 -22.72 33.72
C GLY D 100 -0.72 -22.83 32.52
N GLU D 101 -0.72 -21.83 31.64
CA GLU D 101 -1.61 -21.84 30.46
C GLU D 101 -1.22 -22.85 29.37
N PHE D 102 0.03 -23.30 29.39
CA PHE D 102 0.50 -24.24 28.36
C PHE D 102 0.95 -25.56 28.97
N ASN D 103 0.20 -26.62 28.72
CA ASN D 103 0.55 -27.90 29.31
C ASN D 103 0.87 -28.84 28.13
N PRO D 104 2.15 -29.14 27.93
CA PRO D 104 2.59 -30.02 26.83
C PRO D 104 1.93 -31.37 26.76
N TYR D 105 1.44 -31.86 27.90
CA TYR D 105 0.81 -33.17 28.00
C TYR D 105 -0.65 -33.15 27.59
N LYS D 106 -1.20 -31.94 27.48
CA LYS D 106 -2.57 -31.76 27.01
C LYS D 106 -2.53 -31.29 25.54
N GLU D 107 -1.54 -30.47 25.21
CA GLU D 107 -1.40 -29.93 23.83
C GLU D 107 -1.02 -31.01 22.83
N GLU D 108 -1.74 -31.10 21.72
CA GLU D 108 -1.45 -32.14 20.73
C GLU D 108 -0.60 -31.59 19.60
N VAL D 109 0.02 -32.51 18.87
CA VAL D 109 0.70 -32.14 17.60
C VAL D 109 -0.58 -32.05 16.77
N PHE D 110 -0.80 -30.89 16.15
CA PHE D 110 -2.07 -30.64 15.45
C PHE D 110 -1.96 -29.59 14.38
N GLY D 111 -2.77 -29.75 13.33
CA GLY D 111 -2.84 -28.70 12.35
C GLY D 111 -2.76 -29.06 10.91
N ASP D 112 -2.80 -28.02 10.08
CA ASP D 112 -2.76 -28.21 8.65
C ASP D 112 -1.57 -29.04 8.20
N TRP D 113 -1.84 -29.99 7.29
CA TRP D 113 -0.88 -30.89 6.67
C TRP D 113 -0.23 -31.91 7.61
N LEU D 114 -0.76 -32.04 8.82
CA LEU D 114 -0.26 -33.11 9.71
C LEU D 114 -1.00 -34.34 9.11
N LEU D 115 -0.26 -35.38 8.74
CA LEU D 115 -0.86 -36.55 8.10
C LEU D 115 -1.13 -37.73 9.03
N THR D 116 -0.35 -37.86 10.09
CA THR D 116 -0.52 -38.97 11.03
C THR D 116 -1.59 -38.66 12.05
N VAL D 117 -2.82 -38.46 11.59
CA VAL D 117 -3.89 -38.09 12.51
C VAL D 117 -4.62 -39.16 13.32
N ASN D 118 -4.39 -40.44 13.02
CA ASN D 118 -5.04 -41.50 13.78
C ASN D 118 -4.25 -41.88 15.00
N GLU D 119 -2.98 -41.49 15.01
CA GLU D 119 -2.09 -41.78 16.13
C GLU D 119 -1.71 -40.45 16.77
N LYS D 120 -2.59 -39.97 17.64
CA LYS D 120 -2.43 -38.70 18.35
C LYS D 120 -1.12 -38.60 19.15
N LYS D 121 -0.41 -37.47 19.03
CA LYS D 121 0.82 -37.29 19.80
C LYS D 121 0.72 -35.95 20.51
N HIS D 122 1.48 -35.76 21.57
CA HIS D 122 1.44 -34.53 22.35
C HIS D 122 2.79 -33.85 22.35
N LEU D 123 2.85 -32.61 22.88
CA LEU D 123 4.06 -31.85 22.83
C LEU D 123 5.05 -32.13 23.97
N GLY D 124 4.67 -33.00 24.92
CA GLY D 124 5.55 -33.33 26.01
C GLY D 124 6.69 -34.26 25.56
N ASP D 125 7.60 -34.54 26.48
CA ASP D 125 8.72 -35.44 26.18
C ASP D 125 9.36 -35.78 27.54
N VAL D 126 10.03 -36.92 27.57
CA VAL D 126 10.73 -37.35 28.77
C VAL D 126 12.16 -37.63 28.33
N TYR D 127 13.15 -37.27 29.15
CA TYR D 127 14.53 -37.49 28.82
C TYR D 127 15.22 -38.21 29.97
N LEU D 128 16.10 -39.15 29.63
CA LEU D 128 16.91 -39.87 30.62
C LEU D 128 18.37 -39.55 30.27
N ASN D 129 19.04 -38.80 31.14
CA ASN D 129 20.42 -38.36 30.89
C ASN D 129 20.56 -37.76 29.50
N GLY D 130 19.59 -36.94 29.13
CA GLY D 130 19.64 -36.27 27.82
C GLY D 130 18.96 -36.95 26.65
N MET D 131 18.64 -38.23 26.77
CA MET D 131 18.03 -38.95 25.68
C MET D 131 16.50 -38.89 25.73
N SER D 132 15.86 -38.38 24.67
CA SER D 132 14.40 -38.30 24.66
C SER D 132 13.74 -39.67 24.45
N PHE D 133 12.46 -39.76 24.81
CA PHE D 133 11.69 -41.00 24.75
C PHE D 133 10.69 -40.99 23.62
N TYR D 134 10.01 -42.13 23.46
CA TYR D 134 8.95 -42.28 22.47
C TYR D 134 7.63 -42.32 23.18
N GLU D 135 6.69 -41.50 22.71
CA GLU D 135 5.36 -41.50 23.30
C GLU D 135 4.62 -42.79 22.91
N VAL D 136 3.82 -43.34 23.84
CA VAL D 136 2.96 -44.47 23.48
C VAL D 136 1.50 -44.05 23.75
N THR D 137 0.58 -44.73 23.09
CA THR D 137 -0.82 -44.32 23.14
C THR D 137 -1.67 -44.69 24.34
N ASN D 138 -1.43 -45.89 24.85
CA ASN D 138 -2.18 -46.42 26.01
C ASN D 138 -1.30 -46.77 27.18
N TYR D 139 -1.90 -46.78 28.36
CA TYR D 139 -1.21 -47.12 29.58
C TYR D 139 -0.51 -48.50 29.41
N GLU D 140 -1.23 -49.45 28.85
CA GLU D 140 -0.69 -50.80 28.71
C GLU D 140 0.58 -50.91 27.86
N ASP D 141 0.75 -49.94 26.95
CA ASP D 141 1.91 -49.95 26.07
C ASP D 141 3.23 -49.60 26.79
N LEU D 142 3.14 -49.15 28.03
CA LEU D 142 4.34 -48.78 28.79
C LEU D 142 5.19 -49.95 29.26
N PHE D 143 4.53 -51.07 29.54
CA PHE D 143 5.22 -52.16 30.19
C PHE D 143 6.24 -53.06 29.54
N ASN D 144 5.98 -53.46 28.30
CA ASN D 144 6.94 -54.32 27.62
C ASN D 144 7.09 -53.73 26.20
N PRO D 145 7.69 -52.54 26.12
CA PRO D 145 7.88 -51.91 24.81
C PRO D 145 8.82 -52.72 23.95
N GLN D 146 8.57 -52.70 22.64
CA GLN D 146 9.36 -53.49 21.70
C GLN D 146 10.54 -52.73 21.09
N LEU D 147 11.70 -53.37 21.05
CA LEU D 147 12.87 -52.75 20.45
C LEU D 147 12.62 -52.72 18.94
N ARG D 148 12.81 -51.59 18.28
CA ARG D 148 12.61 -51.52 16.83
C ARG D 148 13.97 -51.13 16.24
N THR D 149 14.33 -51.71 15.11
CA THR D 149 15.63 -51.45 14.53
C THR D 149 15.51 -50.86 13.12
N GLU D 150 14.31 -50.84 12.59
CA GLU D 150 14.09 -50.24 11.27
C GLU D 150 12.74 -49.52 11.23
N VAL D 151 12.60 -48.55 10.31
CA VAL D 151 11.39 -47.77 10.25
C VAL D 151 11.09 -47.39 8.80
N LEU D 152 9.81 -47.18 8.49
CA LEU D 152 9.44 -46.78 7.12
C LEU D 152 9.60 -45.26 6.96
N ASP D 153 10.39 -44.82 5.98
CA ASP D 153 10.52 -43.36 5.72
C ASP D 153 9.24 -43.06 4.93
N HIS D 154 8.38 -42.18 5.45
CA HIS D 154 7.09 -41.94 4.83
C HIS D 154 7.11 -41.52 3.38
N TRP D 155 7.93 -40.53 3.06
CA TRP D 155 7.93 -40.07 1.68
C TRP D 155 8.43 -41.09 0.67
N THR D 156 9.61 -41.66 0.92
CA THR D 156 10.21 -42.58 -0.06
C THR D 156 9.65 -43.99 -0.01
N GLN D 157 8.92 -44.28 1.06
CA GLN D 157 8.32 -45.60 1.29
C GLN D 157 9.39 -46.70 1.30
N LYS D 158 10.55 -46.36 1.84
CA LYS D 158 11.66 -47.29 1.96
C LYS D 158 11.87 -47.60 3.43
N ILE D 159 12.15 -48.86 3.75
CA ILE D 159 12.44 -49.25 5.12
C ILE D 159 13.91 -48.94 5.37
N VAL D 160 14.20 -48.15 6.39
CA VAL D 160 15.57 -47.78 6.68
C VAL D 160 15.91 -48.06 8.13
N PRO D 161 17.21 -48.09 8.45
CA PRO D 161 17.67 -48.35 9.83
C PRO D 161 17.29 -47.24 10.79
N ILE D 162 17.04 -47.63 12.04
CA ILE D 162 16.79 -46.66 13.09
C ILE D 162 18.18 -46.48 13.70
N LYS D 163 18.66 -45.26 13.63
CA LYS D 163 19.97 -44.86 14.10
C LYS D 163 20.20 -45.30 15.55
N ASN D 164 19.32 -44.84 16.43
CA ASN D 164 19.44 -45.16 17.85
C ASN D 164 18.34 -46.16 18.18
N ALA D 165 18.62 -47.44 17.97
CA ALA D 165 17.58 -48.45 18.21
C ALA D 165 17.23 -48.62 19.68
N GLU D 166 18.22 -48.51 20.54
CA GLU D 166 17.98 -48.71 21.99
C GLU D 166 16.96 -47.70 22.53
N GLN D 167 16.98 -46.49 21.99
CA GLN D 167 16.05 -45.45 22.42
C GLN D 167 14.58 -45.87 22.23
N THR D 168 14.29 -46.77 21.28
CA THR D 168 12.91 -47.19 21.02
C THR D 168 12.21 -47.91 22.19
N LYS D 169 13.01 -48.41 23.13
CA LYS D 169 12.46 -49.09 24.29
C LYS D 169 12.11 -48.14 25.41
N TYR D 170 12.42 -46.85 25.26
CA TYR D 170 12.16 -45.87 26.30
C TYR D 170 10.91 -45.10 25.88
N VAL D 171 9.82 -45.37 26.61
CA VAL D 171 8.52 -44.83 26.28
C VAL D 171 7.84 -44.08 27.42
N TRP D 172 6.96 -43.16 27.06
CA TRP D 172 6.21 -42.39 28.04
C TRP D 172 4.76 -42.27 27.62
N TYR D 173 3.89 -42.01 28.59
CA TYR D 173 2.45 -41.87 28.37
C TYR D 173 1.94 -40.98 29.49
N ALA D 174 1.03 -40.05 29.18
CA ALA D 174 0.54 -39.13 30.22
C ALA D 174 -0.98 -39.00 30.25
N GLU D 175 -1.48 -38.60 31.41
CA GLU D 175 -2.91 -38.39 31.63
C GLU D 175 -3.08 -37.06 32.34
N VAL D 176 -3.88 -36.18 31.74
CA VAL D 176 -4.14 -34.87 32.33
C VAL D 176 -5.61 -34.82 32.77
N ASP D 177 -5.84 -34.57 34.05
CA ASP D 177 -7.22 -34.47 34.51
C ASP D 177 -7.48 -33.05 34.97
N ARG D 178 -8.62 -32.82 35.63
CA ARG D 178 -8.94 -31.47 36.07
C ARG D 178 -7.98 -30.81 37.02
N GLU D 179 -7.27 -31.61 37.81
CA GLU D 179 -6.35 -31.05 38.80
C GLU D 179 -4.88 -31.23 38.53
N LYS D 180 -4.55 -32.37 37.95
CA LYS D 180 -3.15 -32.69 37.78
C LYS D 180 -2.81 -33.46 36.50
N THR D 181 -1.50 -33.54 36.28
CA THR D 181 -0.93 -34.22 35.13
C THR D 181 -0.12 -35.38 35.67
N THR D 182 -0.38 -36.57 35.19
CA THR D 182 0.33 -37.76 35.62
C THR D 182 1.12 -38.27 34.44
N ILE D 183 2.43 -38.41 34.63
CA ILE D 183 3.30 -38.87 33.54
C ILE D 183 3.94 -40.19 33.94
N TYR D 184 3.81 -41.17 33.06
CA TYR D 184 4.41 -42.49 33.27
C TYR D 184 5.52 -42.68 32.23
N ALA D 185 6.55 -43.41 32.61
CA ALA D 185 7.61 -43.73 31.64
C ALA D 185 8.29 -45.02 32.03
N ASN D 186 8.81 -45.74 31.04
CA ASN D 186 9.54 -46.97 31.29
C ASN D 186 11.03 -46.63 31.22
N PHE D 187 11.73 -46.71 32.37
CA PHE D 187 13.15 -46.38 32.45
C PHE D 187 14.11 -47.56 32.30
N GLN D 188 13.55 -48.68 31.86
CA GLN D 188 14.26 -49.89 31.56
C GLN D 188 15.27 -50.34 32.62
N GLY D 189 14.96 -50.13 33.90
CA GLY D 189 15.84 -50.60 34.95
C GLY D 189 16.55 -49.51 35.71
N ALA D 190 16.64 -48.33 35.12
CA ALA D 190 17.30 -47.21 35.80
C ALA D 190 16.35 -46.59 36.81
N ASP D 191 16.89 -45.93 37.83
CA ASP D 191 16.09 -45.25 38.86
C ASP D 191 16.04 -43.80 38.42
N PRO D 192 14.85 -43.34 37.97
CA PRO D 192 14.70 -41.95 37.48
C PRO D 192 14.97 -40.82 38.45
N ASN D 193 14.91 -41.12 39.74
CA ASN D 193 15.18 -40.06 40.70
C ASN D 193 16.68 -39.89 40.90
N GLU D 194 17.42 -40.98 40.68
CA GLU D 194 18.87 -41.01 40.83
C GLU D 194 19.55 -40.52 39.54
N GLU D 195 19.06 -41.00 38.41
CA GLU D 195 19.57 -40.56 37.10
C GLU D 195 19.07 -39.13 36.88
N PHE D 196 19.47 -38.53 35.76
CA PHE D 196 19.09 -37.14 35.49
C PHE D 196 17.93 -37.19 34.51
N VAL D 197 16.72 -37.08 35.04
CA VAL D 197 15.50 -37.19 34.24
C VAL D 197 14.76 -35.88 34.17
N GLU D 198 14.42 -35.48 32.93
CA GLU D 198 13.73 -34.22 32.69
C GLU D 198 12.47 -34.44 31.88
N ILE D 199 11.57 -33.46 31.93
CA ILE D 199 10.36 -33.55 31.11
C ILE D 199 10.15 -32.19 30.46
N ASN D 200 9.51 -32.16 29.28
CA ASN D 200 9.21 -30.87 28.68
C ASN D 200 8.21 -30.15 29.58
N VAL D 201 8.33 -28.84 29.63
CA VAL D 201 7.43 -28.01 30.43
C VAL D 201 7.01 -26.76 29.67
N ARG D 202 7.99 -26.00 29.15
CA ARG D 202 7.65 -24.75 28.47
C ARG D 202 7.67 -24.87 26.95
N ARG D 203 6.91 -24.01 26.28
CA ARG D 203 6.82 -24.08 24.81
C ARG D 203 8.08 -23.63 24.10
N SER D 204 8.65 -22.54 24.56
CA SER D 204 9.85 -21.95 23.94
C SER D 204 10.93 -21.62 24.95
N CYS D 205 12.12 -21.31 24.44
CA CYS D 205 13.26 -20.93 25.27
C CYS D 205 13.64 -19.45 25.12
N PHE D 206 13.54 -18.90 23.91
CA PHE D 206 13.96 -17.51 23.67
C PHE D 206 13.10 -17.01 22.52
N TYR D 207 12.03 -16.32 22.85
CA TYR D 207 11.06 -15.93 21.82
C TYR D 207 10.22 -14.81 22.40
N PRO D 208 10.14 -13.67 21.70
CA PRO D 208 9.33 -12.55 22.22
C PRO D 208 7.85 -12.89 22.23
N VAL D 209 7.09 -12.27 23.14
CA VAL D 209 5.67 -12.54 23.13
C VAL D 209 4.91 -11.43 22.40
N GLU D 210 5.63 -10.45 21.89
CA GLU D 210 5.03 -9.39 21.07
C GLU D 210 5.79 -9.46 19.74
N THR D 211 5.16 -9.04 18.66
CA THR D 211 5.84 -9.00 17.36
C THR D 211 6.67 -7.70 17.31
N GLY D 212 7.50 -7.52 16.28
CA GLY D 212 8.22 -6.28 16.18
C GLY D 212 9.42 -6.03 17.11
N ILE D 213 9.85 -7.05 17.85
CA ILE D 213 11.01 -6.85 18.72
C ILE D 213 12.23 -7.09 17.85
N ASP D 214 12.58 -6.07 17.09
CA ASP D 214 13.70 -6.15 16.15
C ASP D 214 15.10 -6.15 16.73
N TYR D 215 16.04 -6.49 15.85
CA TYR D 215 17.45 -6.31 16.14
C TYR D 215 17.98 -6.84 17.47
N ILE D 216 17.77 -8.13 17.67
CA ILE D 216 18.28 -8.83 18.84
C ILE D 216 19.37 -9.78 18.35
N THR D 217 20.48 -9.85 19.08
CA THR D 217 21.51 -10.84 18.77
C THR D 217 21.47 -11.84 19.91
N VAL D 218 21.54 -13.12 19.59
CA VAL D 218 21.51 -14.16 20.64
C VAL D 218 22.71 -15.04 20.29
N LYS D 219 23.68 -15.13 21.20
CA LYS D 219 24.90 -15.83 20.87
C LYS D 219 25.59 -16.61 21.97
N GLY D 220 26.07 -17.80 21.59
CA GLY D 220 26.88 -18.64 22.47
C GLY D 220 26.20 -19.51 23.50
N PHE D 221 24.90 -19.73 23.34
CA PHE D 221 24.17 -20.54 24.29
C PHE D 221 23.91 -21.96 23.81
N GLU D 222 23.63 -22.85 24.76
CA GLU D 222 23.12 -24.15 24.38
C GLU D 222 21.64 -23.96 24.76
N MET D 223 20.69 -24.38 23.92
CA MET D 223 19.27 -24.23 24.28
C MET D 223 18.60 -25.52 23.95
N ALA D 224 17.68 -25.99 24.80
CA ALA D 224 17.12 -27.27 24.54
C ALA D 224 15.82 -27.55 25.28
N HIS D 225 15.13 -28.60 24.82
CA HIS D 225 13.90 -29.11 25.43
C HIS D 225 12.75 -28.14 25.34
N ALA D 226 12.22 -27.92 24.15
CA ALA D 226 11.12 -26.98 23.99
C ALA D 226 9.92 -27.73 23.39
N ALA D 227 8.76 -27.55 24.02
CA ALA D 227 7.54 -28.23 23.58
C ALA D 227 6.90 -27.42 22.46
N THR D 228 7.59 -27.32 21.32
CA THR D 228 7.06 -26.51 20.21
C THR D 228 5.95 -27.21 19.41
N PRO D 229 4.94 -26.45 18.97
CA PRO D 229 3.81 -27.01 18.23
C PRO D 229 4.06 -27.20 16.73
N TRP D 230 3.20 -27.99 16.10
CA TRP D 230 3.27 -28.24 14.65
C TRP D 230 3.18 -26.85 14.01
N ALA D 231 4.06 -26.57 13.04
CA ALA D 231 4.12 -25.23 12.50
C ALA D 231 4.01 -25.11 10.98
N PRO D 232 2.79 -25.24 10.45
CA PRO D 232 2.54 -25.13 9.01
C PRO D 232 2.53 -23.66 8.62
N PRO D 233 2.59 -23.37 7.31
CA PRO D 233 2.61 -21.99 6.80
C PRO D 233 1.33 -21.18 7.00
N THR D 234 0.26 -21.88 7.33
CA THR D 234 -1.06 -21.32 7.53
C THR D 234 -1.40 -21.10 9.01
N ALA D 235 -0.42 -21.22 9.89
CA ALA D 235 -0.66 -21.05 11.34
C ALA D 235 0.40 -20.17 11.93
N ASP D 236 0.23 -19.87 13.22
CA ASP D 236 1.27 -19.18 13.96
C ASP D 236 2.44 -20.19 13.87
N GLN D 237 3.68 -19.71 13.83
CA GLN D 237 4.82 -20.63 13.75
C GLN D 237 5.86 -20.44 14.86
N PRO D 238 5.48 -20.73 16.11
CA PRO D 238 6.43 -20.59 17.22
C PRO D 238 7.54 -21.62 17.11
N GLY D 239 8.70 -21.31 17.70
CA GLY D 239 9.81 -22.27 17.70
C GLY D 239 10.46 -22.20 19.08
N LEU D 240 11.53 -22.95 19.26
CA LEU D 240 12.30 -22.91 20.48
C LEU D 240 12.91 -21.51 20.63
N ILE D 241 13.39 -20.96 19.51
CA ILE D 241 13.93 -19.60 19.48
C ILE D 241 13.50 -18.98 18.15
N GLY D 242 13.19 -17.68 18.12
CA GLY D 242 12.77 -17.08 16.87
C GLY D 242 12.47 -15.61 17.07
N PRO D 243 12.48 -14.81 16.01
CA PRO D 243 12.22 -13.37 16.13
C PRO D 243 10.77 -12.94 16.29
N ASN D 244 9.86 -13.88 16.08
CA ASN D 244 8.42 -13.62 16.14
C ASN D 244 7.97 -12.37 15.32
N TRP D 245 8.14 -12.46 13.99
CA TRP D 245 7.65 -11.41 13.09
C TRP D 245 8.34 -10.05 13.34
N SER D 246 9.61 -9.99 12.99
CA SER D 246 10.36 -8.78 13.22
C SER D 246 11.52 -8.77 12.22
N LYS D 247 12.47 -7.86 12.40
CA LYS D 247 13.59 -7.74 11.48
C LYS D 247 14.95 -7.69 12.18
N GLY D 248 15.97 -8.17 11.49
CA GLY D 248 17.34 -8.02 11.92
C GLY D 248 17.95 -8.80 13.06
N TRP D 249 17.42 -9.97 13.35
CA TRP D 249 18.03 -10.78 14.41
C TRP D 249 19.29 -11.46 13.92
N ILE D 250 20.21 -11.78 14.83
CA ILE D 250 21.39 -12.56 14.50
C ILE D 250 21.40 -13.67 15.54
N ILE D 251 21.24 -14.93 15.11
CA ILE D 251 21.22 -16.08 16.01
C ILE D 251 22.48 -16.81 15.61
N GLU D 252 23.48 -16.79 16.51
CA GLU D 252 24.78 -17.36 16.13
C GLU D 252 25.52 -18.06 17.26
N ASP D 253 26.34 -19.02 16.88
CA ASP D 253 27.20 -19.74 17.83
C ASP D 253 26.44 -20.48 18.93
N ASN D 254 25.23 -20.93 18.63
CA ASN D 254 24.43 -21.68 19.62
C ASN D 254 24.35 -23.16 19.28
N ILE D 255 24.09 -23.98 20.29
CA ILE D 255 23.88 -25.43 20.11
C ILE D 255 22.44 -25.57 20.55
N ILE D 256 21.59 -26.02 19.64
CA ILE D 256 20.14 -26.07 19.88
C ILE D 256 19.62 -27.47 19.60
N HIS D 257 18.84 -28.03 20.52
CA HIS D 257 18.39 -29.40 20.27
C HIS D 257 17.13 -29.73 21.04
N ASP D 258 16.51 -30.80 20.62
CA ASP D 258 15.29 -31.29 21.27
C ASP D 258 14.12 -30.32 21.30
N ALA D 259 13.84 -29.72 20.15
CA ALA D 259 12.62 -28.93 20.03
C ALA D 259 11.62 -30.02 19.56
N LYS D 260 10.41 -30.06 20.13
CA LYS D 260 9.46 -31.07 19.71
C LYS D 260 9.18 -31.00 18.22
N CYS D 261 8.87 -29.81 17.73
CA CYS D 261 8.63 -29.65 16.30
C CYS D 261 9.80 -28.82 15.72
N SER D 262 9.64 -27.50 15.60
CA SER D 262 10.72 -26.70 15.00
C SER D 262 11.58 -25.99 16.02
N ALA D 263 12.89 -25.91 15.75
CA ALA D 263 13.82 -25.27 16.68
C ALA D 263 13.89 -23.78 16.43
N ILE D 264 14.53 -23.35 15.35
CA ILE D 264 14.58 -21.91 15.06
C ILE D 264 13.44 -21.58 14.11
N SER D 265 12.60 -20.61 14.45
CA SER D 265 11.55 -20.23 13.55
C SER D 265 11.75 -18.80 13.09
N ILE D 266 11.72 -18.58 11.77
CA ILE D 266 11.70 -17.22 11.25
C ILE D 266 10.39 -17.16 10.43
N GLY D 267 9.33 -17.66 11.06
CA GLY D 267 8.04 -17.75 10.40
C GLY D 267 7.06 -16.65 10.69
N LYS D 268 5.78 -16.98 10.57
CA LYS D 268 4.78 -15.95 10.73
C LYS D 268 4.03 -16.04 12.03
N GLU D 269 3.12 -15.11 12.26
CA GLU D 269 2.34 -15.11 13.51
C GLU D 269 0.86 -15.41 13.26
N ALA D 270 0.06 -15.51 14.31
CA ALA D 270 -1.32 -15.95 14.11
C ALA D 270 -2.31 -15.07 13.37
N THR D 271 -2.11 -13.76 13.41
CA THR D 271 -3.14 -12.89 12.85
C THR D 271 -3.38 -13.00 11.35
N THR D 272 -2.34 -13.41 10.63
CA THR D 272 -2.48 -13.53 9.17
C THR D 272 -3.04 -14.90 8.76
N GLY D 273 -3.38 -15.76 9.73
CA GLY D 273 -3.96 -17.06 9.39
C GLY D 273 -3.62 -18.08 10.46
N ASN D 274 -4.59 -18.86 10.93
CA ASN D 274 -4.24 -19.81 11.99
C ASN D 274 -5.01 -21.14 11.86
N ASN D 275 -4.48 -22.02 11.01
CA ASN D 275 -5.09 -23.34 10.82
C ASN D 275 -6.54 -23.25 10.41
N TYR D 276 -6.90 -22.25 9.61
CA TYR D 276 -8.31 -22.15 9.21
C TYR D 276 -8.82 -23.41 8.49
N ARG D 277 -7.99 -24.06 7.67
CA ARG D 277 -8.48 -25.27 7.01
C ARG D 277 -8.86 -26.32 8.04
N SER D 278 -7.99 -26.50 9.03
CA SER D 278 -8.27 -27.53 10.05
C SER D 278 -9.40 -27.20 11.00
N ILE D 279 -9.60 -25.91 11.25
CA ILE D 279 -10.61 -25.46 12.20
C ILE D 279 -11.95 -25.20 11.54
N ARG D 280 -11.93 -24.41 10.46
CA ARG D 280 -13.16 -24.06 9.72
C ARG D 280 -13.61 -25.13 8.73
N LYS D 281 -12.63 -25.83 8.12
CA LYS D 281 -12.87 -26.94 7.20
C LYS D 281 -13.65 -26.62 5.92
N ASP D 282 -13.76 -25.35 5.58
CA ASP D 282 -14.53 -24.96 4.38
C ASP D 282 -13.70 -24.79 3.12
N LYS D 283 -12.40 -24.60 3.28
CA LYS D 283 -11.48 -24.38 2.16
C LYS D 283 -10.18 -25.05 2.54
N PRO D 284 -9.43 -25.51 1.53
CA PRO D 284 -8.15 -26.19 1.82
C PRO D 284 -7.03 -25.24 2.28
N GLY D 285 -6.00 -25.83 2.88
CA GLY D 285 -4.85 -25.06 3.32
C GLY D 285 -4.22 -24.36 2.13
N TYR D 286 -4.28 -24.99 0.96
CA TYR D 286 -3.75 -24.36 -0.27
C TYR D 286 -4.38 -22.95 -0.44
N GLN D 287 -5.70 -22.89 -0.32
CA GLN D 287 -6.41 -21.64 -0.48
C GLN D 287 -6.11 -20.66 0.65
N TYR D 288 -6.02 -21.17 1.88
CA TYR D 288 -5.73 -20.27 3.00
C TYR D 288 -4.28 -19.79 3.01
N GLN D 289 -3.37 -20.57 2.43
CA GLN D 289 -1.97 -20.12 2.38
C GLN D 289 -1.83 -18.95 1.42
N LEU D 290 -2.44 -19.01 0.25
CA LEU D 290 -2.23 -17.87 -0.67
C LEU D 290 -2.92 -16.61 -0.11
N GLU D 291 -3.99 -16.81 0.65
CA GLU D 291 -4.63 -15.66 1.28
C GLU D 291 -3.72 -15.05 2.38
N ALA D 292 -3.03 -15.91 3.13
CA ALA D 292 -2.14 -15.43 4.22
C ALA D 292 -1.08 -14.49 3.66
N VAL D 293 -0.61 -14.76 2.44
CA VAL D 293 0.37 -13.87 1.80
C VAL D 293 -0.19 -12.46 1.68
N PHE D 294 -1.42 -12.32 1.17
CA PHE D 294 -2.02 -10.98 1.04
C PHE D 294 -2.33 -10.39 2.40
N ASN D 295 -2.78 -11.21 3.35
CA ASN D 295 -3.05 -10.70 4.69
C ASN D 295 -1.76 -10.09 5.27
N ALA D 296 -0.64 -10.77 5.08
CA ALA D 296 0.65 -10.30 5.62
C ALA D 296 1.09 -8.99 4.93
N LYS D 297 0.86 -8.90 3.62
CA LYS D 297 1.25 -7.69 2.89
C LYS D 297 0.48 -6.51 3.49
N ARG D 298 -0.80 -6.72 3.82
CA ARG D 298 -1.58 -5.63 4.42
C ARG D 298 -1.10 -5.24 5.80
N ASN D 299 -0.44 -6.20 6.47
CA ASN D 299 0.09 -6.01 7.80
C ASN D 299 1.58 -5.51 7.68
N GLY D 300 1.97 -5.04 6.51
CA GLY D 300 3.32 -4.50 6.36
C GLY D 300 4.48 -5.44 6.05
N TRP D 301 4.17 -6.66 5.66
CA TRP D 301 5.20 -7.63 5.32
C TRP D 301 6.01 -7.06 4.15
N SER D 302 7.25 -6.69 4.43
CA SER D 302 8.11 -6.04 3.44
C SER D 302 9.51 -6.00 3.97
N LYS D 303 10.47 -5.69 3.09
CA LYS D 303 11.86 -5.61 3.53
C LYS D 303 12.02 -4.58 4.67
N GLU D 304 11.24 -3.51 4.64
CA GLU D 304 11.37 -2.50 5.70
C GLU D 304 11.00 -2.96 7.12
N LYS D 305 10.17 -4.00 7.23
CA LYS D 305 9.66 -4.40 8.53
C LYS D 305 9.95 -5.82 8.99
N ILE D 306 10.11 -6.71 8.01
CA ILE D 306 10.22 -8.12 8.37
C ILE D 306 11.40 -8.83 7.71
N GLY D 307 12.06 -9.71 8.47
CA GLY D 307 13.14 -10.51 7.89
C GLY D 307 14.55 -9.99 8.04
N SER D 308 15.40 -10.24 7.03
CA SER D 308 16.80 -9.84 7.07
C SER D 308 17.47 -10.36 8.35
N HIS D 309 17.14 -11.59 8.72
CA HIS D 309 17.77 -12.23 9.90
C HIS D 309 19.01 -13.00 9.46
N ILE D 310 19.93 -13.26 10.40
CA ILE D 310 21.11 -14.02 10.06
C ILE D 310 21.15 -15.19 11.02
N ILE D 311 21.24 -16.42 10.52
CA ILE D 311 21.34 -17.61 11.38
C ILE D 311 22.67 -18.22 10.97
N ARG D 312 23.69 -18.16 11.84
CA ARG D 312 25.01 -18.66 11.43
C ARG D 312 25.79 -19.34 12.56
N ASN D 313 26.64 -20.29 12.16
CA ASN D 313 27.54 -20.96 13.10
C ASN D 313 26.81 -21.66 14.25
N ASN D 314 25.62 -22.17 13.99
CA ASN D 314 24.91 -22.91 15.04
C ASN D 314 24.98 -24.40 14.71
N THR D 315 24.72 -25.25 15.71
CA THR D 315 24.61 -26.70 15.53
C THR D 315 23.20 -26.98 16.05
N ILE D 316 22.35 -27.59 15.22
CA ILE D 316 20.93 -27.81 15.57
C ILE D 316 20.59 -29.24 15.28
N TYR D 317 20.03 -29.96 16.24
CA TYR D 317 19.77 -31.37 15.98
C TYR D 317 18.69 -31.94 16.90
N ASP D 318 18.27 -33.15 16.58
CA ASP D 318 17.26 -33.86 17.34
C ASP D 318 15.97 -33.06 17.53
N CYS D 319 15.36 -32.62 16.42
CA CYS D 319 14.09 -31.89 16.45
C CYS D 319 13.13 -32.71 15.64
N GLY D 320 11.84 -32.67 15.99
CA GLY D 320 10.86 -33.46 15.27
C GLY D 320 10.26 -32.92 13.98
N GLN D 321 10.33 -31.61 13.75
CA GLN D 321 9.78 -31.04 12.52
C GLN D 321 10.88 -30.39 11.69
N ASN D 322 11.62 -29.44 12.29
CA ASN D 322 12.70 -28.75 11.55
C ASN D 322 13.77 -28.18 12.48
N ALA D 323 14.95 -27.94 11.92
CA ALA D 323 15.99 -27.21 12.64
C ALA D 323 15.64 -25.72 12.42
N ILE D 324 15.22 -25.38 11.20
CA ILE D 324 14.85 -23.98 10.86
C ILE D 324 13.55 -24.05 10.07
N VAL D 325 12.59 -23.20 10.43
CA VAL D 325 11.30 -23.19 9.74
C VAL D 325 10.83 -21.75 9.54
N GLY D 326 9.92 -21.56 8.58
CA GLY D 326 9.32 -20.25 8.49
C GLY D 326 8.68 -19.88 7.17
N HIS D 327 7.45 -19.36 7.25
CA HIS D 327 6.73 -18.83 6.09
C HIS D 327 6.71 -17.31 6.28
N LEU D 328 7.07 -16.56 5.24
CA LEU D 328 7.06 -15.07 5.23
C LEU D 328 8.09 -14.34 6.08
N GLY D 329 8.22 -14.74 7.34
CA GLY D 329 9.11 -14.05 8.27
C GLY D 329 10.59 -14.14 8.01
N GLY D 330 10.99 -14.94 7.01
CA GLY D 330 12.41 -15.13 6.75
C GLY D 330 12.91 -14.40 5.50
N VAL D 331 12.04 -13.62 4.84
CA VAL D 331 12.52 -12.94 3.63
C VAL D 331 13.84 -12.18 3.85
N PHE D 332 14.70 -12.25 2.84
CA PHE D 332 15.98 -11.56 2.78
C PHE D 332 16.98 -12.05 3.83
N SER D 333 16.71 -13.18 4.47
CA SER D 333 17.62 -13.68 5.50
C SER D 333 18.83 -14.43 4.94
N GLU D 334 19.80 -14.75 5.82
CA GLU D 334 21.03 -15.45 5.43
C GLU D 334 21.20 -16.56 6.44
N ILE D 335 21.44 -17.77 5.94
CA ILE D 335 21.58 -18.96 6.79
C ILE D 335 22.87 -19.64 6.34
N TYR D 336 23.90 -19.56 7.18
CA TYR D 336 25.19 -20.11 6.80
C TYR D 336 26.07 -20.67 7.90
N ASN D 337 26.92 -21.62 7.51
CA ASN D 337 27.86 -22.26 8.42
C ASN D 337 27.18 -22.93 9.60
N ASN D 338 26.00 -23.49 9.35
CA ASN D 338 25.28 -24.22 10.41
C ASN D 338 25.47 -25.72 10.17
N HIS D 339 25.41 -26.48 11.26
CA HIS D 339 25.53 -27.95 11.17
C HIS D 339 24.19 -28.42 11.67
N ILE D 340 23.41 -29.06 10.78
CA ILE D 340 22.05 -29.51 11.08
C ILE D 340 21.97 -31.00 10.86
N TYR D 341 21.49 -31.74 11.86
CA TYR D 341 21.41 -33.18 11.66
C TYR D 341 20.36 -33.82 12.55
N ASN D 342 20.03 -35.08 12.28
CA ASN D 342 19.04 -35.81 13.10
C ASN D 342 17.72 -35.06 13.23
N ILE D 343 17.16 -34.65 12.09
CA ILE D 343 15.90 -33.96 12.12
C ILE D 343 14.79 -34.88 11.63
N ALA D 344 13.83 -35.12 12.52
CA ALA D 344 12.63 -35.91 12.29
C ALA D 344 12.87 -37.40 12.06
N LEU D 345 13.92 -37.92 12.71
CA LEU D 345 14.24 -39.32 12.56
C LEU D 345 13.34 -40.23 13.40
N LYS D 346 12.85 -39.76 14.56
CA LYS D 346 12.00 -40.64 15.37
C LYS D 346 10.70 -41.00 14.68
N ARG D 347 10.22 -40.08 13.83
CA ARG D 347 8.98 -40.29 13.10
C ARG D 347 7.80 -40.61 14.00
N GLU D 348 7.69 -39.87 15.10
CA GLU D 348 6.55 -40.08 15.97
C GLU D 348 5.32 -39.53 15.28
N PHE D 349 5.53 -38.56 14.40
CA PHE D 349 4.42 -37.96 13.67
C PHE D 349 5.00 -37.51 12.34
N TYR D 350 4.13 -37.31 11.37
CA TYR D 350 4.61 -36.95 10.04
C TYR D 350 3.57 -36.08 9.30
N GLY D 351 4.08 -35.18 8.46
CA GLY D 351 3.19 -34.33 7.69
C GLY D 351 4.05 -33.55 6.73
N HIS D 352 3.41 -32.70 5.93
CA HIS D 352 4.13 -31.98 4.88
C HIS D 352 4.82 -30.68 5.31
N GLU D 353 5.44 -30.71 6.48
CA GLU D 353 6.16 -29.51 6.97
C GLU D 353 7.54 -29.92 7.51
N ILE D 354 7.91 -31.18 7.32
CA ILE D 354 9.18 -31.70 7.85
C ILE D 354 10.38 -31.58 6.94
N ALA D 355 11.48 -31.05 7.47
CA ALA D 355 12.76 -30.91 6.76
C ALA D 355 13.79 -30.25 7.68
N GLY D 356 15.08 -30.50 7.44
CA GLY D 356 16.12 -29.84 8.23
C GLY D 356 15.90 -28.35 8.20
N ILE D 357 15.78 -27.80 6.99
CA ILE D 357 15.45 -26.39 6.84
C ILE D 357 14.22 -26.33 5.94
N LYS D 358 13.16 -25.66 6.37
CA LYS D 358 12.02 -25.50 5.49
C LYS D 358 11.61 -24.02 5.51
N LEU D 359 11.50 -23.42 4.34
CA LEU D 359 11.10 -22.01 4.25
C LEU D 359 10.07 -21.83 3.15
N HIS D 360 8.97 -21.14 3.47
CA HIS D 360 7.95 -20.78 2.48
C HIS D 360 8.18 -19.28 2.20
N ALA D 361 8.19 -18.90 0.92
CA ALA D 361 8.47 -17.50 0.54
C ALA D 361 9.86 -17.05 1.01
N ALA D 362 10.89 -17.86 0.68
CA ALA D 362 12.27 -17.55 1.04
C ALA D 362 12.83 -16.53 0.03
N ILE D 363 12.18 -15.38 -0.10
CA ILE D 363 12.61 -14.40 -1.10
C ILE D 363 14.01 -13.86 -0.84
N ASP D 364 14.88 -13.96 -1.85
CA ASP D 364 16.26 -13.51 -1.77
C ASP D 364 17.03 -14.12 -0.58
N VAL D 365 16.55 -15.23 -0.04
CA VAL D 365 17.26 -15.86 1.08
C VAL D 365 18.55 -16.55 0.61
N GLN D 366 19.63 -16.39 1.38
CA GLN D 366 20.90 -17.01 1.01
C GLN D 366 21.15 -18.17 1.97
N ILE D 367 21.30 -19.40 1.45
CA ILE D 367 21.52 -20.58 2.31
C ILE D 367 22.82 -21.13 1.81
N HIS D 368 23.88 -21.00 2.61
CA HIS D 368 25.17 -21.43 2.13
C HIS D 368 26.12 -21.94 3.18
N HIS D 369 27.07 -22.78 2.73
CA HIS D 369 28.08 -23.33 3.62
C HIS D 369 27.49 -24.06 4.83
N ASN D 370 26.38 -24.76 4.66
CA ASN D 370 25.80 -25.53 5.77
C ASN D 370 26.11 -27.02 5.55
N ARG D 371 26.13 -27.78 6.66
CA ARG D 371 26.37 -29.22 6.63
C ARG D 371 25.03 -29.80 7.12
N ILE D 372 24.33 -30.54 6.27
CA ILE D 372 22.99 -31.05 6.59
C ILE D 372 22.95 -32.53 6.31
N HIS D 373 22.80 -33.32 7.36
CA HIS D 373 22.83 -34.77 7.17
C HIS D 373 21.92 -35.50 8.16
N ASP D 374 21.65 -36.77 7.89
CA ASP D 374 20.77 -37.54 8.74
C ASP D 374 19.43 -36.87 9.01
N CYS D 375 18.80 -36.42 7.93
CA CYS D 375 17.46 -35.82 8.00
C CYS D 375 16.58 -36.61 7.03
N SER D 376 15.26 -36.62 7.25
CA SER D 376 14.41 -37.32 6.29
C SER D 376 14.33 -36.44 5.03
N LEU D 377 14.50 -35.12 5.18
CA LEU D 377 14.56 -34.24 3.99
C LEU D 377 15.48 -33.10 4.43
N GLY D 378 16.53 -32.82 3.66
CA GLY D 378 17.47 -31.79 4.10
C GLY D 378 16.95 -30.37 4.04
N LEU D 379 16.45 -29.97 2.86
CA LEU D 379 16.01 -28.60 2.62
C LEU D 379 14.71 -28.61 1.81
N TRP D 380 13.73 -27.82 2.26
CA TRP D 380 12.46 -27.72 1.51
C TRP D 380 12.14 -26.23 1.32
N LEU D 381 12.12 -25.77 0.07
CA LEU D 381 11.78 -24.37 -0.28
C LEU D 381 10.38 -24.58 -0.89
N ASP D 382 9.37 -23.94 -0.28
CA ASP D 382 7.99 -24.24 -0.64
C ASP D 382 7.22 -22.94 -0.85
N TRP D 383 6.89 -22.68 -2.12
CA TRP D 383 6.27 -21.42 -2.60
C TRP D 383 7.25 -20.26 -2.57
N GLU D 384 7.17 -19.43 -3.60
CA GLU D 384 7.91 -18.19 -3.60
C GLU D 384 9.41 -18.22 -3.30
N ALA D 385 10.07 -19.23 -3.84
CA ALA D 385 11.53 -19.31 -3.72
C ALA D 385 11.98 -18.41 -4.88
N GLN D 386 11.92 -17.10 -4.66
CA GLN D 386 12.29 -16.15 -5.71
C GLN D 386 13.54 -15.43 -5.27
N GLY D 387 14.62 -15.62 -6.03
CA GLY D 387 15.87 -15.01 -5.64
C GLY D 387 16.63 -15.87 -4.64
N THR D 388 16.05 -16.98 -4.21
CA THR D 388 16.70 -17.84 -3.21
C THR D 388 17.99 -18.42 -3.81
N ARG D 389 19.05 -18.51 -3.01
CA ARG D 389 20.30 -19.07 -3.51
C ARG D 389 20.78 -20.10 -2.52
N VAL D 390 20.93 -21.34 -2.97
CA VAL D 390 21.39 -22.47 -2.13
C VAL D 390 22.78 -22.75 -2.68
N SER D 391 23.81 -22.37 -1.93
CA SER D 391 25.17 -22.42 -2.46
C SER D 391 26.21 -23.03 -1.54
N LYS D 392 27.05 -23.91 -2.10
CA LYS D 392 28.15 -24.45 -1.32
C LYS D 392 27.78 -25.17 -0.06
N ASN D 393 26.69 -25.95 -0.10
CA ASN D 393 26.24 -26.70 1.08
C ASN D 393 26.65 -28.17 0.91
N LEU D 394 26.74 -28.88 2.05
CA LEU D 394 27.13 -30.29 2.06
C LEU D 394 25.94 -31.09 2.57
N PHE D 395 25.29 -31.85 1.68
CA PHE D 395 24.13 -32.69 2.02
C PHE D 395 24.55 -34.15 1.87
N TYR D 396 24.36 -34.98 2.89
CA TYR D 396 24.68 -36.42 2.73
C TYR D 396 23.87 -37.18 3.78
N ASN D 397 23.75 -38.48 3.57
CA ASN D 397 23.01 -39.35 4.47
C ASN D 397 21.61 -38.85 4.81
N ASN D 398 20.92 -38.29 3.84
CA ASN D 398 19.53 -37.86 4.06
C ASN D 398 18.65 -38.79 3.24
N ASN D 399 17.37 -38.92 3.61
CA ASN D 399 16.52 -39.76 2.78
C ASN D 399 16.31 -39.00 1.47
N ARG D 400 16.29 -37.67 1.55
CA ARG D 400 16.19 -36.80 0.35
C ARG D 400 16.98 -35.56 0.68
N ASP D 401 17.69 -34.98 -0.28
CA ASP D 401 18.41 -33.75 0.03
C ASP D 401 17.59 -32.45 -0.08
N VAL D 402 17.10 -32.15 -1.29
CA VAL D 402 16.43 -30.87 -1.56
C VAL D 402 15.08 -31.01 -2.26
N PHE D 403 14.14 -30.15 -1.89
CA PHE D 403 12.80 -30.18 -2.50
C PHE D 403 12.45 -28.71 -2.77
N VAL D 404 12.21 -28.34 -4.02
CA VAL D 404 11.77 -26.95 -4.34
C VAL D 404 10.37 -27.14 -4.93
N GLU D 405 9.38 -26.66 -4.19
CA GLU D 405 7.99 -26.92 -4.55
C GLU D 405 7.22 -25.65 -4.93
N VAL D 406 6.39 -25.78 -5.97
CA VAL D 406 5.53 -24.72 -6.50
C VAL D 406 6.12 -23.34 -6.52
N SER D 407 7.34 -23.24 -7.01
CA SER D 407 8.03 -21.96 -7.13
C SER D 407 8.32 -21.71 -8.61
N HIS D 408 8.58 -20.44 -8.93
CA HIS D 408 8.81 -19.98 -10.31
C HIS D 408 10.18 -19.38 -10.51
N GLY D 409 10.94 -19.30 -9.41
CA GLY D 409 12.28 -18.73 -9.48
C GLY D 409 12.27 -17.22 -9.77
N PRO D 410 13.41 -16.64 -10.23
CA PRO D 410 14.66 -17.38 -10.47
C PRO D 410 15.28 -17.83 -9.15
N TYR D 411 15.57 -19.12 -9.02
CA TYR D 411 16.21 -19.62 -7.81
C TYR D 411 17.47 -20.34 -8.27
N LEU D 412 18.49 -20.33 -7.42
CA LEU D 412 19.79 -20.84 -7.82
C LEU D 412 20.31 -21.84 -6.81
N VAL D 413 20.83 -22.95 -7.34
CA VAL D 413 21.38 -24.02 -6.54
C VAL D 413 22.77 -24.21 -7.17
N ASP D 414 23.80 -23.70 -6.52
CA ASP D 414 25.13 -23.80 -7.09
C ASP D 414 26.22 -24.31 -6.16
N HIS D 415 27.16 -25.03 -6.77
CA HIS D 415 28.35 -25.52 -6.04
C HIS D 415 28.05 -26.32 -4.79
N ASN D 416 26.94 -27.05 -4.80
CA ASN D 416 26.60 -27.90 -3.64
C ASN D 416 27.02 -29.34 -3.86
N ILE D 417 27.08 -30.06 -2.75
CA ILE D 417 27.30 -31.49 -2.81
C ILE D 417 25.95 -32.08 -2.36
N LEU D 418 25.21 -32.67 -3.32
CA LEU D 418 23.90 -33.30 -3.03
C LEU D 418 24.20 -34.79 -3.23
N SER D 419 24.64 -35.45 -2.16
CA SER D 419 25.11 -36.82 -2.26
C SER D 419 24.17 -37.94 -1.85
N SER D 420 22.96 -37.59 -1.43
CA SER D 420 22.01 -38.63 -1.02
C SER D 420 21.40 -39.32 -2.24
N GLU D 421 20.88 -40.52 -2.04
CA GLU D 421 20.31 -41.31 -3.13
C GLU D 421 19.11 -40.72 -3.84
N TYR D 422 18.39 -39.86 -3.14
CA TYR D 422 17.24 -39.17 -3.73
C TYR D 422 17.67 -37.73 -3.50
N ALA D 423 18.15 -37.08 -4.56
CA ALA D 423 18.72 -35.75 -4.38
C ALA D 423 17.78 -34.57 -4.50
N ILE D 424 16.88 -34.62 -5.46
CA ILE D 424 16.02 -33.49 -5.70
C ILE D 424 14.57 -33.80 -6.01
N ASP D 425 13.65 -33.10 -5.32
CA ASP D 425 12.25 -33.16 -5.67
C ASP D 425 12.08 -31.78 -6.33
N ASN D 426 11.73 -31.75 -7.61
CA ASN D 426 11.60 -30.49 -8.37
C ASN D 426 10.16 -30.36 -8.85
N MET D 427 9.34 -29.62 -8.11
CA MET D 427 7.95 -29.41 -8.50
C MET D 427 7.81 -27.91 -8.75
N SER D 428 8.79 -27.36 -9.46
CA SER D 428 8.87 -25.93 -9.72
C SER D 428 9.35 -25.69 -11.15
N GLN D 429 9.55 -24.41 -11.46
CA GLN D 429 10.11 -24.00 -12.72
C GLN D 429 10.99 -22.77 -12.39
N GLY D 430 11.89 -22.39 -13.32
CA GLY D 430 12.72 -21.22 -13.07
C GLY D 430 13.99 -21.45 -12.27
N GLY D 431 14.47 -22.70 -12.24
CA GLY D 431 15.67 -22.95 -11.47
C GLY D 431 16.96 -22.97 -12.28
N ALA D 432 18.09 -22.75 -11.60
CA ALA D 432 19.38 -22.84 -12.23
C ALA D 432 20.22 -23.68 -11.29
N TYR D 433 20.71 -24.83 -11.79
CA TYR D 433 21.52 -25.80 -11.02
C TYR D 433 22.87 -25.70 -11.69
N ILE D 434 23.81 -25.11 -10.97
CA ILE D 434 25.13 -24.80 -11.55
C ILE D 434 26.29 -25.36 -10.75
N ASN D 435 27.14 -26.15 -11.40
CA ASN D 435 28.37 -26.62 -10.75
C ASN D 435 28.13 -27.44 -9.47
N ASN D 436 27.09 -28.27 -9.45
CA ASN D 436 26.86 -29.12 -8.28
C ASN D 436 27.38 -30.53 -8.54
N LEU D 437 27.50 -31.31 -7.46
CA LEU D 437 27.79 -32.73 -7.57
C LEU D 437 26.44 -33.30 -7.14
N ILE D 438 25.77 -34.07 -8.00
CA ILE D 438 24.42 -34.59 -7.69
C ILE D 438 24.51 -36.11 -7.84
N ALA D 439 24.37 -36.82 -6.72
CA ALA D 439 24.53 -38.29 -6.75
C ALA D 439 23.28 -39.06 -6.43
N GLY D 440 22.14 -38.46 -6.74
CA GLY D 440 20.87 -39.10 -6.46
C GLY D 440 19.83 -38.71 -7.50
N LYS D 441 18.68 -39.36 -7.42
CA LYS D 441 17.68 -39.10 -8.41
C LYS D 441 16.97 -37.79 -8.24
N MET D 442 16.35 -37.36 -9.33
CA MET D 442 15.51 -36.17 -9.33
C MET D 442 14.11 -36.61 -9.74
N ASN D 443 13.11 -36.20 -8.96
CA ASN D 443 11.70 -36.46 -9.27
C ASN D 443 11.20 -35.05 -9.69
N GLN D 444 10.91 -34.86 -10.97
CA GLN D 444 10.46 -33.58 -11.52
C GLN D 444 9.02 -33.73 -11.99
N ARG D 445 8.14 -32.85 -11.51
CA ARG D 445 6.73 -32.95 -11.87
C ARG D 445 6.08 -31.59 -12.00
N LYS D 446 5.14 -31.49 -12.92
CA LYS D 446 4.36 -30.24 -13.07
C LYS D 446 3.37 -30.18 -11.91
N VAL D 447 2.81 -28.98 -11.69
CA VAL D 447 1.77 -28.80 -10.65
C VAL D 447 0.75 -27.93 -11.35
N LEU D 448 -0.28 -28.56 -11.89
CA LEU D 448 -1.22 -27.76 -12.66
C LEU D 448 -2.49 -27.39 -11.93
N ASN D 449 -2.63 -27.80 -10.67
CA ASN D 449 -3.84 -27.46 -9.93
C ASN D 449 -3.57 -26.57 -8.72
N ARG D 450 -2.35 -26.02 -8.63
CA ARG D 450 -2.04 -25.07 -7.55
C ARG D 450 -1.28 -23.92 -8.18
N SER D 451 -1.87 -22.72 -8.12
CA SER D 451 -1.21 -21.53 -8.64
C SER D 451 -0.62 -20.82 -7.42
N THR D 452 0.60 -20.29 -7.53
CA THR D 452 1.23 -19.60 -6.37
C THR D 452 1.87 -18.29 -6.81
N GLN D 453 2.02 -17.35 -5.86
CA GLN D 453 2.53 -16.02 -6.19
C GLN D 453 3.95 -15.90 -6.68
N TYR D 454 4.19 -14.85 -7.48
CA TYR D 454 5.56 -14.47 -7.78
C TYR D 454 5.56 -12.96 -7.53
N HIS D 455 6.76 -12.38 -7.50
CA HIS D 455 6.93 -11.03 -7.01
C HIS D 455 7.73 -10.11 -7.90
N LEU D 456 7.71 -8.81 -7.57
CA LEU D 456 8.64 -7.90 -8.27
C LEU D 456 10.01 -8.33 -7.66
N PRO D 457 11.11 -8.14 -8.40
CA PRO D 457 12.44 -8.52 -7.90
C PRO D 457 12.82 -7.83 -6.59
N HIS D 458 13.44 -8.59 -5.68
CA HIS D 458 13.96 -8.04 -4.43
C HIS D 458 12.92 -7.33 -3.61
N SER D 459 11.72 -7.89 -3.59
CA SER D 459 10.61 -7.24 -2.92
C SER D 459 9.55 -8.24 -2.52
N THR D 460 8.72 -7.87 -1.56
CA THR D 460 7.58 -8.73 -1.23
C THR D 460 6.36 -8.33 -2.09
N GLU D 461 6.46 -7.21 -2.83
CA GLU D 461 5.32 -6.84 -3.70
C GLU D 461 4.94 -8.01 -4.62
N VAL D 462 3.64 -8.27 -4.74
CA VAL D 462 3.17 -9.37 -5.58
C VAL D 462 3.03 -8.90 -7.03
N ALA D 463 3.58 -9.69 -7.94
CA ALA D 463 3.51 -9.36 -9.37
C ALA D 463 2.46 -10.20 -10.11
N GLY D 464 2.19 -11.39 -9.59
CA GLY D 464 1.24 -12.27 -10.25
C GLY D 464 1.24 -13.61 -9.52
N PHE D 465 0.68 -14.64 -10.18
CA PHE D 465 0.69 -15.99 -9.61
C PHE D 465 0.65 -16.91 -10.81
N ALA D 466 1.15 -18.11 -10.65
CA ALA D 466 1.16 -19.06 -11.76
C ALA D 466 1.18 -20.51 -11.26
N PHE D 467 0.74 -21.40 -12.14
CA PHE D 467 0.84 -22.85 -11.96
C PHE D 467 2.25 -23.18 -12.41
N VAL D 468 2.66 -24.42 -12.13
CA VAL D 468 3.97 -24.90 -12.54
C VAL D 468 3.82 -25.80 -13.78
N TYR D 469 4.24 -25.28 -14.91
CA TYR D 469 4.14 -26.01 -16.18
C TYR D 469 5.31 -26.97 -16.38
N GLY D 470 6.34 -26.82 -15.54
CA GLY D 470 7.49 -27.70 -15.63
C GLY D 470 8.55 -27.19 -16.60
N GLY D 471 9.81 -27.47 -16.32
CA GLY D 471 10.84 -26.97 -17.24
C GLY D 471 11.25 -25.55 -16.89
N ASP D 472 11.77 -24.82 -17.86
CA ASP D 472 12.33 -23.50 -17.63
C ASP D 472 13.37 -23.62 -16.52
N ASP D 473 14.21 -24.65 -16.66
CA ASP D 473 15.32 -24.90 -15.75
C ASP D 473 16.65 -24.87 -16.51
N ARG D 474 17.71 -24.51 -15.79
CA ARG D 474 19.07 -24.48 -16.34
C ARG D 474 19.90 -25.45 -15.58
N PHE D 475 20.73 -26.22 -16.29
CA PHE D 475 21.66 -27.17 -15.64
C PHE D 475 22.98 -27.01 -16.38
N TYR D 476 23.99 -26.48 -15.69
CA TYR D 476 25.32 -26.30 -16.31
C TYR D 476 26.39 -26.77 -15.35
N ASN D 477 27.42 -27.41 -15.90
CA ASN D 477 28.61 -27.83 -15.15
C ASN D 477 28.39 -28.76 -13.96
N ASN D 478 27.34 -29.58 -13.99
CA ASN D 478 27.12 -30.48 -12.85
C ASN D 478 27.71 -31.84 -13.14
N ILE D 479 28.08 -32.54 -12.08
CA ILE D 479 28.55 -33.90 -12.21
C ILE D 479 27.41 -34.74 -11.65
N PHE D 480 26.79 -35.59 -12.48
CA PHE D 480 25.70 -36.46 -12.03
C PHE D 480 26.28 -37.87 -11.88
N ILE D 481 25.90 -38.53 -10.79
CA ILE D 481 26.40 -39.89 -10.54
C ILE D 481 25.21 -40.77 -10.17
N GLY D 482 24.92 -41.75 -11.03
CA GLY D 482 23.83 -42.67 -10.75
C GLY D 482 24.29 -43.80 -9.84
N LYS D 483 23.48 -44.84 -9.75
CA LYS D 483 23.82 -45.99 -8.92
C LYS D 483 22.91 -47.14 -9.38
N GLU D 484 23.40 -48.37 -9.34
CA GLU D 484 22.55 -49.47 -9.73
C GLU D 484 21.33 -49.50 -8.78
N GLY D 485 20.15 -49.63 -9.35
CA GLY D 485 18.95 -49.69 -8.52
C GLY D 485 18.37 -48.31 -8.27
N LEU D 486 18.93 -47.32 -8.96
CA LEU D 486 18.49 -45.93 -8.83
C LEU D 486 18.06 -45.38 -10.17
N GLU D 487 16.84 -44.91 -10.27
CA GLU D 487 16.37 -44.37 -11.54
C GLU D 487 16.31 -42.85 -11.57
N ASN D 488 16.24 -42.31 -12.78
CA ASN D 488 16.04 -40.88 -12.97
C ASN D 488 17.08 -39.95 -12.37
N VAL D 489 18.34 -40.33 -12.51
CA VAL D 489 19.46 -39.48 -12.09
C VAL D 489 19.89 -38.80 -13.39
N GLY D 490 20.05 -37.47 -13.37
CA GLY D 490 20.47 -36.74 -14.55
C GLY D 490 19.50 -35.65 -15.00
N THR D 491 19.38 -35.52 -16.32
CA THR D 491 18.52 -34.48 -16.90
C THR D 491 17.66 -35.01 -18.06
N SER D 492 17.53 -36.33 -18.19
CA SER D 492 16.70 -36.93 -19.24
C SER D 492 15.23 -36.59 -19.00
N HIS D 493 14.92 -36.12 -17.81
CA HIS D 493 13.56 -35.72 -17.42
C HIS D 493 12.95 -34.72 -18.42
N TYR D 494 13.82 -33.91 -19.00
CA TYR D 494 13.41 -32.82 -19.87
C TYR D 494 13.42 -33.12 -21.36
N ASN D 495 13.52 -34.39 -21.73
CA ASN D 495 13.60 -34.74 -23.15
C ASN D 495 12.58 -34.09 -24.08
N ASN D 496 11.37 -33.86 -23.62
CA ASN D 496 10.38 -33.25 -24.54
C ASN D 496 10.36 -31.72 -24.54
N CYS D 497 11.29 -31.11 -23.79
CA CYS D 497 11.31 -29.66 -23.69
C CYS D 497 11.93 -28.96 -24.88
N THR D 498 11.62 -27.67 -25.04
CA THR D 498 12.25 -26.86 -26.09
C THR D 498 13.66 -26.51 -25.56
N THR D 499 14.54 -25.94 -26.39
CA THR D 499 15.91 -25.65 -25.95
C THR D 499 16.28 -24.18 -25.86
N SER D 500 15.31 -23.29 -26.05
CA SER D 500 15.57 -21.86 -25.94
C SER D 500 14.25 -21.15 -25.86
N LEU D 501 14.25 -19.96 -25.31
CA LEU D 501 13.02 -19.23 -25.25
C LEU D 501 12.58 -18.88 -26.69
N GLU D 502 13.55 -18.65 -27.57
CA GLU D 502 13.20 -18.33 -28.96
C GLU D 502 12.43 -19.48 -29.60
N GLU D 503 12.88 -20.73 -29.37
CA GLU D 503 12.20 -21.89 -29.94
C GLU D 503 10.80 -22.01 -29.36
N TYR D 504 10.70 -21.83 -28.03
CA TYR D 504 9.39 -21.88 -27.38
C TYR D 504 8.44 -20.84 -28.00
N ILE D 505 8.91 -19.61 -28.13
CA ILE D 505 8.03 -18.57 -28.67
C ILE D 505 7.61 -18.88 -30.12
N GLU D 506 8.54 -19.40 -30.90
CA GLU D 506 8.23 -19.72 -32.29
C GLU D 506 7.17 -20.80 -32.37
N LYS D 507 7.33 -21.87 -31.60
CA LYS D 507 6.34 -22.97 -31.62
C LYS D 507 4.96 -22.53 -31.10
N VAL D 508 4.94 -21.78 -30.01
CA VAL D 508 3.66 -21.35 -29.47
C VAL D 508 2.95 -20.45 -30.47
N ASN D 509 3.73 -19.65 -31.18
CA ASN D 509 3.08 -18.73 -32.05
C ASN D 509 2.77 -19.21 -33.47
N GLU D 510 2.87 -20.50 -33.65
CA GLU D 510 2.58 -21.14 -34.92
C GLU D 510 1.13 -20.96 -35.34
N VAL D 511 0.26 -21.03 -34.39
CA VAL D 511 -1.18 -20.98 -34.58
C VAL D 511 -1.77 -19.87 -33.66
N PRO D 512 -2.59 -19.00 -34.15
CA PRO D 512 -3.08 -17.95 -33.28
C PRO D 512 -3.87 -18.48 -32.09
N GLY D 513 -3.90 -17.71 -31.00
CA GLY D 513 -4.59 -18.20 -29.81
C GLY D 513 -3.99 -17.57 -28.55
N ASP D 514 -4.40 -18.06 -27.39
CA ASP D 514 -3.86 -17.53 -26.18
C ASP D 514 -3.35 -18.66 -25.30
N LEU D 515 -3.85 -18.72 -24.08
CA LEU D 515 -3.37 -19.72 -23.11
C LEU D 515 -3.22 -21.14 -23.65
N GLY D 516 -4.24 -21.61 -24.36
CA GLY D 516 -4.21 -22.96 -24.90
C GLY D 516 -3.00 -23.23 -25.78
N GLU D 517 -2.62 -22.24 -26.57
CA GLU D 517 -1.46 -22.43 -27.45
C GLU D 517 -0.15 -22.45 -26.64
N PHE D 518 -0.10 -21.72 -25.54
CA PHE D 518 1.10 -21.76 -24.70
C PHE D 518 1.18 -23.09 -23.95
N GLU D 519 0.04 -23.57 -23.45
CA GLU D 519 0.03 -24.82 -22.70
C GLU D 519 0.43 -26.02 -23.55
N ARG D 520 0.22 -25.94 -24.86
CA ARG D 520 0.57 -27.12 -25.67
C ARG D 520 2.06 -27.26 -25.97
N VAL D 521 2.87 -26.27 -25.61
CA VAL D 521 4.30 -26.34 -25.90
C VAL D 521 5.07 -26.45 -24.58
N GLU D 522 6.05 -27.34 -24.52
CA GLU D 522 6.88 -27.50 -23.31
C GLU D 522 7.85 -26.32 -23.15
N GLN D 523 8.02 -25.88 -21.90
CA GLN D 523 8.93 -24.77 -21.64
C GLN D 523 10.36 -25.18 -22.01
N PRO D 524 11.20 -24.19 -22.24
CA PRO D 524 12.60 -24.42 -22.61
C PRO D 524 13.46 -24.85 -21.44
N VAL D 525 14.57 -25.53 -21.73
CA VAL D 525 15.55 -25.85 -20.70
C VAL D 525 16.87 -25.48 -21.30
N TYR D 526 17.81 -25.15 -20.42
CA TYR D 526 19.14 -24.63 -20.80
C TYR D 526 20.13 -25.54 -20.13
N ILE D 527 20.57 -26.57 -20.88
CA ILE D 527 21.42 -27.62 -20.31
C ILE D 527 22.68 -27.87 -21.11
N ASN D 528 23.83 -27.74 -20.47
CA ASN D 528 25.09 -27.98 -21.15
C ASN D 528 26.25 -28.19 -20.19
N LYS D 529 27.29 -28.85 -20.70
CA LYS D 529 28.53 -29.10 -19.97
C LYS D 529 28.34 -29.87 -18.66
N ASN D 530 27.48 -30.88 -18.66
CA ASN D 530 27.31 -31.72 -17.48
C ASN D 530 27.97 -33.05 -17.77
N ALA D 531 28.31 -33.78 -16.70
CA ALA D 531 28.89 -35.11 -16.84
C ALA D 531 27.90 -36.07 -16.18
N TYR D 532 27.84 -37.29 -16.71
CA TYR D 532 26.92 -38.32 -16.27
C TYR D 532 27.64 -39.62 -16.13
N PHE D 533 27.81 -40.06 -14.89
CA PHE D 533 28.51 -41.30 -14.61
C PHE D 533 27.62 -42.34 -13.91
N ASN D 534 28.03 -43.59 -14.02
CA ASN D 534 27.38 -44.67 -13.27
C ASN D 534 25.89 -44.82 -13.46
N GLY D 535 25.39 -44.56 -14.67
CA GLY D 535 23.96 -44.75 -14.89
C GLY D 535 23.12 -43.48 -15.00
N ALA D 536 23.71 -42.32 -14.68
CA ALA D 536 22.99 -41.06 -14.81
C ALA D 536 22.75 -40.87 -16.32
N GLU D 537 21.63 -40.24 -16.66
CA GLU D 537 21.26 -40.04 -18.06
C GLU D 537 21.04 -38.60 -18.42
N PRO D 538 21.53 -38.19 -19.58
CA PRO D 538 21.36 -36.80 -20.01
C PRO D 538 20.15 -36.48 -20.84
N PHE D 539 19.81 -35.20 -20.82
CA PHE D 539 18.79 -34.61 -21.66
C PHE D 539 19.28 -34.98 -23.09
N GLU D 540 18.41 -35.51 -23.95
CA GLU D 540 18.83 -35.97 -25.28
C GLU D 540 19.35 -34.91 -26.22
N LYS D 541 18.98 -33.65 -25.98
CA LYS D 541 19.43 -32.56 -26.82
C LYS D 541 20.57 -31.74 -26.26
N GLU D 542 21.22 -32.22 -25.20
CA GLU D 542 22.34 -31.48 -24.66
C GLU D 542 23.49 -31.53 -25.67
N LYS D 543 24.09 -30.38 -25.97
CA LYS D 543 25.14 -30.33 -26.98
C LYS D 543 26.51 -30.85 -26.60
N ASP D 544 26.99 -30.40 -25.45
CA ASP D 544 28.33 -30.75 -25.02
C ASP D 544 28.28 -31.36 -23.64
N ASN D 545 28.50 -32.66 -23.57
CA ASN D 545 28.50 -33.30 -22.26
C ASN D 545 29.46 -34.50 -22.23
N LEU D 546 29.60 -35.11 -21.06
CA LEU D 546 30.46 -36.29 -20.90
C LEU D 546 29.58 -37.37 -20.32
N VAL D 547 29.40 -38.47 -21.06
CA VAL D 547 28.55 -39.54 -20.56
C VAL D 547 29.41 -40.81 -20.52
N LYS D 548 29.55 -41.39 -19.33
CA LYS D 548 30.33 -42.61 -19.16
C LYS D 548 29.56 -43.46 -18.18
N LYS D 549 28.56 -44.17 -18.69
CA LYS D 549 27.68 -44.97 -17.87
C LYS D 549 28.31 -46.11 -17.15
N ASP D 550 29.40 -46.63 -17.70
CA ASP D 550 30.03 -47.77 -17.06
C ASP D 550 31.13 -47.39 -16.09
N PHE D 551 31.32 -46.08 -15.89
CA PHE D 551 32.33 -45.62 -14.95
C PHE D 551 31.68 -45.36 -13.58
N ASP D 552 32.23 -45.98 -12.54
CA ASP D 552 31.72 -45.81 -11.18
C ASP D 552 32.71 -44.97 -10.37
N PRO D 553 32.34 -43.73 -10.02
CA PRO D 553 33.22 -42.83 -9.25
C PRO D 553 33.52 -43.30 -7.82
N LYS D 554 32.77 -44.29 -7.33
CA LYS D 554 32.96 -44.80 -5.96
C LYS D 554 32.91 -43.65 -4.96
N LEU D 555 31.92 -42.78 -5.15
CA LEU D 555 31.75 -41.63 -4.29
C LEU D 555 31.51 -42.04 -2.84
N ALA D 556 32.17 -41.37 -1.91
CA ALA D 556 31.91 -41.61 -0.48
C ALA D 556 32.11 -40.31 0.28
N ILE D 557 31.24 -40.07 1.26
CA ILE D 557 31.35 -38.93 2.15
C ILE D 557 31.76 -39.61 3.46
N ILE D 558 32.94 -39.26 3.97
CA ILE D 558 33.49 -39.87 5.17
C ILE D 558 33.33 -38.85 6.32
N ASP D 559 32.38 -39.11 7.21
CA ASP D 559 32.11 -38.19 8.32
C ASP D 559 32.94 -38.67 9.51
N GLU D 560 33.94 -37.88 9.90
CA GLU D 560 34.79 -38.23 11.04
C GLU D 560 34.46 -37.40 12.29
N GLY D 561 33.25 -36.84 12.32
CA GLY D 561 32.86 -36.07 13.48
C GLY D 561 32.96 -34.59 13.16
N ASP D 562 34.02 -33.94 13.62
CA ASP D 562 34.19 -32.51 13.33
C ASP D 562 34.63 -32.27 11.90
N GLU D 563 35.27 -33.26 11.28
CA GLU D 563 35.71 -33.10 9.89
C GLU D 563 34.99 -34.06 8.97
N VAL D 564 34.81 -33.65 7.72
CA VAL D 564 34.15 -34.49 6.73
C VAL D 564 35.00 -34.47 5.46
N TYR D 565 35.13 -35.63 4.83
CA TYR D 565 35.93 -35.76 3.61
C TYR D 565 35.11 -36.31 2.46
N LEU D 566 35.51 -35.90 1.25
CA LEU D 566 34.88 -36.41 0.03
C LEU D 566 35.92 -37.25 -0.71
N SER D 567 35.55 -38.49 -1.03
CA SER D 567 36.42 -39.40 -1.77
C SER D 567 35.72 -39.67 -3.11
N LEU D 568 36.43 -39.49 -4.22
CA LEU D 568 35.79 -39.66 -5.52
C LEU D 568 36.81 -40.01 -6.60
N GLN D 569 36.48 -40.94 -7.50
CA GLN D 569 37.40 -41.24 -8.61
C GLN D 569 36.78 -40.58 -9.86
N LEU D 570 37.60 -39.98 -10.72
CA LEU D 570 37.07 -39.38 -11.96
C LEU D 570 37.85 -39.98 -13.16
N PRO D 571 37.18 -40.19 -14.29
CA PRO D 571 37.83 -40.77 -15.48
C PRO D 571 38.77 -39.79 -16.19
N ASP D 572 39.67 -40.31 -17.04
CA ASP D 572 40.58 -39.42 -17.78
C ASP D 572 39.82 -38.39 -18.61
N GLU D 573 38.65 -38.78 -19.09
CA GLU D 573 37.82 -37.89 -19.93
C GLU D 573 37.34 -36.65 -19.19
N PHE D 574 37.38 -36.70 -17.87
CA PHE D 574 36.95 -35.54 -17.08
C PHE D 574 37.79 -34.31 -17.42
N GLU D 575 39.02 -34.54 -17.80
CA GLU D 575 39.89 -33.44 -18.14
C GLU D 575 39.43 -32.72 -19.40
N ASN D 576 38.69 -33.40 -20.27
CA ASN D 576 38.29 -32.83 -21.54
C ASN D 576 36.98 -32.05 -21.55
N ILE D 577 36.27 -32.01 -20.43
CA ILE D 577 35.06 -31.22 -20.39
C ILE D 577 35.42 -30.05 -19.46
N VAL D 578 35.16 -28.85 -19.96
CA VAL D 578 35.51 -27.63 -19.27
C VAL D 578 34.27 -26.79 -19.00
N GLY D 579 34.18 -26.24 -17.80
CA GLY D 579 33.02 -25.44 -17.48
C GLY D 579 33.27 -23.95 -17.63
N ASP D 580 32.20 -23.23 -17.94
CA ASP D 580 32.24 -21.77 -18.10
C ASP D 580 31.82 -21.16 -16.79
N ILE D 581 32.25 -19.92 -16.55
CA ILE D 581 31.81 -19.19 -15.35
C ILE D 581 30.43 -18.61 -15.67
N HIS D 582 29.40 -19.03 -14.93
CA HIS D 582 28.08 -18.52 -15.20
C HIS D 582 27.85 -17.23 -14.42
N SER D 583 26.87 -16.47 -14.86
CA SER D 583 26.63 -15.16 -14.28
C SER D 583 25.27 -14.69 -14.75
N THR D 584 24.86 -13.53 -14.27
CA THR D 584 23.60 -12.93 -14.72
C THR D 584 23.58 -12.86 -16.25
N LYS D 585 24.73 -12.58 -16.84
CA LYS D 585 24.81 -12.49 -18.30
C LYS D 585 24.60 -13.82 -19.01
N THR D 586 25.09 -14.91 -18.44
CA THR D 586 24.98 -16.20 -19.13
C THR D 586 23.70 -16.97 -18.87
N LEU D 587 22.97 -16.62 -17.82
CA LEU D 587 21.77 -17.37 -17.46
C LEU D 587 20.50 -16.71 -18.01
N GLU D 588 19.78 -17.42 -18.87
CA GLU D 588 18.58 -16.85 -19.48
C GLU D 588 17.53 -16.57 -18.43
N ARG D 589 16.85 -15.45 -18.56
CA ARG D 589 15.79 -15.08 -17.61
C ARG D 589 14.71 -16.15 -17.55
N VAL D 590 14.03 -16.23 -16.42
CA VAL D 590 12.94 -17.17 -16.33
C VAL D 590 11.75 -16.57 -17.10
N ARG D 591 10.92 -17.44 -17.65
CA ARG D 591 9.86 -16.96 -18.50
C ARG D 591 8.70 -16.26 -17.79
N ILE D 592 8.01 -16.97 -16.92
CA ILE D 592 6.86 -16.34 -16.29
C ILE D 592 7.22 -15.16 -15.41
N VAL D 593 8.21 -15.32 -14.52
CA VAL D 593 8.52 -14.20 -13.65
C VAL D 593 9.24 -13.07 -14.42
N ASP D 594 9.88 -13.42 -15.52
CA ASP D 594 10.56 -12.45 -16.39
C ASP D 594 11.61 -11.68 -15.61
N ALA D 595 12.46 -12.43 -14.92
CA ALA D 595 13.48 -11.83 -14.06
C ALA D 595 14.80 -12.58 -14.25
N GLU D 596 15.88 -11.87 -13.95
CA GLU D 596 17.21 -12.38 -14.10
C GLU D 596 17.72 -12.97 -12.79
N TYR D 597 18.82 -13.72 -12.89
CA TYR D 597 19.50 -14.26 -11.70
C TYR D 597 20.56 -13.22 -11.30
N GLU D 598 20.35 -12.55 -10.17
CA GLU D 598 21.33 -11.56 -9.74
C GLU D 598 21.49 -11.58 -8.24
N SER D 599 22.29 -10.64 -7.72
CA SER D 599 22.49 -10.57 -6.26
C SER D 599 21.31 -9.85 -5.60
N PRO D 600 21.10 -10.04 -4.29
CA PRO D 600 19.97 -9.37 -3.60
C PRO D 600 20.02 -7.85 -3.72
N ASP D 601 21.21 -7.29 -3.92
CA ASP D 601 21.32 -5.84 -4.05
C ASP D 601 21.05 -5.38 -5.48
N GLY D 602 20.65 -6.31 -6.35
CA GLY D 602 20.34 -5.95 -7.72
C GLY D 602 21.53 -5.92 -8.67
N LYS D 603 22.73 -6.16 -8.17
CA LYS D 603 23.90 -6.14 -9.03
C LYS D 603 24.15 -7.50 -9.67
N GLU D 604 24.92 -7.50 -10.74
CA GLU D 604 25.24 -8.73 -11.46
C GLU D 604 25.90 -9.76 -10.55
N LEU D 605 25.52 -11.03 -10.72
CA LEU D 605 26.08 -12.11 -9.94
C LEU D 605 27.04 -12.89 -10.80
N VAL D 606 28.21 -13.24 -10.29
CA VAL D 606 29.19 -14.00 -11.06
C VAL D 606 29.55 -15.21 -10.21
N LEU D 607 29.36 -16.40 -10.76
CA LEU D 607 29.58 -17.64 -10.01
C LEU D 607 30.98 -18.15 -10.26
N ASP D 608 31.96 -17.37 -9.80
CA ASP D 608 33.36 -17.70 -10.01
C ASP D 608 34.10 -18.17 -8.76
N THR D 609 33.36 -18.57 -7.72
CA THR D 609 34.04 -19.12 -6.56
C THR D 609 33.41 -20.47 -6.27
N ASP D 610 34.26 -21.45 -5.96
CA ASP D 610 33.74 -22.80 -5.75
C ASP D 610 33.34 -23.13 -4.32
N TYR D 611 33.02 -24.40 -4.08
CA TYR D 611 32.58 -24.87 -2.77
C TYR D 611 33.61 -24.55 -1.69
N LEU D 612 34.89 -24.58 -2.06
CA LEU D 612 35.97 -24.29 -1.12
C LEU D 612 36.36 -22.80 -1.09
N ASP D 613 35.51 -21.99 -1.73
CA ASP D 613 35.69 -20.54 -1.86
C ASP D 613 36.92 -20.18 -2.68
N ALA D 614 37.35 -21.07 -3.55
CA ALA D 614 38.50 -20.76 -4.40
C ALA D 614 37.99 -20.01 -5.61
N LYS D 615 38.70 -18.96 -6.03
CA LYS D 615 38.30 -18.23 -7.21
C LYS D 615 38.71 -19.09 -8.39
N LYS D 616 37.86 -19.23 -9.39
CA LYS D 616 38.27 -20.02 -10.52
C LYS D 616 38.31 -19.24 -11.80
N PRO D 617 39.18 -19.67 -12.70
CA PRO D 617 39.36 -19.04 -14.02
C PRO D 617 38.27 -19.42 -15.00
N GLU D 618 38.34 -18.81 -16.16
CA GLU D 618 37.41 -19.04 -17.22
C GLU D 618 37.25 -20.51 -17.59
N ASN D 619 38.36 -21.27 -17.58
CA ASN D 619 38.24 -22.68 -17.95
C ASN D 619 38.58 -23.43 -16.69
N SER D 620 37.62 -24.20 -16.18
CA SER D 620 37.87 -24.90 -14.95
C SER D 620 37.11 -26.21 -14.97
N SER D 621 37.45 -27.10 -14.06
CA SER D 621 36.75 -28.38 -13.94
C SER D 621 35.27 -28.12 -13.68
N ILE D 622 34.41 -28.99 -14.17
CA ILE D 622 32.99 -28.84 -13.83
C ILE D 622 32.83 -29.42 -12.42
N GLY D 623 31.63 -29.31 -11.85
CA GLY D 623 31.48 -29.82 -10.51
C GLY D 623 31.65 -28.70 -9.51
N PRO D 624 31.47 -29.01 -8.24
CA PRO D 624 31.57 -27.98 -7.19
C PRO D 624 32.91 -27.52 -6.69
N ILE D 625 33.96 -28.29 -7.01
CA ILE D 625 35.29 -28.02 -6.48
C ILE D 625 36.31 -28.00 -7.61
N ALA D 626 36.96 -26.86 -7.80
CA ALA D 626 37.92 -26.69 -8.90
C ALA D 626 39.09 -27.68 -8.85
N LEU D 627 39.44 -28.09 -7.63
CA LEU D 627 40.54 -29.02 -7.41
C LEU D 627 40.26 -30.44 -7.89
N LEU D 628 39.00 -30.83 -8.11
CA LEU D 628 38.74 -32.19 -8.59
C LEU D 628 39.34 -32.38 -9.97
N LYS D 629 39.90 -33.57 -10.20
CA LYS D 629 40.54 -33.86 -11.47
C LYS D 629 40.52 -35.37 -11.74
N LYS D 630 40.92 -35.75 -12.95
CA LYS D 630 40.97 -37.19 -13.26
C LYS D 630 41.77 -37.94 -12.21
N GLY D 631 41.38 -39.18 -11.96
CA GLY D 631 42.11 -39.97 -10.97
C GLY D 631 41.43 -39.99 -9.62
N ASN D 632 42.24 -40.19 -8.59
CA ASN D 632 41.76 -40.26 -7.22
C ASN D 632 41.63 -38.87 -6.63
N ASN D 633 40.58 -38.63 -5.86
CA ASN D 633 40.39 -37.33 -5.23
C ASN D 633 39.98 -37.58 -3.79
N TYR D 634 40.64 -36.91 -2.84
CA TYR D 634 40.28 -37.06 -1.41
C TYR D 634 40.39 -35.64 -0.86
N ILE D 635 39.24 -35.01 -0.63
CA ILE D 635 39.21 -33.59 -0.26
C ILE D 635 38.47 -33.34 1.03
N LYS D 636 39.04 -32.47 1.87
CA LYS D 636 38.34 -32.14 3.12
C LYS D 636 37.21 -31.17 2.73
N VAL D 637 35.97 -31.53 3.05
CA VAL D 637 34.82 -30.65 2.70
C VAL D 637 34.11 -30.01 3.90
N TRP D 638 34.60 -30.33 5.09
CA TRP D 638 34.08 -29.69 6.32
C TRP D 638 35.19 -29.76 7.38
C TRS E . -10.93 -13.45 -21.72
C1 TRS E . -10.38 -12.31 -22.58
C2 TRS E . -10.58 -13.20 -20.25
C3 TRS E . -10.29 -14.76 -22.17
N TRS E . -12.39 -13.53 -21.88
O1 TRS E . -11.01 -11.06 -22.25
O2 TRS E . -11.28 -14.15 -19.44
O3 TRS E . -10.74 -15.09 -23.49
C TRS F . 11.09 25.42 -2.21
C1 TRS F . 10.74 24.11 -1.49
C2 TRS F . 10.44 26.58 -1.44
C3 TRS F . 10.52 25.37 -3.63
N TRS F . 12.55 25.60 -2.25
O1 TRS F . 11.42 24.08 -0.23
O2 TRS F . 10.90 27.83 -1.95
O3 TRS F . 11.14 24.33 -4.39
C TRS G . -2.75 15.71 22.83
C1 TRS G . -1.66 16.75 23.15
C2 TRS G . -2.46 14.42 23.60
C3 TRS G . -2.72 15.42 21.33
N TRS G . -4.06 16.23 23.21
O1 TRS G . -1.72 17.09 24.53
O2 TRS G . -3.50 13.47 23.40
O3 TRS G . -3.14 16.58 20.62
C TRS H . 2.59 -27.69 1.19
C1 TRS H . 2.30 -27.55 2.69
C2 TRS H . 2.60 -26.31 0.55
C3 TRS H . 1.49 -28.53 0.54
N TRS H . 3.90 -28.34 1.02
O1 TRS H . 3.34 -26.81 3.34
O2 TRS H . 2.99 -26.43 -0.81
O3 TRS H . 1.56 -29.88 1.01
#